data_4XGC
#
_entry.id   4XGC
#
_cell.length_a   145.545
_cell.length_b   258.983
_cell.length_c   257.001
_cell.angle_alpha   90.00
_cell.angle_beta   90.00
_cell.angle_gamma   90.00
#
_symmetry.space_group_name_H-M   'I 2 2 2'
#
loop_
_entity.id
_entity.type
_entity.pdbx_description
1 polymer 'Origin recognition complex subunit 2'
2 polymer 'Origin recognition complex subunit 3'
3 polymer 'Origin recognition complex subunit 5'
4 polymer 'Origin recognition complex subunit 1'
5 polymer 'Origin recognition complex subunit 2'
6 polymer 'Origin recognition complex subunit 6'
7 polymer 'Origin recognition complex subunit 4'
8 non-polymer 'POTASSIUM ION'
9 non-polymer 'CHLORIDE ION'
#
loop_
_entity_poly.entity_id
_entity_poly.type
_entity_poly.pdbx_seq_one_letter_code
_entity_poly.pdbx_strand_id
1 'polypeptide(L)'
;MQSARAKKSNEFVPESDGYFHSHASSKILTSDHTLDRLKNPRLAADRVFSLLSEIKTSAEHEGSINAIMEEYRSYFPKWM
CILNEGFNILLYGLGSKHQLLQSFHREVLHKQTVLVVNGFFPSLTIKDMLDSITSDILDAGISPANPHEAVDMIEEEFAL
IPETHLFLIVHNLDGAMLRNVKAQAILSRLARIPNIHLLASIDHINTPLLWDQGKLCSFNFSWWDCTTMLPYTNETAFEN
SLLVQNSGELALSSMRSVFSSLTTNSRGIYMLIVKYQLKNKGNATYQGMPFRDLYSSCREAFLVSSDLALRAQLTEFLDH
KLVKSKRSVDGSEQLTIPIDGALLQQFLEEQEKK
;
B
2 'polypeptide(L)'
;MQPFYEEYRKAWNQINDHIADLQHRSYARTLEQLVDFVVGQAERDTPDEVLPTAALLTGINQPDHLSQFTALTQRLHAQR
AAMVCVLQSRDCATLKAAVETLVFGLVEDNAEVEQMEDEDEDEDGAERDRKRLRRSQCTMKQLKSWYTNNFDSEQKRRQL
VVILPDFECFNASVLQDLILILSAHCGSLPFVLVLGVATAMTAVHGTLPYHVSSKIRLRVFQTQAAPTGLNEVLDKVLLS
PKYAFHLSGKTFKFLTHIFLYYDFSIHGFIQGFKYCLMEHFFGGNAFALCTDYSKALGRIKQLTHEDMETIRRLPSFRPY
VEQINDCKRIIAVLTDDDYLKKKLPQLLRDCLLHFLLFRCSLEFLTELVGDLPRCPLGKLRRELYVNCLNRAIISTPEYK
ECLQMLSFLSKDEFVAKVNRALERTEQFLVEEIAPLELGEACTAVLRPKLEAIRLAVDEVVKATMATITTTSPNETRQAT
DHLTPVASRQELKDQLLQRSKEDKMRHQLNTPTTQFGRALQKTLQLIETQIVQDHLRALQDAPPIHELFVFSDIATVRRN
IIGAPRAALHTALNNPHFYMQCKCCELQDQSLLVGTLPDLSVVYKLHLECGRMINLFDWLQAFRSVVSDSDHEEVAQEQI
DPQIQARFTRAVAELQFLGYIKMSKRKTDHATRLTW
;
C
3 'polypeptide(L)'
;MEAICSSLEPLFPCREAAIETLGELIGDSSETYPSAIYLFGHSGTGKTALTRAFLKECGKRQNVRTAHLNAIECYTTKIM
LEILLDSLAPDQGDALKVDNMLDFVEQLRRQAATRVEDQGFLIAVDNAERLRDMDANVLPVLLRLQELTNLNLCVILLSQ
LPFEKFYNKTGLSEIVCLHLAQYNKAETQRILGSDFQQVRNQLLEQFAQDKKRLEICQEAVTEDFYNNYLNLFLSVFYKA
CRDVPELQLTARKCLSTYLEPVLDGTVDATDISRLWRHIAGPLRSALTQIYMRIEKPAEEVEDFTAIEDQSVRKLAQSLE
LPYYAKFLLIAAFLASHNAAKQDKRLFVKHHGKQRKRMQTVNARAKTTEKMSTTLGPKSFSIDRLLAIFYAILEEKVGLT
CNLLSQISTLVHLNLLSFVSGEQNIMEGSARLQCTIGLEFVLQIGKVVGFNVRQYLCDFM
;
E
4 'polypeptide(L)'
;MSPSMQQRTDLPAKDSSKSELQLAREQLHVSVVPKSLPCREREFENIYAFLEGKIQDQCGGCMYVSGVPGTGKTATVTGV
IRTLQRMAKQNELPAFEYLEINGMRLTEPRQAYVQIYKQLTGKTVSWEQAHALLEKRFTTPAPRRVTTVLLVDELDILCN
RRQDVVYNLLDWPTKSAAKLVVVTIANTMDLPERLLMGKVTSRLGLTRLTFQPYSHKQLQEIVTARLGGSETFKGEAVQL
VARKVAAVSGDARRALDICRRATEIADTAAVKCVTMLHVQQALAEMIASAKVQAIRNCSRMEQIFLQAIAAEVTRTGVEE
TTFMGVYQQVETIAAFMGVTFPPPGRALRLCSKLGAERLIISEHSRNDLFQKILLNVSADDIHYALRVEEMVN
;
A
5 'polypeptide(L)'
;(UNK)(UNK)(UNK)(UNK)(UNK)(UNK)(UNK)(UNK)(UNK)(UNK)(UNK)(UNK)(UNK)(UNK)(UNK)(UNK)
(UNK)(UNK)(UNK)(UNK)(UNK)(UNK)(UNK)(UNK)(UNK)(UNK)(UNK)(UNK)(UNK)(UNK)(UNK)(UNK)
(UNK)(UNK)(UNK)(UNK)(UNK)(UNK)(UNK)(UNK)(UNK)
;
G
6 'polypeptide(L)' MKESKVPSSTDMEGKLKENQNENIKGHEAKKAHKPPPEDYEIWKARMLAKAQAKLKELEASQSHMDSQLLEA F
7 'polypeptide(L)'
;MPEADRELVSIRRFLKERLQRDYTTLRGYAKERSNVRLLLQRTAEMGESNSLLLLGPRGSGKTTLINSVLADLLPNKSFG
ENTLIVHLDGNLHTDDRVALKSITVQMQLENAADGKVFGSFAENLAFLLQCLKAGGKHSKSVIFILEEFDLFCAHHNQTL
LYNLFDVSQSAQAPICVLGVTCRLDVIELLEKRVKSRFSHRQVFLFPSLRRFEDYVDLCRDLLSLPTGNSLLLAAEKIYN
LQNIQSGALYFSRNHFDPGEYGFSPRLRDAWNKQICKVLATQQARSTLQALHDFDISEAYLKNFLFRLVAHLRPQSPHIT
AEKMAAVGSQFEGDDKIELLCGLSVLELCLIIAIKHHSQIYDRDSFNFEIIYARFSKFAKVSTTMQAVERSIVLKAFEHL
RIAELIMPLTGGAGGGVGKVQKEFEMHKLALTYSQIHHCMQRYQALPTEVAQWAQSSLI
;
D
#
# COMPACT_ATOMS: atom_id res chain seq x y z
N GLU A 62 51.65 4.22 17.24
CA GLU A 62 51.53 4.15 15.79
C GLU A 62 52.06 2.82 15.27
N GLY A 63 52.93 2.19 16.05
CA GLY A 63 53.49 0.89 15.70
C GLY A 63 52.54 -0.23 16.06
N SER A 64 51.80 -0.03 17.16
CA SER A 64 50.84 -1.04 17.61
C SER A 64 49.78 -1.30 16.57
N ILE A 65 49.15 -0.23 16.09
CA ILE A 65 48.12 -0.33 15.05
C ILE A 65 48.70 -0.99 13.79
N ASN A 66 49.95 -0.66 13.48
CA ASN A 66 50.63 -1.24 12.32
C ASN A 66 50.81 -2.75 12.50
N ALA A 67 51.27 -3.14 13.69
CA ALA A 67 51.43 -4.55 14.01
C ALA A 67 50.08 -5.26 13.92
N ILE A 68 49.04 -4.61 14.46
CA ILE A 68 47.70 -5.16 14.41
C ILE A 68 47.22 -5.26 12.96
N MET A 69 47.62 -4.30 12.13
CA MET A 69 47.31 -4.36 10.71
C MET A 69 48.01 -5.56 10.08
N GLU A 70 49.29 -5.74 10.37
CA GLU A 70 50.04 -6.89 9.87
C GLU A 70 49.41 -8.20 10.34
N GLU A 71 48.89 -8.20 11.57
CA GLU A 71 48.16 -9.35 12.08
C GLU A 71 46.92 -9.60 11.23
N TYR A 72 46.10 -8.56 11.08
CA TYR A 72 44.91 -8.66 10.25
C TYR A 72 45.27 -8.96 8.80
N ARG A 73 46.52 -8.68 8.43
CA ARG A 73 47.03 -9.11 7.12
C ARG A 73 47.37 -10.58 7.18
N SER A 74 47.84 -11.04 8.34
CA SER A 74 48.11 -12.46 8.55
C SER A 74 46.81 -13.25 8.66
N TYR A 75 45.73 -12.57 9.02
CA TYR A 75 44.40 -13.19 9.05
C TYR A 75 43.90 -13.63 7.67
N PHE A 76 44.57 -13.16 6.62
CA PHE A 76 44.06 -13.30 5.25
C PHE A 76 43.84 -14.74 4.76
N PRO A 77 44.92 -15.54 4.68
CA PRO A 77 44.85 -16.84 4.00
C PRO A 77 43.73 -17.76 4.51
N LYS A 78 43.24 -17.52 5.71
CA LYS A 78 42.16 -18.33 6.27
C LYS A 78 40.84 -17.93 5.64
N TRP A 79 40.65 -16.63 5.48
CA TRP A 79 39.40 -16.08 4.96
C TRP A 79 39.07 -16.66 3.58
N MET A 80 40.08 -16.92 2.77
CA MET A 80 39.87 -17.53 1.46
C MET A 80 39.28 -18.92 1.62
N CYS A 81 39.89 -19.72 2.49
CA CYS A 81 39.41 -21.05 2.76
C CYS A 81 37.99 -21.00 3.31
N ILE A 82 37.72 -20.01 4.16
CA ILE A 82 36.37 -19.81 4.69
C ILE A 82 35.40 -19.48 3.56
N LEU A 83 35.80 -18.58 2.67
CA LEU A 83 34.93 -18.12 1.61
C LEU A 83 34.64 -19.25 0.62
N ASN A 84 35.63 -20.11 0.41
CA ASN A 84 35.46 -21.25 -0.49
C ASN A 84 34.31 -22.14 -0.06
N GLU A 85 34.10 -22.25 1.25
CA GLU A 85 33.12 -23.18 1.80
C GLU A 85 31.72 -22.56 1.91
N GLY A 86 31.42 -21.62 1.02
CA GLY A 86 30.10 -21.03 0.96
C GLY A 86 29.79 -20.04 2.06
N PHE A 87 30.83 -19.57 2.75
CA PHE A 87 30.68 -18.57 3.80
C PHE A 87 31.04 -17.20 3.27
N ASN A 88 30.65 -16.17 4.02
CA ASN A 88 31.00 -14.80 3.73
C ASN A 88 31.53 -14.14 4.99
N ILE A 89 32.69 -13.50 4.92
CA ILE A 89 33.30 -12.92 6.12
C ILE A 89 32.81 -11.50 6.36
N LEU A 90 32.76 -11.10 7.62
CA LEU A 90 32.26 -9.78 8.00
C LEU A 90 33.09 -9.16 9.11
N LEU A 91 33.41 -7.89 8.98
CA LEU A 91 34.31 -7.19 9.89
C LEU A 91 33.60 -6.08 10.65
N TYR A 92 33.65 -6.14 11.98
CA TYR A 92 32.99 -5.14 12.82
C TYR A 92 33.99 -4.37 13.66
N GLY A 93 35.02 -3.84 13.02
CA GLY A 93 36.07 -3.14 13.70
C GLY A 93 35.69 -1.73 14.10
N LEU A 94 36.42 -1.18 15.08
CA LEU A 94 36.19 0.18 15.55
C LEU A 94 36.54 1.20 14.47
N GLY A 95 37.79 1.16 14.01
CA GLY A 95 38.26 2.11 13.01
C GLY A 95 37.93 1.67 11.60
N SER A 96 38.47 2.38 10.62
CA SER A 96 38.24 2.07 9.21
C SER A 96 38.96 0.79 8.81
N LYS A 97 38.27 -0.02 8.02
CA LYS A 97 38.81 -1.28 7.51
C LYS A 97 39.03 -1.20 6.02
N HIS A 98 39.14 0.02 5.51
CA HIS A 98 39.31 0.25 4.08
C HIS A 98 40.64 -0.30 3.59
N GLN A 99 41.72 0.14 4.22
CA GLN A 99 43.07 -0.29 3.85
C GLN A 99 43.20 -1.81 3.94
N LEU A 100 42.52 -2.40 4.92
CA LEU A 100 42.57 -3.83 5.13
C LEU A 100 41.96 -4.57 3.95
N LEU A 101 40.74 -4.20 3.58
CA LEU A 101 40.04 -4.83 2.46
C LEU A 101 40.76 -4.56 1.16
N GLN A 102 41.30 -3.35 1.01
CA GLN A 102 42.07 -2.99 -0.18
C GLN A 102 43.33 -3.84 -0.27
N SER A 103 43.99 -4.05 0.88
CA SER A 103 45.16 -4.90 0.93
C SER A 103 44.79 -6.33 0.60
N PHE A 104 43.66 -6.79 1.15
CA PHE A 104 43.15 -8.13 0.86
C PHE A 104 42.88 -8.29 -0.62
N HIS A 105 42.30 -7.25 -1.22
CA HIS A 105 42.05 -7.25 -2.66
C HIS A 105 43.35 -7.18 -3.43
N ARG A 106 44.31 -6.43 -2.90
CA ARG A 106 45.58 -6.20 -3.57
C ARG A 106 46.44 -7.47 -3.60
N GLU A 107 46.48 -8.19 -2.48
CA GLU A 107 47.37 -9.33 -2.32
C GLU A 107 46.69 -10.67 -2.60
N VAL A 108 45.75 -11.03 -1.75
CA VAL A 108 45.13 -12.36 -1.78
C VAL A 108 44.40 -12.63 -3.08
N LEU A 109 43.35 -11.86 -3.35
CA LEU A 109 42.49 -12.09 -4.49
C LEU A 109 43.28 -12.17 -5.79
N HIS A 110 43.80 -11.02 -6.24
CA HIS A 110 44.58 -10.98 -7.47
C HIS A 110 43.70 -11.44 -8.62
N LYS A 111 44.20 -12.38 -9.44
CA LYS A 111 43.44 -13.01 -10.50
C LYS A 111 42.62 -12.02 -11.33
N GLN A 112 41.48 -12.47 -11.85
CA GLN A 112 40.56 -11.60 -12.56
C GLN A 112 39.16 -11.74 -11.97
N THR A 113 38.24 -10.90 -12.42
CA THR A 113 36.86 -10.90 -11.94
C THR A 113 36.80 -10.65 -10.44
N VAL A 114 37.01 -9.39 -10.05
CA VAL A 114 36.90 -8.97 -8.66
C VAL A 114 36.30 -7.58 -8.60
N LEU A 115 35.11 -7.47 -8.02
CA LEU A 115 34.39 -6.20 -7.96
C LEU A 115 34.59 -5.50 -6.61
N VAL A 116 34.37 -4.19 -6.58
CA VAL A 116 34.49 -3.41 -5.36
C VAL A 116 33.28 -2.48 -5.23
N VAL A 117 32.84 -2.26 -4.00
CA VAL A 117 31.67 -1.43 -3.74
C VAL A 117 31.94 -0.48 -2.58
N ASN A 118 31.91 0.82 -2.86
CA ASN A 118 32.16 1.82 -1.85
C ASN A 118 30.85 2.32 -1.25
N GLY A 119 30.49 1.80 -0.09
CA GLY A 119 29.22 2.10 0.52
C GLY A 119 29.07 3.50 1.06
N PHE A 120 30.18 4.20 1.24
CA PHE A 120 30.13 5.54 1.84
C PHE A 120 29.88 6.63 0.78
N PHE A 121 30.09 6.30 -0.50
CA PHE A 121 29.77 7.23 -1.59
C PHE A 121 28.26 7.37 -1.72
N PRO A 122 27.72 8.56 -1.45
CA PRO A 122 26.27 8.62 -1.53
C PRO A 122 25.75 8.75 -2.96
N SER A 123 26.64 9.12 -3.89
CA SER A 123 26.25 9.35 -5.27
C SER A 123 25.84 8.07 -5.96
N LEU A 124 26.22 6.93 -5.40
CA LEU A 124 25.94 5.64 -6.03
C LEU A 124 24.50 5.21 -5.84
N THR A 125 24.11 4.18 -6.58
CA THR A 125 22.84 3.51 -6.39
C THR A 125 23.06 2.02 -6.61
N ILE A 126 22.22 1.20 -5.97
CA ILE A 126 22.34 -0.24 -6.14
C ILE A 126 22.04 -0.61 -7.59
N LYS A 127 21.22 0.20 -8.24
CA LYS A 127 20.84 -0.03 -9.62
C LYS A 127 22.06 0.00 -10.54
N ASP A 128 22.87 1.04 -10.41
CA ASP A 128 24.06 1.17 -11.27
C ASP A 128 25.08 0.11 -10.89
N MET A 129 25.02 -0.39 -9.67
CA MET A 129 25.91 -1.47 -9.24
C MET A 129 25.51 -2.76 -9.95
N LEU A 130 24.22 -3.07 -9.92
CA LEU A 130 23.69 -4.22 -10.65
C LEU A 130 24.01 -4.06 -12.14
N ASP A 131 23.85 -2.84 -12.66
CA ASP A 131 24.22 -2.55 -14.03
C ASP A 131 25.71 -2.81 -14.22
N SER A 132 26.51 -2.39 -13.25
CA SER A 132 27.96 -2.52 -13.33
C SER A 132 28.39 -3.98 -13.38
N ILE A 133 27.82 -4.81 -12.51
CA ILE A 133 28.15 -6.22 -12.49
C ILE A 133 27.56 -6.94 -13.71
N THR A 134 26.38 -6.52 -14.14
CA THR A 134 25.73 -7.16 -15.28
C THR A 134 26.39 -6.76 -16.60
N SER A 135 26.95 -5.56 -16.65
CA SER A 135 27.54 -5.03 -17.89
C SER A 135 28.71 -5.87 -18.39
N ASP A 136 29.84 -5.80 -17.69
CA ASP A 136 31.08 -6.37 -18.19
C ASP A 136 31.28 -7.84 -17.80
N ILE A 137 31.12 -8.14 -16.52
CA ILE A 137 31.39 -9.49 -16.01
C ILE A 137 30.49 -10.54 -16.64
N LEU A 138 29.19 -10.33 -16.56
CA LEU A 138 28.22 -11.25 -17.15
C LEU A 138 28.16 -11.09 -18.67
N ASP A 139 28.48 -9.90 -19.14
CA ASP A 139 28.49 -9.62 -20.57
C ASP A 139 27.11 -9.83 -21.19
N ALA A 140 26.07 -9.66 -20.38
CA ALA A 140 24.69 -9.80 -20.83
C ALA A 140 24.12 -8.46 -21.27
N GLY A 141 24.67 -7.38 -20.73
CA GLY A 141 24.23 -6.04 -21.05
C GLY A 141 23.89 -5.28 -19.79
N ILE A 142 23.04 -4.27 -19.92
CA ILE A 142 22.57 -3.51 -18.76
C ILE A 142 21.50 -4.32 -18.05
N SER A 143 21.50 -4.25 -16.71
CA SER A 143 20.53 -4.99 -15.92
C SER A 143 19.13 -4.42 -16.07
N PRO A 144 18.10 -5.28 -15.98
CA PRO A 144 16.73 -4.80 -16.11
C PRO A 144 16.35 -3.81 -15.01
N ALA A 145 15.22 -3.12 -15.19
CA ALA A 145 14.80 -2.08 -14.27
C ALA A 145 14.66 -2.62 -12.85
N ASN A 146 13.74 -3.55 -12.67
CA ASN A 146 13.53 -4.16 -11.37
C ASN A 146 14.77 -4.93 -10.90
N PRO A 147 15.38 -4.50 -9.78
CA PRO A 147 16.62 -5.16 -9.33
C PRO A 147 16.48 -6.66 -9.15
N HIS A 148 15.35 -7.12 -8.64
CA HIS A 148 15.17 -8.55 -8.37
C HIS A 148 15.15 -9.36 -9.65
N GLU A 149 14.68 -8.76 -10.73
CA GLU A 149 14.73 -9.42 -12.03
C GLU A 149 16.19 -9.56 -12.45
N ALA A 150 16.95 -8.51 -12.23
CA ALA A 150 18.38 -8.54 -12.52
C ALA A 150 19.05 -9.61 -11.67
N VAL A 151 18.64 -9.70 -10.41
CA VAL A 151 19.17 -10.72 -9.52
C VAL A 151 18.80 -12.11 -10.03
N ASP A 152 17.57 -12.26 -10.52
CA ASP A 152 17.16 -13.52 -11.13
C ASP A 152 18.09 -13.87 -12.28
N MET A 153 18.33 -12.90 -13.15
CA MET A 153 19.25 -13.09 -14.28
C MET A 153 20.63 -13.49 -13.78
N ILE A 154 21.15 -12.75 -12.81
CA ILE A 154 22.46 -13.02 -12.25
C ILE A 154 22.50 -14.46 -11.73
N GLU A 155 21.47 -14.86 -10.99
CA GLU A 155 21.40 -16.20 -10.43
C GLU A 155 21.46 -17.22 -11.56
N GLU A 156 20.61 -17.05 -12.57
CA GLU A 156 20.57 -17.98 -13.70
C GLU A 156 21.94 -18.08 -14.39
N GLU A 157 22.53 -16.92 -14.70
CA GLU A 157 23.79 -16.88 -15.45
C GLU A 157 24.96 -17.45 -14.65
N PHE A 158 25.05 -17.10 -13.38
CA PHE A 158 26.11 -17.67 -12.55
C PHE A 158 25.91 -19.16 -12.35
N ALA A 159 24.65 -19.57 -12.16
CA ALA A 159 24.36 -20.99 -12.09
C ALA A 159 24.78 -21.69 -13.38
N LEU A 160 24.56 -21.02 -14.51
CA LEU A 160 24.97 -21.55 -15.82
C LEU A 160 26.49 -21.72 -15.97
N ILE A 161 27.25 -20.78 -15.43
CA ILE A 161 28.72 -20.81 -15.53
C ILE A 161 29.40 -21.10 -14.18
N PRO A 162 29.85 -22.33 -13.94
CA PRO A 162 30.59 -22.59 -12.70
C PRO A 162 32.09 -22.35 -12.82
N GLU A 163 32.80 -22.55 -11.71
CA GLU A 163 34.25 -22.41 -11.63
C GLU A 163 34.73 -21.02 -12.06
N THR A 164 33.85 -20.03 -11.91
CA THR A 164 34.21 -18.64 -12.18
C THR A 164 33.70 -17.76 -11.05
N HIS A 165 34.47 -17.70 -9.97
CA HIS A 165 34.02 -17.03 -8.75
C HIS A 165 34.30 -15.54 -8.79
N LEU A 166 33.31 -14.75 -8.41
CA LEU A 166 33.43 -13.30 -8.38
C LEU A 166 33.47 -12.76 -6.96
N PHE A 167 34.59 -12.16 -6.59
CA PHE A 167 34.76 -11.57 -5.26
C PHE A 167 34.31 -10.10 -5.27
N LEU A 168 33.29 -9.79 -4.46
CA LEU A 168 32.81 -8.42 -4.34
C LEU A 168 33.00 -7.94 -2.89
N ILE A 169 33.50 -6.71 -2.76
CA ILE A 169 33.84 -6.15 -1.46
C ILE A 169 33.03 -4.90 -1.19
N VAL A 170 32.23 -4.93 -0.13
CA VAL A 170 31.37 -3.80 0.24
C VAL A 170 31.94 -3.01 1.39
N HIS A 171 32.65 -1.93 1.09
CA HIS A 171 33.14 -1.05 2.12
C HIS A 171 31.95 -0.37 2.78
N ASN A 172 31.84 -0.49 4.10
CA ASN A 172 30.72 0.06 4.83
C ASN A 172 29.38 -0.38 4.25
N LEU A 173 29.02 -1.62 4.53
CA LEU A 173 27.73 -2.16 4.12
C LEU A 173 26.58 -1.42 4.79
N ASP A 174 26.90 -0.64 5.81
CA ASP A 174 25.90 0.10 6.57
C ASP A 174 25.02 0.99 5.70
N GLY A 175 25.63 1.66 4.74
CA GLY A 175 24.92 2.65 3.95
C GLY A 175 24.80 3.92 4.78
N ALA A 176 24.01 4.89 4.33
CA ALA A 176 23.25 4.82 3.07
C ALA A 176 24.25 4.87 1.91
N MET A 177 23.83 4.54 0.69
CA MET A 177 22.46 4.24 0.31
C MET A 177 21.96 2.88 0.77
N LEU A 178 22.85 2.07 1.34
CA LEU A 178 22.52 0.68 1.64
C LEU A 178 21.72 0.53 2.94
N ARG A 179 21.14 1.63 3.43
CA ARG A 179 20.32 1.58 4.64
C ARG A 179 18.95 0.99 4.34
N ASN A 180 18.52 1.06 3.08
CA ASN A 180 17.21 0.55 2.72
C ASN A 180 17.20 -0.97 2.73
N VAL A 181 16.08 -1.53 3.16
CA VAL A 181 15.93 -2.98 3.32
C VAL A 181 16.00 -3.69 1.96
N LYS A 182 15.52 -3.02 0.92
CA LYS A 182 15.53 -3.60 -0.43
C LYS A 182 16.95 -3.89 -0.90
N ALA A 183 17.87 -2.97 -0.63
CA ALA A 183 19.26 -3.15 -1.02
C ALA A 183 19.86 -4.35 -0.30
N GLN A 184 19.54 -4.47 0.98
CA GLN A 184 20.03 -5.60 1.76
C GLN A 184 19.41 -6.90 1.26
N ALA A 185 18.14 -6.86 0.90
CA ALA A 185 17.48 -8.01 0.31
C ALA A 185 18.22 -8.43 -0.95
N ILE A 186 18.49 -7.47 -1.82
CA ILE A 186 19.23 -7.75 -3.07
C ILE A 186 20.61 -8.33 -2.78
N LEU A 187 21.35 -7.69 -1.87
CA LEU A 187 22.68 -8.17 -1.49
C LEU A 187 22.65 -9.55 -0.85
N SER A 188 21.56 -9.84 -0.13
CA SER A 188 21.39 -11.17 0.44
C SER A 188 21.17 -12.16 -0.69
N ARG A 189 20.20 -11.88 -1.55
CA ARG A 189 19.92 -12.74 -2.69
C ARG A 189 21.20 -13.02 -3.47
N LEU A 190 22.01 -11.99 -3.62
CA LEU A 190 23.29 -12.14 -4.32
C LEU A 190 24.21 -13.05 -3.55
N ALA A 191 24.49 -12.70 -2.29
CA ALA A 191 25.43 -13.46 -1.48
C ALA A 191 24.99 -14.92 -1.30
N ARG A 192 23.69 -15.17 -1.45
CA ARG A 192 23.15 -16.54 -1.38
C ARG A 192 23.71 -17.42 -2.49
N ILE A 193 24.17 -16.79 -3.56
CA ILE A 193 24.76 -17.52 -4.69
C ILE A 193 26.13 -18.06 -4.28
N PRO A 194 26.43 -19.33 -4.62
CA PRO A 194 27.70 -19.92 -4.20
C PRO A 194 28.88 -19.44 -5.03
N ASN A 195 28.64 -19.09 -6.28
CA ASN A 195 29.70 -18.61 -7.17
C ASN A 195 30.40 -17.38 -6.61
N ILE A 196 29.63 -16.35 -6.28
CA ILE A 196 30.20 -15.09 -5.83
C ILE A 196 30.48 -15.14 -4.33
N HIS A 197 31.28 -14.17 -3.85
CA HIS A 197 31.70 -14.13 -2.46
C HIS A 197 31.65 -12.70 -1.94
N LEU A 198 31.21 -12.55 -0.69
CA LEU A 198 30.94 -11.22 -0.13
C LEU A 198 31.88 -10.87 1.01
N LEU A 199 32.60 -9.76 0.84
CA LEU A 199 33.48 -9.22 1.89
C LEU A 199 32.97 -7.86 2.34
N ALA A 200 32.02 -7.85 3.27
CA ALA A 200 31.43 -6.62 3.76
C ALA A 200 32.14 -6.11 5.01
N SER A 201 31.96 -4.83 5.29
CA SER A 201 32.49 -4.21 6.51
C SER A 201 31.39 -3.40 7.20
N ILE A 202 31.36 -3.47 8.53
CA ILE A 202 30.34 -2.82 9.33
C ILE A 202 30.97 -1.78 10.24
N ASP A 203 30.22 -0.71 10.53
CA ASP A 203 30.69 0.33 11.44
C ASP A 203 29.55 0.85 12.31
N HIS A 204 28.38 1.01 11.70
CA HIS A 204 27.25 1.56 12.42
C HIS A 204 26.69 0.55 13.41
N ILE A 205 26.11 1.03 14.49
CA ILE A 205 25.66 0.17 15.58
C ILE A 205 24.45 -0.67 15.20
N ASN A 206 23.36 0.00 14.81
CA ASN A 206 22.10 -0.69 14.51
C ASN A 206 22.03 -1.26 13.10
N THR A 207 23.17 -1.60 12.52
CA THR A 207 23.19 -2.17 11.19
C THR A 207 22.39 -3.46 11.14
N PRO A 208 22.56 -4.34 12.14
CA PRO A 208 21.80 -5.60 12.09
C PRO A 208 20.32 -5.45 12.42
N LEU A 209 19.84 -4.22 12.49
CA LEU A 209 18.42 -3.98 12.76
C LEU A 209 17.58 -4.22 11.51
N LEU A 210 18.19 -4.04 10.34
CA LEU A 210 17.47 -4.12 9.06
C LEU A 210 17.57 -5.51 8.40
N TRP A 211 18.30 -6.42 9.03
CA TRP A 211 18.42 -7.79 8.54
C TRP A 211 17.41 -8.71 9.23
N ASP A 212 16.48 -9.28 8.47
CA ASP A 212 15.56 -10.26 9.04
C ASP A 212 16.24 -11.62 9.02
N GLN A 213 15.46 -12.68 9.10
CA GLN A 213 16.03 -14.02 9.18
C GLN A 213 16.60 -14.47 7.85
N GLY A 214 15.77 -14.46 6.82
CA GLY A 214 16.18 -14.90 5.51
C GLY A 214 17.43 -14.19 5.02
N LYS A 215 17.48 -12.87 5.18
CA LYS A 215 18.62 -12.10 4.73
C LYS A 215 19.85 -12.48 5.51
N LEU A 216 19.69 -12.64 6.81
CA LEU A 216 20.82 -12.97 7.66
C LEU A 216 21.28 -14.39 7.38
N CYS A 217 20.34 -15.25 6.97
CA CYS A 217 20.69 -16.64 6.67
C CYS A 217 21.37 -16.72 5.32
N SER A 218 20.90 -15.92 4.37
CA SER A 218 21.53 -15.85 3.06
C SER A 218 22.94 -15.28 3.20
N PHE A 219 23.06 -14.29 4.09
CA PHE A 219 24.37 -13.76 4.45
C PHE A 219 25.01 -14.75 5.40
N ASN A 220 25.54 -15.84 4.88
CA ASN A 220 26.26 -16.78 5.72
C ASN A 220 27.47 -16.01 6.25
N PHE A 221 27.30 -15.38 7.40
CA PHE A 221 28.28 -14.44 7.91
C PHE A 221 29.26 -15.08 8.88
N SER A 222 30.54 -14.77 8.69
CA SER A 222 31.59 -15.14 9.61
C SER A 222 32.17 -13.86 10.22
N TRP A 223 31.81 -13.58 11.45
CA TRP A 223 32.16 -12.32 12.08
C TRP A 223 33.60 -12.30 12.55
N TRP A 224 34.28 -11.18 12.31
CA TRP A 224 35.66 -11.00 12.75
C TRP A 224 35.86 -9.63 13.38
N ASP A 225 36.60 -9.59 14.48
CA ASP A 225 36.79 -8.37 15.24
C ASP A 225 37.39 -7.27 14.38
N CYS A 226 38.67 -7.41 14.05
CA CYS A 226 39.35 -6.49 13.14
C CYS A 226 39.28 -5.03 13.60
N THR A 227 39.20 -4.81 14.91
CA THR A 227 39.10 -3.46 15.44
C THR A 227 40.37 -2.67 15.22
N THR A 228 40.38 -1.86 14.16
CA THR A 228 41.45 -0.92 13.90
C THR A 228 41.16 0.39 14.61
N MET A 229 42.18 1.21 14.83
CA MET A 229 42.03 2.46 15.56
C MET A 229 42.03 3.70 14.66
N LEU A 230 42.58 3.56 13.45
CA LEU A 230 42.72 4.69 12.55
C LEU A 230 41.35 5.18 12.05
N PRO A 231 41.28 6.45 11.61
CA PRO A 231 40.03 7.02 11.08
C PRO A 231 39.67 6.39 9.73
N TYR A 232 38.48 6.53 9.12
CA TYR A 232 37.39 7.50 9.40
C TYR A 232 37.81 8.90 9.00
N THR A 233 38.33 9.01 7.78
CA THR A 233 38.55 10.27 7.12
C THR A 233 37.55 10.39 5.97
N ASN A 234 37.67 9.47 5.02
CA ASN A 234 36.78 9.40 3.88
C ASN A 234 35.33 9.20 4.30
N GLU A 235 35.13 8.37 5.32
CA GLU A 235 33.79 8.07 5.82
C GLU A 235 33.20 9.29 6.52
N THR A 236 34.00 9.91 7.38
CA THR A 236 33.53 11.02 8.20
C THR A 236 33.47 12.31 7.41
N ALA A 237 34.23 12.39 6.33
CA ALA A 237 34.25 13.58 5.48
C ALA A 237 32.85 13.94 4.97
N PHE A 238 32.03 12.93 4.73
CA PHE A 238 30.69 13.14 4.19
C PHE A 238 29.65 13.36 5.29
N GLU A 239 29.94 12.84 6.49
CA GLU A 239 29.05 13.03 7.63
C GLU A 239 29.04 14.50 8.06
N ASN A 240 28.10 15.27 7.53
CA ASN A 240 28.00 16.69 7.84
C ASN A 240 27.41 16.93 9.24
N SER A 241 27.94 17.93 9.92
CA SER A 241 27.52 18.25 11.29
C SER A 241 27.25 19.75 11.44
N LEU A 242 26.76 20.14 12.59
CA LEU A 242 26.48 21.55 12.88
C LEU A 242 27.76 22.31 13.19
N LEU A 243 28.81 21.59 13.55
CA LEU A 243 30.07 22.20 13.92
C LEU A 243 30.81 22.75 12.69
N VAL A 244 30.30 22.46 11.51
CA VAL A 244 30.88 22.97 10.27
C VAL A 244 29.78 23.38 9.30
N LEU A 250 24.59 21.38 -3.49
CA LEU A 250 23.83 20.96 -2.32
C LEU A 250 24.07 19.48 -2.02
N ALA A 251 23.87 19.11 -0.76
CA ALA A 251 24.10 17.73 -0.31
C ALA A 251 22.92 16.83 -0.63
N LEU A 252 23.20 15.73 -1.33
CA LEU A 252 22.16 14.82 -1.82
C LEU A 252 21.56 13.95 -0.72
N SER A 253 22.42 13.33 0.10
CA SER A 253 21.96 12.43 1.15
C SER A 253 21.13 13.11 2.21
N SER A 254 21.56 14.31 2.59
CA SER A 254 20.93 15.07 3.65
C SER A 254 19.47 15.39 3.32
N MET A 255 19.23 15.67 2.04
CA MET A 255 17.94 16.20 1.58
C MET A 255 16.78 15.24 1.86
N ARG A 256 16.97 13.96 1.59
CA ARG A 256 15.92 12.98 1.82
C ARG A 256 15.50 12.91 3.28
N SER A 257 16.45 13.05 4.19
CA SER A 257 16.15 13.10 5.61
C SER A 257 15.45 14.41 5.95
N VAL A 258 16.01 15.52 5.47
CA VAL A 258 15.38 16.82 5.65
C VAL A 258 13.96 16.79 5.06
N PHE A 259 13.79 16.02 4.00
CA PHE A 259 12.49 15.88 3.35
C PHE A 259 11.58 14.97 4.16
N SER A 260 12.19 13.95 4.77
CA SER A 260 11.47 13.02 5.61
C SER A 260 10.98 13.69 6.89
N SER A 261 11.76 14.65 7.40
CA SER A 261 11.40 15.36 8.61
C SER A 261 10.20 16.30 8.42
N LEU A 262 9.94 16.68 7.17
CA LEU A 262 8.84 17.60 6.86
C LEU A 262 7.47 16.98 7.12
N THR A 263 6.43 17.79 7.04
CA THR A 263 5.06 17.33 7.17
C THR A 263 4.54 16.82 5.84
N THR A 264 3.35 16.23 5.84
CA THR A 264 2.77 15.66 4.63
C THR A 264 2.63 16.70 3.53
N ASN A 265 1.92 17.77 3.82
CA ASN A 265 1.65 18.80 2.82
C ASN A 265 2.93 19.37 2.24
N SER A 266 3.88 19.69 3.10
CA SER A 266 5.16 20.24 2.67
C SER A 266 5.83 19.28 1.69
N ARG A 267 5.86 18.01 2.06
CA ARG A 267 6.41 16.98 1.18
C ARG A 267 5.66 16.98 -0.14
N GLY A 268 4.33 17.05 -0.08
CA GLY A 268 3.50 17.10 -1.26
C GLY A 268 3.88 18.26 -2.18
N ILE A 269 4.02 19.45 -1.60
CA ILE A 269 4.47 20.61 -2.35
C ILE A 269 5.83 20.35 -2.99
N TYR A 270 6.75 19.81 -2.19
CA TYR A 270 8.08 19.51 -2.70
C TYR A 270 7.99 18.51 -3.86
N MET A 271 7.09 17.56 -3.75
CA MET A 271 6.89 16.58 -4.83
C MET A 271 6.35 17.27 -6.07
N LEU A 272 5.43 18.21 -5.89
CA LEU A 272 4.92 18.98 -7.01
C LEU A 272 6.05 19.72 -7.73
N ILE A 273 6.83 20.47 -6.97
CA ILE A 273 7.89 21.27 -7.58
C ILE A 273 8.97 20.39 -8.21
N VAL A 274 9.37 19.31 -7.53
CA VAL A 274 10.40 18.44 -8.09
C VAL A 274 9.87 17.73 -9.33
N LYS A 275 8.60 17.35 -9.32
CA LYS A 275 7.98 16.75 -10.50
C LYS A 275 8.00 17.74 -11.67
N TYR A 276 7.52 18.96 -11.44
CA TYR A 276 7.54 19.99 -12.47
C TYR A 276 8.95 20.21 -13.00
N GLN A 277 9.91 20.21 -12.08
CA GLN A 277 11.31 20.35 -12.47
C GLN A 277 11.76 19.20 -13.36
N LEU A 278 11.40 17.98 -12.97
CA LEU A 278 11.74 16.80 -13.77
C LEU A 278 11.12 16.87 -15.16
N LYS A 279 9.84 17.22 -15.23
CA LYS A 279 9.13 17.27 -16.51
C LYS A 279 9.78 18.25 -17.49
N ASN A 280 10.51 19.23 -16.96
CA ASN A 280 11.16 20.25 -17.78
C ASN A 280 12.64 20.40 -17.44
N LYS A 281 13.41 19.37 -17.73
CA LYS A 281 14.85 19.37 -17.43
C LYS A 281 15.66 19.90 -18.61
N GLY A 282 15.15 19.70 -19.82
CA GLY A 282 15.85 20.12 -21.02
C GLY A 282 15.73 21.62 -21.25
N ASN A 283 15.72 22.02 -22.51
CA ASN A 283 15.54 23.42 -22.92
C ASN A 283 16.71 24.34 -22.53
N ALA A 284 17.19 24.22 -21.30
CA ALA A 284 18.24 25.07 -20.78
C ALA A 284 17.82 26.53 -20.82
N THR A 285 16.68 26.83 -20.19
CA THR A 285 16.15 28.19 -20.14
C THR A 285 15.58 28.48 -18.76
N GLY A 288 12.64 24.85 -13.90
CA GLY A 288 11.54 25.61 -13.33
C GLY A 288 11.92 26.26 -12.01
N MET A 289 10.96 26.92 -11.35
CA MET A 289 9.59 27.05 -11.84
C MET A 289 8.95 28.32 -11.30
N PRO A 290 7.96 28.85 -12.03
CA PRO A 290 7.28 30.06 -11.57
C PRO A 290 6.45 29.80 -10.32
N PHE A 291 6.34 30.79 -9.46
CA PHE A 291 5.58 30.67 -8.22
C PHE A 291 4.09 30.48 -8.51
N ARG A 292 3.64 31.06 -9.62
CA ARG A 292 2.23 31.01 -9.98
C ARG A 292 1.76 29.58 -10.22
N ASP A 293 2.50 28.83 -11.03
CA ASP A 293 2.14 27.45 -11.34
C ASP A 293 2.17 26.59 -10.07
N LEU A 294 3.11 26.87 -9.19
CA LEU A 294 3.21 26.16 -7.93
C LEU A 294 1.99 26.46 -7.06
N TYR A 295 1.64 27.73 -6.95
CA TYR A 295 0.47 28.14 -6.18
C TYR A 295 -0.77 27.47 -6.76
N SER A 296 -0.89 27.50 -8.08
CA SER A 296 -2.04 26.90 -8.74
C SER A 296 -2.13 25.42 -8.43
N SER A 297 -1.04 24.70 -8.67
CA SER A 297 -1.01 23.25 -8.47
C SER A 297 -1.26 22.89 -7.01
N CYS A 298 -0.71 23.68 -6.09
CA CYS A 298 -0.88 23.44 -4.66
C CYS A 298 -2.31 23.71 -4.22
N ARG A 299 -2.86 24.84 -4.66
CA ARG A 299 -4.21 25.21 -4.28
C ARG A 299 -5.20 24.21 -4.86
N GLU A 300 -4.93 23.77 -6.08
CA GLU A 300 -5.78 22.79 -6.75
C GLU A 300 -5.87 21.49 -5.97
N ALA A 301 -4.76 21.13 -5.32
CA ALA A 301 -4.67 19.89 -4.57
C ALA A 301 -4.99 20.08 -3.09
N PHE A 302 -5.41 21.29 -2.73
CA PHE A 302 -5.74 21.62 -1.35
C PHE A 302 -4.57 21.37 -0.40
N LEU A 303 -3.37 21.71 -0.83
CA LEU A 303 -2.17 21.53 -0.02
C LEU A 303 -1.77 22.80 0.72
N VAL A 304 -2.34 23.92 0.31
CA VAL A 304 -2.01 25.21 0.90
C VAL A 304 -3.26 26.07 1.13
N SER A 305 -3.27 26.80 2.24
CA SER A 305 -4.42 27.61 2.62
C SER A 305 -4.50 28.89 1.81
N SER A 306 -3.38 29.58 1.69
CA SER A 306 -3.31 30.82 0.92
C SER A 306 -1.90 31.12 0.44
N ASP A 307 -1.74 32.27 -0.22
CA ASP A 307 -0.46 32.64 -0.81
C ASP A 307 0.64 32.72 0.25
N LEU A 308 0.33 33.39 1.36
CA LEU A 308 1.31 33.60 2.42
C LEU A 308 1.79 32.27 3.00
N ALA A 309 0.89 31.29 3.06
CA ALA A 309 1.25 29.97 3.56
C ALA A 309 2.27 29.31 2.64
N LEU A 310 2.05 29.42 1.33
CA LEU A 310 2.98 28.87 0.36
C LEU A 310 4.30 29.60 0.42
N ARG A 311 4.25 30.93 0.49
CA ARG A 311 5.47 31.71 0.60
C ARG A 311 6.22 31.35 1.87
N ALA A 312 5.49 31.10 2.94
CA ALA A 312 6.08 30.68 4.19
C ALA A 312 6.75 29.31 4.04
N GLN A 313 6.03 28.40 3.39
CA GLN A 313 6.58 27.07 3.11
C GLN A 313 7.85 27.18 2.26
N LEU A 314 7.83 28.08 1.28
CA LEU A 314 8.99 28.32 0.44
C LEU A 314 10.13 28.89 1.26
N THR A 315 9.79 29.79 2.17
CA THR A 315 10.78 30.38 3.07
C THR A 315 11.41 29.28 3.91
N GLU A 316 10.58 28.36 4.39
CA GLU A 316 11.08 27.20 5.14
C GLU A 316 11.96 26.33 4.26
N PHE A 317 11.58 26.16 3.00
CA PHE A 317 12.42 25.46 2.04
C PHE A 317 13.71 26.23 1.76
N LEU A 318 13.64 27.55 1.80
CA LEU A 318 14.82 28.39 1.55
C LEU A 318 15.79 28.32 2.72
N ASP A 319 15.25 28.30 3.94
CA ASP A 319 16.07 28.19 5.15
C ASP A 319 16.92 26.91 5.12
N HIS A 320 16.30 25.79 4.75
CA HIS A 320 17.02 24.53 4.62
C HIS A 320 17.83 24.49 3.32
N LYS A 321 17.67 25.54 2.51
CA LYS A 321 18.42 25.70 1.27
C LYS A 321 18.20 24.53 0.30
N LEU A 322 17.00 23.97 0.32
CA LEU A 322 16.63 22.95 -0.66
C LEU A 322 16.21 23.60 -1.97
N VAL A 323 15.27 24.52 -1.89
CA VAL A 323 14.82 25.29 -3.05
C VAL A 323 15.54 26.62 -3.08
N LYS A 324 15.55 27.27 -4.24
CA LYS A 324 16.16 28.59 -4.38
C LYS A 324 15.29 29.49 -5.27
N SER A 325 14.94 30.65 -4.75
CA SER A 325 14.04 31.56 -5.46
C SER A 325 14.80 32.64 -6.22
N LYS A 326 14.78 32.55 -7.54
CA LYS A 326 15.37 33.58 -8.40
C LYS A 326 14.27 34.51 -8.89
N ARG A 327 14.35 35.77 -8.49
CA ARG A 327 13.32 36.75 -8.83
C ARG A 327 13.77 37.64 -9.98
N SER A 328 12.86 37.91 -10.91
CA SER A 328 13.15 38.76 -12.06
C SER A 328 11.87 39.33 -12.66
N SER A 332 9.02 37.73 -13.12
CA SER A 332 8.28 36.81 -12.25
C SER A 332 9.23 36.10 -11.30
N GLU A 333 8.68 35.51 -10.24
CA GLU A 333 9.47 34.81 -9.24
C GLU A 333 9.67 33.35 -9.64
N GLN A 334 10.89 33.02 -10.07
CA GLN A 334 11.24 31.65 -10.43
C GLN A 334 11.81 30.92 -9.22
N LEU A 335 11.46 29.64 -9.09
CA LEU A 335 11.94 28.83 -7.98
C LEU A 335 12.86 27.71 -8.48
N THR A 336 14.15 28.02 -8.54
CA THR A 336 15.13 27.07 -9.05
C THR A 336 15.57 26.10 -7.95
N ILE A 337 15.71 24.83 -8.32
CA ILE A 337 16.34 23.85 -7.44
C ILE A 337 17.82 23.74 -7.83
N PRO A 338 18.75 24.06 -6.90
CA PRO A 338 20.16 24.12 -7.27
C PRO A 338 20.87 22.77 -7.18
N ILE A 339 20.38 21.80 -7.93
CA ILE A 339 20.98 20.46 -7.96
C ILE A 339 20.80 19.81 -9.32
N ASP A 340 21.58 18.76 -9.56
CA ASP A 340 21.55 18.04 -10.83
C ASP A 340 20.23 17.30 -11.00
N GLY A 341 19.91 16.94 -12.24
CA GLY A 341 18.66 16.26 -12.55
C GLY A 341 18.72 14.77 -12.28
N ALA A 342 19.91 14.18 -12.40
CA ALA A 342 20.06 12.74 -12.22
C ALA A 342 19.68 12.35 -10.79
N LEU A 343 20.30 13.02 -9.82
CA LEU A 343 19.99 12.78 -8.42
C LEU A 343 18.53 13.13 -8.11
N LEU A 344 17.96 14.01 -8.92
CA LEU A 344 16.57 14.39 -8.79
C LEU A 344 15.68 13.23 -9.22
N GLN A 345 16.05 12.61 -10.34
CA GLN A 345 15.38 11.40 -10.81
C GLN A 345 15.54 10.31 -9.77
N GLN A 346 16.74 10.22 -9.20
CA GLN A 346 16.98 9.27 -8.10
C GLN A 346 16.06 9.58 -6.94
N PHE A 347 15.90 10.87 -6.64
CA PHE A 347 15.02 11.30 -5.57
C PHE A 347 13.61 10.82 -5.80
N LEU A 348 13.03 11.21 -6.93
CA LEU A 348 11.68 10.79 -7.26
C LEU A 348 11.60 9.27 -7.25
N GLU A 349 12.62 8.61 -7.78
CA GLU A 349 12.66 7.16 -7.81
C GLU A 349 12.54 6.58 -6.40
N GLU A 350 13.31 7.14 -5.48
CA GLU A 350 13.27 6.68 -4.09
C GLU A 350 11.94 7.04 -3.44
N GLN A 351 11.40 8.20 -3.80
CA GLN A 351 10.14 8.67 -3.21
C GLN A 351 8.95 7.79 -3.59
N GLU A 352 9.11 6.98 -4.63
CA GLU A 352 8.04 6.06 -5.04
C GLU A 352 7.78 5.02 -3.96
N MET B 1 44.67 -32.75 -3.20
CA MET B 1 44.33 -31.86 -2.11
C MET B 1 44.83 -32.44 -0.79
N GLN B 2 44.79 -31.62 0.27
CA GLN B 2 45.21 -32.08 1.59
C GLN B 2 44.28 -33.18 2.07
N PRO B 3 44.75 -34.01 3.01
CA PRO B 3 43.92 -35.12 3.51
C PRO B 3 42.77 -34.64 4.40
N PHE B 4 43.08 -33.75 5.35
CA PHE B 4 42.07 -33.28 6.28
C PHE B 4 40.92 -32.63 5.51
N TYR B 5 41.24 -31.98 4.40
CA TYR B 5 40.22 -31.34 3.59
C TYR B 5 39.37 -32.39 2.89
N GLU B 6 40.01 -33.48 2.50
CA GLU B 6 39.31 -34.58 1.85
C GLU B 6 38.35 -35.23 2.83
N GLU B 7 38.83 -35.45 4.06
CA GLU B 7 37.99 -35.99 5.11
C GLU B 7 36.88 -35.01 5.45
N TYR B 8 37.21 -33.73 5.48
CA TYR B 8 36.22 -32.68 5.73
C TYR B 8 35.11 -32.78 4.70
N ARG B 9 35.49 -32.79 3.43
CA ARG B 9 34.53 -32.88 2.34
C ARG B 9 33.67 -34.14 2.46
N LYS B 10 34.33 -35.29 2.63
CA LYS B 10 33.61 -36.56 2.75
C LYS B 10 32.60 -36.53 3.90
N ALA B 11 33.08 -36.15 5.08
CA ALA B 11 32.24 -36.10 6.27
C ALA B 11 31.06 -35.16 6.04
N TRP B 12 31.38 -33.94 5.64
CA TRP B 12 30.35 -32.93 5.41
C TRP B 12 29.30 -33.43 4.44
N ASN B 13 29.73 -33.96 3.30
CA ASN B 13 28.80 -34.48 2.31
C ASN B 13 27.93 -35.61 2.85
N GLN B 14 28.56 -36.55 3.57
CA GLN B 14 27.81 -37.61 4.20
C GLN B 14 26.71 -37.04 5.10
N ILE B 15 27.11 -36.17 6.01
CA ILE B 15 26.19 -35.59 6.98
C ILE B 15 25.07 -34.84 6.28
N ASN B 16 25.44 -33.94 5.36
CA ASN B 16 24.46 -33.17 4.61
C ASN B 16 23.48 -34.09 3.89
N ASP B 17 24.00 -35.13 3.22
CA ASP B 17 23.16 -36.10 2.54
C ASP B 17 22.19 -36.76 3.51
N HIS B 18 22.69 -37.14 4.68
CA HIS B 18 21.86 -37.73 5.71
C HIS B 18 20.72 -36.79 6.09
N ILE B 19 21.10 -35.57 6.49
CA ILE B 19 20.11 -34.59 6.91
C ILE B 19 19.09 -34.36 5.80
N ALA B 20 19.58 -34.26 4.57
CA ALA B 20 18.72 -34.06 3.41
C ALA B 20 17.74 -35.21 3.27
N ASP B 21 18.23 -36.42 3.48
CA ASP B 21 17.38 -37.61 3.43
C ASP B 21 16.30 -37.53 4.50
N LEU B 22 16.70 -37.21 5.74
CA LEU B 22 15.74 -37.07 6.83
C LEU B 22 14.67 -36.04 6.49
N GLN B 23 15.11 -34.89 6.00
CA GLN B 23 14.17 -33.84 5.61
C GLN B 23 13.23 -34.33 4.52
N HIS B 24 13.77 -35.01 3.51
CA HIS B 24 12.95 -35.56 2.45
C HIS B 24 11.89 -36.51 3.02
N ARG B 25 12.31 -37.37 3.94
CA ARG B 25 11.38 -38.26 4.62
C ARG B 25 10.30 -37.48 5.36
N SER B 26 10.72 -36.42 6.05
CA SER B 26 9.77 -35.57 6.77
C SER B 26 8.78 -34.89 5.83
N TYR B 27 9.25 -34.44 4.67
CA TYR B 27 8.40 -33.73 3.72
C TYR B 27 7.53 -34.67 2.88
N ALA B 28 8.02 -35.89 2.65
CA ALA B 28 7.37 -36.84 1.74
C ALA B 28 5.88 -37.01 1.97
N ARG B 29 5.48 -37.11 3.23
CA ARG B 29 4.07 -37.35 3.57
C ARG B 29 3.17 -36.21 3.11
N THR B 30 3.38 -35.04 3.71
CA THR B 30 2.61 -33.85 3.37
C THR B 30 2.70 -33.57 1.88
N LEU B 31 3.87 -33.80 1.31
CA LEU B 31 4.06 -33.65 -0.13
C LEU B 31 3.07 -34.53 -0.90
N GLU B 32 3.10 -35.83 -0.62
CA GLU B 32 2.21 -36.77 -1.28
C GLU B 32 0.76 -36.33 -1.09
N GLN B 33 0.45 -35.88 0.12
CA GLN B 33 -0.89 -35.38 0.42
C GLN B 33 -1.25 -34.22 -0.51
N LEU B 34 -0.33 -33.26 -0.63
CA LEU B 34 -0.54 -32.10 -1.50
C LEU B 34 -0.79 -32.52 -2.94
N VAL B 35 0.11 -33.34 -3.48
CA VAL B 35 -0.03 -33.82 -4.84
C VAL B 35 -1.39 -34.50 -5.03
N ASP B 36 -1.75 -35.35 -4.06
CA ASP B 36 -3.04 -36.03 -4.09
C ASP B 36 -4.18 -35.03 -4.18
N PHE B 37 -4.10 -33.98 -3.35
CA PHE B 37 -5.09 -32.90 -3.38
C PHE B 37 -5.18 -32.22 -4.75
N VAL B 38 -4.01 -31.85 -5.30
CA VAL B 38 -3.96 -31.22 -6.62
C VAL B 38 -4.60 -32.08 -7.69
N VAL B 39 -4.20 -33.34 -7.79
CA VAL B 39 -4.79 -34.23 -8.78
C VAL B 39 -6.28 -34.42 -8.46
N GLY B 40 -6.60 -34.43 -7.17
CA GLY B 40 -7.98 -34.49 -6.73
C GLY B 40 -8.80 -33.40 -7.38
N GLN B 41 -8.25 -32.19 -7.37
CA GLN B 41 -8.88 -31.08 -8.08
C GLN B 41 -8.81 -31.27 -9.60
N ALA B 42 -7.71 -31.85 -10.07
CA ALA B 42 -7.56 -32.10 -11.50
C ALA B 42 -8.68 -32.98 -12.04
N GLU B 43 -9.07 -33.97 -11.26
CA GLU B 43 -10.17 -34.85 -11.65
C GLU B 43 -11.48 -34.05 -11.77
N ARG B 44 -11.87 -33.39 -10.69
CA ARG B 44 -13.08 -32.59 -10.66
C ARG B 44 -12.90 -31.37 -9.75
N ASP B 48 -18.00 -24.78 -8.83
CA ASP B 48 -17.15 -24.04 -9.75
C ASP B 48 -17.04 -22.57 -9.33
N GLU B 49 -16.46 -21.75 -10.19
CA GLU B 49 -16.27 -20.31 -9.95
C GLU B 49 -15.21 -20.03 -8.87
N VAL B 50 -15.11 -20.91 -7.88
CA VAL B 50 -14.12 -20.77 -6.82
C VAL B 50 -12.91 -21.66 -7.10
N LEU B 51 -11.71 -21.10 -6.92
CA LEU B 51 -10.50 -21.87 -7.08
C LEU B 51 -10.16 -22.55 -5.77
N PRO B 52 -9.68 -23.81 -5.81
CA PRO B 52 -9.29 -24.49 -4.58
C PRO B 52 -7.88 -24.11 -4.13
N THR B 53 -7.64 -24.14 -2.83
CA THR B 53 -6.32 -23.78 -2.30
C THR B 53 -5.90 -24.68 -1.15
N ALA B 54 -4.61 -24.70 -0.87
CA ALA B 54 -4.04 -25.50 0.19
C ALA B 54 -3.07 -24.68 1.03
N ALA B 55 -3.37 -24.57 2.32
CA ALA B 55 -2.56 -23.78 3.23
C ALA B 55 -1.52 -24.64 3.94
N LEU B 56 -0.25 -24.25 3.82
CA LEU B 56 0.84 -24.91 4.54
C LEU B 56 1.29 -24.08 5.73
N LEU B 57 1.20 -24.68 6.92
CA LEU B 57 1.53 -24.00 8.16
C LEU B 57 3.00 -24.18 8.54
N THR B 58 3.89 -23.60 7.74
CA THR B 58 5.33 -23.62 8.02
C THR B 58 5.78 -22.42 8.86
N GLY B 59 5.64 -22.55 10.17
CA GLY B 59 5.77 -21.41 11.07
C GLY B 59 7.20 -20.98 11.36
N ILE B 60 7.52 -19.75 10.95
CA ILE B 60 8.71 -19.01 11.40
C ILE B 60 10.03 -19.65 10.95
N ASN B 61 10.03 -20.18 9.74
CA ASN B 61 11.29 -20.52 9.07
C ASN B 61 11.01 -20.57 7.57
N GLN B 62 10.80 -19.38 7.00
CA GLN B 62 10.51 -19.23 5.58
C GLN B 62 11.59 -19.86 4.68
N PRO B 63 12.87 -19.61 4.96
CA PRO B 63 13.90 -20.11 4.04
C PRO B 63 14.21 -21.61 4.14
N ASP B 64 13.63 -22.34 5.10
CA ASP B 64 13.90 -23.77 5.19
C ASP B 64 12.96 -24.57 4.29
N HIS B 65 11.77 -24.02 4.04
CA HIS B 65 10.73 -24.76 3.34
C HIS B 65 10.56 -24.33 1.88
N LEU B 66 11.64 -23.89 1.25
CA LEU B 66 11.62 -23.61 -0.19
C LEU B 66 11.91 -24.91 -0.94
N SER B 67 12.77 -25.72 -0.35
CA SER B 67 13.09 -27.03 -0.91
C SER B 67 11.84 -27.89 -0.94
N GLN B 68 10.91 -27.61 -0.03
CA GLN B 68 9.64 -28.30 0.00
C GLN B 68 8.86 -28.01 -1.28
N PHE B 69 8.63 -26.73 -1.55
CA PHE B 69 7.91 -26.33 -2.75
C PHE B 69 8.65 -26.79 -4.00
N THR B 70 9.97 -26.72 -3.97
CA THR B 70 10.77 -27.20 -5.09
C THR B 70 10.54 -28.70 -5.31
N ALA B 71 10.56 -29.46 -4.23
CA ALA B 71 10.33 -30.89 -4.31
C ALA B 71 8.92 -31.17 -4.81
N LEU B 72 7.97 -30.37 -4.37
CA LEU B 72 6.59 -30.51 -4.81
C LEU B 72 6.48 -30.21 -6.30
N THR B 73 7.24 -29.22 -6.76
CA THR B 73 7.31 -28.91 -8.17
C THR B 73 7.84 -30.11 -8.94
N GLN B 74 8.98 -30.63 -8.50
CA GLN B 74 9.59 -31.79 -9.13
C GLN B 74 8.65 -32.98 -9.15
N ARG B 75 7.94 -33.19 -8.04
CA ARG B 75 7.00 -34.31 -7.93
C ARG B 75 5.82 -34.13 -8.87
N LEU B 76 5.24 -32.93 -8.88
CA LEU B 76 4.11 -32.63 -9.76
C LEU B 76 4.51 -32.72 -11.22
N HIS B 77 5.75 -32.33 -11.52
CA HIS B 77 6.28 -32.49 -12.87
C HIS B 77 6.46 -33.97 -13.18
N ALA B 78 6.97 -34.72 -12.23
CA ALA B 78 7.14 -36.16 -12.40
C ALA B 78 5.79 -36.84 -12.60
N GLN B 79 4.77 -36.34 -11.91
CA GLN B 79 3.42 -36.86 -12.02
C GLN B 79 2.77 -36.52 -13.35
N ARG B 80 3.33 -35.53 -14.05
CA ARG B 80 2.79 -35.06 -15.32
C ARG B 80 1.32 -34.62 -15.16
N ALA B 81 0.97 -34.23 -13.95
CA ALA B 81 -0.42 -33.88 -13.63
C ALA B 81 -0.67 -32.39 -13.73
N ALA B 82 0.39 -31.58 -13.61
CA ALA B 82 0.25 -30.13 -13.60
C ALA B 82 1.57 -29.40 -13.82
N MET B 83 1.48 -28.09 -13.97
CA MET B 83 2.67 -27.23 -14.03
C MET B 83 2.48 -26.10 -13.03
N VAL B 84 3.54 -25.79 -12.29
CA VAL B 84 3.44 -24.86 -11.16
C VAL B 84 4.30 -23.63 -11.40
N CYS B 85 3.78 -22.48 -10.98
CA CYS B 85 4.55 -21.24 -10.92
C CYS B 85 4.61 -20.76 -9.49
N VAL B 86 5.77 -20.24 -9.08
CA VAL B 86 5.91 -19.69 -7.73
C VAL B 86 6.11 -18.19 -7.77
N LEU B 87 5.35 -17.48 -6.94
CA LEU B 87 5.41 -16.01 -6.84
C LEU B 87 5.94 -15.49 -5.53
N GLN B 88 7.12 -14.90 -5.59
CA GLN B 88 7.80 -14.41 -4.42
C GLN B 88 7.30 -12.99 -4.19
N SER B 89 6.82 -12.71 -2.98
CA SER B 89 6.24 -11.41 -2.66
C SER B 89 7.07 -10.23 -3.15
N ARG B 90 8.37 -10.44 -3.31
CA ARG B 90 9.27 -9.43 -3.84
C ARG B 90 9.03 -9.15 -5.32
N ASP B 91 8.53 -10.16 -6.03
CA ASP B 91 8.23 -10.01 -7.46
C ASP B 91 6.77 -9.62 -7.70
N CYS B 92 6.03 -9.34 -6.63
CA CYS B 92 4.63 -8.92 -6.74
C CYS B 92 4.38 -7.64 -5.96
N ALA B 93 5.07 -6.58 -6.32
CA ALA B 93 4.84 -5.28 -5.72
C ALA B 93 3.53 -4.70 -6.21
N THR B 94 3.28 -4.87 -7.52
CA THR B 94 2.04 -4.45 -8.14
C THR B 94 1.28 -5.65 -8.67
N LEU B 95 0.04 -5.43 -9.12
CA LEU B 95 -0.76 -6.51 -9.67
C LEU B 95 -0.21 -6.92 -11.03
N LYS B 96 0.18 -5.93 -11.81
CA LYS B 96 0.77 -6.16 -13.11
C LYS B 96 1.95 -7.12 -12.99
N ALA B 97 2.89 -6.80 -12.11
CA ALA B 97 4.07 -7.62 -11.94
C ALA B 97 3.70 -9.02 -11.50
N ALA B 98 2.66 -9.12 -10.67
CA ALA B 98 2.22 -10.41 -10.18
C ALA B 98 1.70 -11.27 -11.31
N VAL B 99 0.73 -10.75 -12.05
CA VAL B 99 0.16 -11.50 -13.17
C VAL B 99 1.20 -11.82 -14.24
N GLU B 100 2.06 -10.87 -14.54
CA GLU B 100 3.13 -11.10 -15.50
C GLU B 100 4.04 -12.23 -15.00
N THR B 101 4.52 -12.12 -13.78
CA THR B 101 5.39 -13.13 -13.20
C THR B 101 4.70 -14.50 -13.20
N LEU B 102 3.42 -14.50 -12.87
CA LEU B 102 2.61 -15.71 -12.89
C LEU B 102 2.60 -16.37 -14.27
N VAL B 103 2.13 -15.63 -15.27
CA VAL B 103 2.06 -16.15 -16.63
C VAL B 103 3.43 -16.59 -17.15
N PHE B 104 4.40 -15.70 -17.06
CA PHE B 104 5.75 -15.99 -17.52
C PHE B 104 6.29 -17.23 -16.83
N GLY B 105 6.06 -17.32 -15.52
CA GLY B 105 6.46 -18.47 -14.73
C GLY B 105 5.86 -19.75 -15.28
N LEU B 106 4.53 -19.73 -15.48
CA LEU B 106 3.84 -20.91 -16.01
C LEU B 106 4.37 -21.31 -17.39
N VAL B 107 4.56 -20.33 -18.26
CA VAL B 107 5.13 -20.59 -19.57
C VAL B 107 6.49 -21.27 -19.47
N GLU B 108 7.40 -20.65 -18.70
CA GLU B 108 8.73 -21.22 -18.52
C GLU B 108 8.65 -22.62 -17.92
N ASP B 109 7.70 -22.82 -17.01
CA ASP B 109 7.52 -24.12 -16.40
C ASP B 109 7.13 -25.15 -17.45
N ASN B 110 6.17 -24.80 -18.29
CA ASN B 110 5.79 -25.66 -19.39
C ASN B 110 6.98 -25.95 -20.30
N ALA B 111 7.76 -24.91 -20.57
CA ALA B 111 8.96 -25.06 -21.39
C ALA B 111 9.92 -26.06 -20.73
N GLU B 112 10.02 -25.98 -19.41
CA GLU B 112 10.87 -26.91 -18.66
C GLU B 112 10.31 -28.34 -18.72
N VAL B 113 9.00 -28.47 -18.61
CA VAL B 113 8.35 -29.78 -18.62
C VAL B 113 8.41 -30.46 -19.99
N GLU B 114 8.18 -29.69 -21.04
CA GLU B 114 8.07 -30.23 -22.40
C GLU B 114 9.29 -31.02 -22.84
N GLN B 115 10.46 -30.70 -22.28
CA GLN B 115 11.70 -31.38 -22.67
C GLN B 115 11.70 -32.83 -22.21
N LEU B 133 8.13 -13.61 -26.43
CA LEU B 133 7.08 -13.45 -25.45
C LEU B 133 7.41 -12.30 -24.49
N ARG B 134 8.33 -12.56 -23.56
CA ARG B 134 8.79 -11.55 -22.59
C ARG B 134 7.69 -11.11 -21.64
N ARG B 135 8.10 -10.68 -20.45
CA ARG B 135 7.16 -10.27 -19.40
C ARG B 135 6.25 -9.14 -19.86
N SER B 136 6.72 -8.35 -20.82
CA SER B 136 5.98 -7.18 -21.28
C SER B 136 4.65 -7.54 -21.92
N GLN B 137 4.54 -8.77 -22.42
CA GLN B 137 3.33 -9.21 -23.11
C GLN B 137 2.76 -10.48 -22.50
N CYS B 138 2.73 -10.52 -21.18
CA CYS B 138 2.16 -11.65 -20.44
C CYS B 138 0.79 -11.30 -19.86
N THR B 139 -0.20 -11.20 -20.74
CA THR B 139 -1.56 -10.94 -20.31
C THR B 139 -2.24 -12.24 -19.94
N MET B 140 -3.34 -12.14 -19.20
CA MET B 140 -4.13 -13.32 -18.84
C MET B 140 -4.77 -13.91 -20.10
N LYS B 141 -5.15 -13.04 -21.03
CA LYS B 141 -5.70 -13.48 -22.30
C LYS B 141 -4.72 -14.35 -23.08
N GLN B 142 -3.46 -13.92 -23.10
CA GLN B 142 -2.42 -14.66 -23.81
C GLN B 142 -2.20 -16.02 -23.17
N LEU B 143 -2.25 -16.07 -21.85
CA LEU B 143 -2.14 -17.32 -21.12
C LEU B 143 -3.31 -18.23 -21.44
N LYS B 144 -4.52 -17.70 -21.40
CA LYS B 144 -5.70 -18.48 -21.71
C LYS B 144 -5.63 -19.03 -23.13
N SER B 145 -5.24 -18.18 -24.07
CA SER B 145 -5.08 -18.59 -25.46
C SER B 145 -4.03 -19.69 -25.59
N TRP B 146 -2.87 -19.46 -24.98
CA TRP B 146 -1.79 -20.43 -24.97
C TRP B 146 -2.24 -21.77 -24.43
N TYR B 147 -2.94 -21.73 -23.30
CA TYR B 147 -3.46 -22.94 -22.68
C TYR B 147 -4.45 -23.64 -23.59
N THR B 148 -5.31 -22.85 -24.22
CA THR B 148 -6.29 -23.40 -25.14
C THR B 148 -5.61 -24.05 -26.34
N ASN B 149 -4.56 -23.40 -26.84
CA ASN B 149 -3.84 -23.89 -28.01
C ASN B 149 -3.07 -25.18 -27.70
N ASN B 150 -2.25 -25.14 -26.66
CA ASN B 150 -1.41 -26.29 -26.32
C ASN B 150 -2.22 -27.51 -25.93
N PHE B 151 -3.12 -27.37 -24.97
CA PHE B 151 -3.95 -28.49 -24.55
C PHE B 151 -5.27 -28.07 -23.90
N ASP B 152 -6.33 -28.07 -24.70
CA ASP B 152 -7.67 -27.81 -24.20
C ASP B 152 -8.45 -29.11 -24.17
N SER B 153 -8.15 -29.99 -25.11
CA SER B 153 -8.76 -31.31 -25.18
C SER B 153 -7.71 -32.39 -25.01
N GLU B 154 -7.26 -32.57 -23.77
CA GLU B 154 -6.20 -33.53 -23.47
C GLU B 154 -6.60 -35.02 -23.58
N GLN B 155 -7.80 -35.45 -23.17
CA GLN B 155 -8.91 -34.64 -22.67
C GLN B 155 -8.78 -34.22 -21.21
N LYS B 156 -8.17 -35.08 -20.40
CA LYS B 156 -8.03 -34.82 -18.96
C LYS B 156 -7.20 -33.56 -18.71
N ARG B 157 -7.85 -32.53 -18.19
CA ARG B 157 -7.22 -31.23 -17.98
C ARG B 157 -5.93 -31.28 -17.17
N ARG B 158 -5.01 -30.39 -17.49
CA ARG B 158 -3.85 -30.13 -16.65
C ARG B 158 -4.31 -29.25 -15.49
N GLN B 159 -3.37 -28.71 -14.74
CA GLN B 159 -3.68 -27.78 -13.68
C GLN B 159 -2.64 -26.67 -13.64
N LEU B 160 -3.11 -25.45 -13.37
CA LEU B 160 -2.23 -24.32 -13.16
C LEU B 160 -2.15 -24.02 -11.67
N VAL B 161 -1.04 -24.42 -11.07
CA VAL B 161 -0.77 -24.19 -9.66
C VAL B 161 0.00 -22.89 -9.47
N VAL B 162 -0.33 -22.14 -8.42
CA VAL B 162 0.36 -20.88 -8.15
C VAL B 162 0.83 -20.83 -6.69
N ILE B 163 2.11 -21.06 -6.47
CA ILE B 163 2.66 -21.12 -5.13
C ILE B 163 3.00 -19.72 -4.59
N LEU B 164 2.61 -19.46 -3.35
CA LEU B 164 2.96 -18.22 -2.65
C LEU B 164 3.73 -18.54 -1.39
N PRO B 165 5.05 -18.71 -1.50
CA PRO B 165 5.88 -19.11 -0.36
C PRO B 165 5.74 -18.19 0.84
N ASP B 166 5.68 -16.87 0.60
CA ASP B 166 5.64 -15.89 1.68
C ASP B 166 4.33 -15.12 1.66
N PHE B 167 3.33 -15.68 2.33
CA PHE B 167 2.02 -15.07 2.41
C PHE B 167 2.02 -13.84 3.30
N GLU B 168 2.88 -13.84 4.32
CA GLU B 168 2.91 -12.75 5.29
C GLU B 168 3.44 -11.46 4.68
N CYS B 169 4.31 -11.60 3.68
CA CYS B 169 5.01 -10.47 3.08
C CYS B 169 4.27 -9.87 1.89
N PHE B 170 3.07 -10.37 1.64
CA PHE B 170 2.31 -9.97 0.48
C PHE B 170 1.48 -8.72 0.75
N ASN B 171 1.25 -7.95 -0.30
CA ASN B 171 0.38 -6.79 -0.24
C ASN B 171 -1.08 -7.22 -0.28
N ALA B 172 -1.88 -6.74 0.67
CA ALA B 172 -3.28 -7.16 0.80
C ALA B 172 -4.07 -6.90 -0.47
N SER B 173 -3.95 -5.69 -1.00
CA SER B 173 -4.67 -5.30 -2.20
C SER B 173 -4.27 -6.16 -3.39
N VAL B 174 -2.98 -6.30 -3.61
CA VAL B 174 -2.49 -7.08 -4.74
C VAL B 174 -2.93 -8.53 -4.62
N LEU B 175 -2.83 -9.07 -3.41
CA LEU B 175 -3.25 -10.44 -3.14
C LEU B 175 -4.73 -10.62 -3.43
N GLN B 176 -5.56 -9.74 -2.88
CA GLN B 176 -7.00 -9.83 -3.07
C GLN B 176 -7.38 -9.73 -4.55
N ASP B 177 -6.85 -8.71 -5.22
CA ASP B 177 -7.11 -8.52 -6.65
C ASP B 177 -6.65 -9.73 -7.46
N LEU B 178 -5.48 -10.27 -7.11
CA LEU B 178 -4.98 -11.46 -7.77
C LEU B 178 -5.93 -12.64 -7.57
N ILE B 179 -6.28 -12.93 -6.33
CA ILE B 179 -7.21 -14.00 -6.02
C ILE B 179 -8.54 -13.83 -6.75
N LEU B 180 -9.01 -12.59 -6.83
CA LEU B 180 -10.25 -12.30 -7.54
C LEU B 180 -10.11 -12.58 -9.03
N ILE B 181 -9.02 -12.12 -9.63
CA ILE B 181 -8.75 -12.38 -11.04
C ILE B 181 -8.72 -13.88 -11.31
N LEU B 182 -7.91 -14.60 -10.53
CA LEU B 182 -7.79 -16.03 -10.69
C LEU B 182 -9.13 -16.73 -10.49
N SER B 183 -9.88 -16.28 -9.49
CA SER B 183 -11.20 -16.85 -9.22
C SER B 183 -12.15 -16.61 -10.38
N ALA B 184 -12.04 -15.43 -10.98
CA ALA B 184 -12.90 -15.07 -12.10
C ALA B 184 -12.64 -15.97 -13.30
N HIS B 185 -11.38 -16.32 -13.52
CA HIS B 185 -10.99 -17.06 -14.72
C HIS B 185 -11.15 -18.56 -14.58
N CYS B 186 -11.73 -19.02 -13.47
CA CYS B 186 -11.95 -20.44 -13.28
C CYS B 186 -12.95 -20.98 -14.29
N GLY B 187 -13.03 -22.31 -14.36
CA GLY B 187 -13.87 -22.97 -15.34
C GLY B 187 -13.15 -23.08 -16.66
N SER B 188 -12.73 -21.94 -17.20
CA SER B 188 -11.98 -21.92 -18.45
C SER B 188 -10.54 -22.37 -18.23
N LEU B 189 -9.98 -21.98 -17.09
CA LEU B 189 -8.65 -22.42 -16.69
C LEU B 189 -8.73 -23.11 -15.33
N PRO B 190 -8.02 -24.25 -15.17
CA PRO B 190 -8.05 -24.94 -13.88
C PRO B 190 -6.96 -24.44 -12.94
N PHE B 191 -7.25 -23.36 -12.23
CA PHE B 191 -6.27 -22.74 -11.35
C PHE B 191 -6.26 -23.40 -9.99
N VAL B 192 -5.07 -23.48 -9.41
CA VAL B 192 -4.90 -23.92 -8.04
C VAL B 192 -3.81 -23.05 -7.44
N LEU B 193 -3.83 -22.84 -6.13
CA LEU B 193 -2.75 -22.09 -5.49
C LEU B 193 -2.57 -22.54 -4.06
N VAL B 194 -1.30 -22.66 -3.67
CA VAL B 194 -0.95 -23.06 -2.32
C VAL B 194 -0.44 -21.86 -1.52
N LEU B 195 -0.82 -21.81 -0.25
CA LEU B 195 -0.44 -20.69 0.62
C LEU B 195 0.53 -21.13 1.69
N GLY B 196 1.81 -20.85 1.49
CA GLY B 196 2.81 -21.08 2.52
C GLY B 196 2.73 -20.00 3.57
N VAL B 197 2.02 -20.29 4.67
CA VAL B 197 1.79 -19.29 5.70
C VAL B 197 2.59 -19.59 6.97
N ALA B 198 3.15 -18.55 7.59
CA ALA B 198 3.92 -18.70 8.83
C ALA B 198 3.01 -18.80 10.04
N THR B 199 2.27 -17.74 10.30
CA THR B 199 1.28 -17.73 11.38
C THR B 199 0.13 -18.68 11.06
N ALA B 200 -0.84 -18.77 11.97
CA ALA B 200 -2.00 -19.63 11.75
C ALA B 200 -2.90 -19.07 10.66
N MET B 201 -4.04 -19.72 10.42
CA MET B 201 -4.99 -19.28 9.41
C MET B 201 -5.65 -17.96 9.80
N THR B 202 -5.43 -17.54 11.05
CA THR B 202 -5.94 -16.26 11.52
C THR B 202 -5.39 -15.12 10.69
N ALA B 203 -4.16 -15.26 10.20
CA ALA B 203 -3.55 -14.27 9.34
C ALA B 203 -4.21 -14.25 7.98
N VAL B 204 -4.56 -15.43 7.48
CA VAL B 204 -5.26 -15.53 6.22
C VAL B 204 -6.64 -14.90 6.33
N HIS B 205 -7.35 -15.22 7.39
CA HIS B 205 -8.66 -14.64 7.63
C HIS B 205 -8.57 -13.16 7.99
N GLY B 206 -7.46 -12.77 8.59
CA GLY B 206 -7.23 -11.39 8.96
C GLY B 206 -6.81 -10.53 7.78
N THR B 207 -6.07 -11.13 6.84
CA THR B 207 -5.56 -10.41 5.69
C THR B 207 -6.60 -10.27 4.59
N LEU B 208 -7.50 -11.24 4.51
CA LEU B 208 -8.52 -11.27 3.46
C LEU B 208 -9.91 -11.00 4.01
N PRO B 209 -10.72 -10.19 3.29
CA PRO B 209 -12.10 -9.96 3.71
C PRO B 209 -12.99 -11.16 3.36
N TYR B 210 -14.30 -11.01 3.50
CA TYR B 210 -15.22 -12.12 3.28
C TYR B 210 -15.57 -12.29 1.80
N HIS B 211 -15.64 -11.19 1.07
CA HIS B 211 -16.00 -11.24 -0.34
C HIS B 211 -14.85 -11.78 -1.19
N VAL B 212 -13.66 -11.85 -0.60
CA VAL B 212 -12.52 -12.49 -1.23
C VAL B 212 -12.34 -13.91 -0.69
N SER B 213 -12.61 -14.07 0.61
CA SER B 213 -12.51 -15.37 1.26
C SER B 213 -13.56 -16.34 0.74
N SER B 214 -14.61 -15.79 0.13
CA SER B 214 -15.70 -16.61 -0.41
C SER B 214 -15.36 -17.11 -1.81
N LYS B 215 -14.08 -17.18 -2.12
CA LYS B 215 -13.62 -17.65 -3.42
C LYS B 215 -12.39 -18.55 -3.29
N ILE B 216 -12.16 -19.08 -2.09
CA ILE B 216 -10.92 -19.80 -1.79
C ILE B 216 -11.17 -21.27 -1.53
N ARG B 217 -12.07 -21.60 -0.61
CA ARG B 217 -12.36 -23.00 -0.30
C ARG B 217 -11.07 -23.75 0.03
N LEU B 218 -10.40 -23.33 1.09
CA LEU B 218 -9.08 -23.84 1.41
C LEU B 218 -9.12 -25.12 2.22
N ARG B 219 -8.00 -25.84 2.22
CA ARG B 219 -7.83 -27.03 3.04
C ARG B 219 -6.51 -26.96 3.79
N VAL B 220 -6.58 -26.89 5.11
CA VAL B 220 -5.39 -26.70 5.92
C VAL B 220 -4.49 -27.93 5.90
N PHE B 221 -3.19 -27.71 5.73
CA PHE B 221 -2.18 -28.76 5.81
C PHE B 221 -1.08 -28.39 6.79
N GLN B 222 -0.58 -29.36 7.53
CA GLN B 222 0.39 -29.12 8.59
C GLN B 222 1.74 -29.75 8.28
N THR B 223 2.81 -29.12 8.75
CA THR B 223 4.16 -29.66 8.65
C THR B 223 4.80 -29.63 10.03
N GLN B 224 5.65 -30.62 10.31
CA GLN B 224 6.28 -30.71 11.62
C GLN B 224 7.16 -29.48 11.84
N ALA B 225 7.10 -28.93 13.04
CA ALA B 225 7.82 -27.71 13.35
C ALA B 225 9.32 -27.97 13.42
N ALA B 226 10.09 -26.90 13.47
CA ALA B 226 11.55 -27.00 13.46
C ALA B 226 12.10 -27.77 14.67
N PRO B 227 11.52 -27.57 15.86
CA PRO B 227 12.02 -28.28 17.05
C PRO B 227 12.01 -29.79 16.91
N THR B 228 10.89 -30.34 16.47
CA THR B 228 10.79 -31.79 16.28
C THR B 228 11.82 -32.25 15.26
N GLY B 229 11.90 -31.55 14.14
CA GLY B 229 12.87 -31.85 13.10
C GLY B 229 14.29 -31.77 13.62
N LEU B 230 14.55 -30.82 14.51
CA LEU B 230 15.88 -30.70 15.12
C LEU B 230 16.16 -31.89 16.01
N ASN B 231 15.19 -32.25 16.85
CA ASN B 231 15.36 -33.42 17.70
C ASN B 231 15.62 -34.66 16.84
N GLU B 232 14.91 -34.74 15.72
CA GLU B 232 15.10 -35.84 14.78
C GLU B 232 16.51 -35.86 14.22
N VAL B 233 16.92 -34.78 13.57
CA VAL B 233 18.25 -34.73 12.94
C VAL B 233 19.35 -34.91 13.99
N LEU B 234 19.18 -34.32 15.17
CA LEU B 234 20.13 -34.50 16.26
C LEU B 234 20.24 -35.96 16.68
N ASP B 235 19.09 -36.58 16.92
CA ASP B 235 19.03 -37.98 17.33
C ASP B 235 19.57 -38.92 16.25
N LYS B 236 19.24 -38.64 14.99
CA LYS B 236 19.55 -39.55 13.90
C LYS B 236 20.91 -39.31 13.25
N VAL B 237 21.44 -38.09 13.34
CA VAL B 237 22.68 -37.74 12.65
C VAL B 237 23.89 -37.53 13.56
N LEU B 238 23.84 -36.48 14.36
CA LEU B 238 24.99 -36.12 15.19
C LEU B 238 25.33 -37.18 16.23
N LEU B 239 24.35 -37.99 16.60
CA LEU B 239 24.54 -39.05 17.59
C LEU B 239 24.70 -40.43 16.93
N SER B 240 24.76 -40.44 15.61
CA SER B 240 24.93 -41.70 14.88
C SER B 240 26.35 -42.23 15.10
N PRO B 241 26.51 -43.55 15.28
CA PRO B 241 27.86 -44.06 15.54
C PRO B 241 28.74 -44.04 14.29
N LYS B 242 28.11 -43.83 13.13
CA LYS B 242 28.81 -43.86 11.86
C LYS B 242 29.92 -42.82 11.78
N TYR B 243 29.63 -41.65 12.34
CA TYR B 243 30.54 -40.52 12.23
C TYR B 243 31.58 -40.54 13.33
N ALA B 244 32.84 -40.43 12.93
CA ALA B 244 33.96 -40.39 13.88
C ALA B 244 34.07 -39.02 14.55
N PHE B 245 33.58 -38.00 13.87
CA PHE B 245 33.60 -36.63 14.39
C PHE B 245 32.45 -36.36 15.34
N HIS B 246 32.76 -35.78 16.50
CA HIS B 246 31.76 -35.50 17.53
C HIS B 246 31.92 -34.07 18.05
N LEU B 247 30.81 -33.50 18.50
CA LEU B 247 30.84 -32.17 19.10
C LEU B 247 30.90 -32.27 20.61
N SER B 248 31.67 -31.37 21.24
CA SER B 248 31.69 -31.30 22.69
C SER B 248 30.31 -30.88 23.20
N GLY B 249 30.03 -31.18 24.47
CA GLY B 249 28.73 -30.90 25.03
C GLY B 249 28.41 -29.42 24.98
N LYS B 250 29.43 -28.59 25.19
CA LYS B 250 29.25 -27.15 25.23
C LYS B 250 28.86 -26.61 23.85
N THR B 251 29.53 -27.10 22.82
CA THR B 251 29.23 -26.74 21.44
C THR B 251 27.82 -27.20 21.05
N PHE B 252 27.54 -28.47 21.31
CA PHE B 252 26.22 -29.05 21.11
C PHE B 252 25.15 -28.17 21.75
N LYS B 253 25.35 -27.88 23.02
CA LYS B 253 24.41 -27.06 23.78
C LYS B 253 24.33 -25.66 23.21
N PHE B 254 25.46 -25.12 22.78
CA PHE B 254 25.48 -23.79 22.19
C PHE B 254 24.64 -23.71 20.93
N LEU B 255 24.88 -24.63 19.99
CA LEU B 255 24.08 -24.70 18.78
C LEU B 255 22.60 -24.87 19.10
N THR B 256 22.27 -25.86 19.92
CA THR B 256 20.86 -26.07 20.28
C THR B 256 20.31 -24.84 21.00
N HIS B 257 21.16 -24.13 21.71
CA HIS B 257 20.74 -22.92 22.40
C HIS B 257 20.39 -21.83 21.39
N ILE B 258 21.35 -21.45 20.58
CA ILE B 258 21.13 -20.41 19.58
C ILE B 258 19.97 -20.78 18.67
N PHE B 259 19.76 -22.07 18.44
CA PHE B 259 18.58 -22.51 17.71
C PHE B 259 17.29 -22.26 18.47
N LEU B 260 17.19 -22.84 19.66
CA LEU B 260 15.94 -22.82 20.40
C LEU B 260 15.58 -21.47 21.00
N TYR B 261 16.58 -20.62 21.22
CA TYR B 261 16.33 -19.33 21.86
C TYR B 261 16.21 -18.19 20.85
N TYR B 262 16.88 -18.30 19.71
CA TYR B 262 16.78 -17.31 18.64
C TYR B 262 16.09 -17.90 17.40
N ASP B 263 16.80 -17.98 16.28
CA ASP B 263 16.20 -18.48 15.03
C ASP B 263 15.94 -19.97 15.00
N PHE B 264 14.71 -20.36 14.68
CA PHE B 264 14.38 -21.76 14.48
C PHE B 264 14.83 -22.21 13.10
N SER B 265 16.08 -21.89 12.75
CA SER B 265 16.60 -22.20 11.43
C SER B 265 17.42 -23.47 11.44
N ILE B 266 16.89 -24.51 10.82
CA ILE B 266 17.64 -25.75 10.64
C ILE B 266 18.91 -25.42 9.87
N HIS B 267 18.77 -24.56 8.87
CA HIS B 267 19.89 -24.16 8.04
C HIS B 267 21.01 -23.55 8.88
N GLY B 268 20.64 -22.65 9.78
CA GLY B 268 21.61 -21.98 10.65
C GLY B 268 22.36 -22.98 11.51
N PHE B 269 21.63 -23.98 11.99
CA PHE B 269 22.23 -25.06 12.75
C PHE B 269 23.21 -25.84 11.88
N ILE B 270 22.74 -26.25 10.70
CA ILE B 270 23.58 -26.98 9.77
C ILE B 270 24.87 -26.21 9.45
N GLN B 271 24.74 -24.92 9.21
CA GLN B 271 25.90 -24.10 8.84
C GLN B 271 26.82 -23.86 10.02
N GLY B 272 26.25 -23.66 11.20
CA GLY B 272 27.07 -23.53 12.40
C GLY B 272 27.88 -24.81 12.61
N PHE B 273 27.17 -25.93 12.52
CA PHE B 273 27.79 -27.25 12.59
C PHE B 273 28.91 -27.36 11.54
N LYS B 274 28.59 -26.97 10.31
CA LYS B 274 29.58 -27.00 9.24
C LYS B 274 30.80 -26.17 9.61
N TYR B 275 30.56 -24.99 10.19
CA TYR B 275 31.66 -24.12 10.57
C TYR B 275 32.49 -24.76 11.66
N CYS B 276 31.83 -25.46 12.58
CA CYS B 276 32.54 -26.17 13.64
C CYS B 276 33.41 -27.28 13.05
N LEU B 277 32.82 -28.06 12.15
CA LEU B 277 33.54 -29.15 11.52
C LEU B 277 34.72 -28.63 10.73
N MET B 278 34.49 -27.58 9.95
CA MET B 278 35.55 -26.97 9.16
C MET B 278 36.64 -26.44 10.08
N GLU B 279 36.24 -25.70 11.11
CA GLU B 279 37.17 -25.15 12.08
C GLU B 279 37.93 -26.26 12.78
N HIS B 280 37.27 -27.41 12.94
CA HIS B 280 37.89 -28.55 13.56
C HIS B 280 38.97 -29.17 12.67
N PHE B 281 38.59 -29.59 11.47
CA PHE B 281 39.53 -30.31 10.59
C PHE B 281 40.66 -29.44 10.07
N PHE B 282 40.51 -28.12 10.16
CA PHE B 282 41.54 -27.22 9.65
C PHE B 282 42.68 -27.03 10.65
N GLY B 283 42.74 -27.90 11.65
CA GLY B 283 43.81 -27.87 12.62
C GLY B 283 45.11 -28.36 12.02
N GLY B 284 45.02 -29.25 11.04
CA GLY B 284 46.18 -29.77 10.36
C GLY B 284 45.92 -31.13 9.74
N ASN B 285 46.95 -31.73 9.16
CA ASN B 285 46.82 -33.05 8.58
C ASN B 285 46.61 -34.11 9.66
N ALA B 286 46.99 -33.76 10.89
CA ALA B 286 46.88 -34.69 12.00
C ALA B 286 45.43 -35.11 12.24
N PHE B 287 44.50 -34.22 11.93
CA PHE B 287 43.09 -34.49 12.14
C PHE B 287 42.49 -35.28 11.01
N ALA B 288 43.32 -35.74 10.08
CA ALA B 288 42.85 -36.58 8.99
C ALA B 288 42.58 -37.98 9.51
N LEU B 289 43.08 -38.26 10.71
CA LEU B 289 42.91 -39.56 11.33
C LEU B 289 41.44 -39.76 11.73
N CYS B 290 40.73 -38.67 11.90
CA CYS B 290 39.31 -38.70 12.28
C CYS B 290 38.44 -39.32 11.19
N THR B 291 38.58 -40.63 10.99
CA THR B 291 37.85 -41.32 9.96
C THR B 291 37.65 -42.75 10.41
N ASP B 292 36.98 -43.56 9.59
CA ASP B 292 36.95 -45.00 9.81
C ASP B 292 38.34 -45.52 10.15
N TYR B 293 38.39 -46.56 10.97
CA TYR B 293 39.64 -47.10 11.46
C TYR B 293 40.55 -47.56 10.33
N SER B 294 39.96 -47.94 9.21
CA SER B 294 40.73 -48.44 8.07
C SER B 294 41.41 -47.33 7.30
N LYS B 295 40.68 -46.24 7.06
CA LYS B 295 41.21 -45.12 6.29
C LYS B 295 42.22 -44.30 7.07
N ALA B 296 42.24 -44.48 8.39
CA ALA B 296 43.11 -43.68 9.24
C ALA B 296 44.56 -44.13 9.16
N LEU B 297 44.76 -45.44 9.01
CA LEU B 297 46.10 -46.01 9.04
C LEU B 297 46.95 -45.52 7.87
N GLY B 298 46.34 -45.33 6.71
CA GLY B 298 47.03 -44.77 5.57
C GLY B 298 47.51 -43.37 5.90
N ARG B 299 46.66 -42.63 6.61
CA ARG B 299 47.01 -41.28 7.00
C ARG B 299 48.13 -41.32 8.03
N ILE B 300 48.07 -42.28 8.95
CA ILE B 300 49.17 -42.50 9.89
C ILE B 300 50.46 -42.70 9.12
N LYS B 301 50.41 -43.55 8.10
CA LYS B 301 51.55 -43.73 7.21
C LYS B 301 51.97 -42.41 6.58
N GLN B 302 50.99 -41.63 6.14
CA GLN B 302 51.28 -40.37 5.45
C GLN B 302 51.68 -39.20 6.37
N LEU B 303 51.43 -39.32 7.68
CA LEU B 303 51.69 -38.22 8.60
C LEU B 303 53.15 -37.79 8.62
N THR B 304 53.41 -36.58 9.08
CA THR B 304 54.76 -36.04 9.17
C THR B 304 55.06 -35.51 10.57
N HIS B 305 56.31 -35.12 10.80
CA HIS B 305 56.78 -34.73 12.12
C HIS B 305 55.95 -33.61 12.74
N GLU B 306 55.54 -32.65 11.91
CA GLU B 306 54.74 -31.54 12.40
C GLU B 306 53.42 -32.04 12.98
N ASP B 307 52.83 -33.03 12.31
CA ASP B 307 51.59 -33.63 12.78
C ASP B 307 51.83 -34.40 14.07
N MET B 308 52.95 -35.11 14.15
CA MET B 308 53.32 -35.79 15.38
C MET B 308 53.48 -34.76 16.48
N GLU B 309 54.03 -33.61 16.14
CA GLU B 309 54.22 -32.55 17.11
C GLU B 309 52.86 -32.04 17.58
N THR B 310 51.97 -31.73 16.63
CA THR B 310 50.68 -31.15 17.00
C THR B 310 49.80 -32.16 17.72
N ILE B 311 49.99 -33.46 17.45
CA ILE B 311 49.25 -34.47 18.20
C ILE B 311 49.93 -34.74 19.53
N ARG B 312 51.23 -34.47 19.62
CA ARG B 312 51.92 -34.51 20.91
C ARG B 312 51.49 -33.33 21.79
N ARG B 313 51.33 -32.17 21.18
CA ARG B 313 51.05 -30.93 21.92
C ARG B 313 49.70 -30.92 22.61
N LEU B 314 48.68 -31.50 21.97
CA LEU B 314 47.32 -31.43 22.49
C LEU B 314 47.20 -32.10 23.86
N PRO B 315 46.15 -31.75 24.63
CA PRO B 315 45.97 -32.35 25.96
C PRO B 315 45.64 -33.84 25.90
N SER B 316 45.44 -34.45 27.06
CA SER B 316 45.12 -35.88 27.15
C SER B 316 46.22 -36.74 26.54
N PHE B 317 47.39 -36.15 26.35
CA PHE B 317 48.57 -36.84 25.84
C PHE B 317 49.64 -36.89 26.91
N ARG B 318 49.76 -35.79 27.65
CA ARG B 318 50.71 -35.72 28.76
C ARG B 318 50.34 -36.73 29.84
N PRO B 319 49.04 -36.84 30.18
CA PRO B 319 48.66 -37.87 31.15
C PRO B 319 48.99 -39.27 30.65
N TYR B 320 48.97 -39.45 29.34
CA TYR B 320 49.31 -40.74 28.74
C TYR B 320 50.82 -40.96 28.76
N VAL B 321 51.57 -39.89 28.55
CA VAL B 321 53.02 -39.96 28.64
C VAL B 321 53.46 -40.03 30.10
N GLU B 322 52.58 -39.60 31.00
CA GLU B 322 52.85 -39.70 32.44
C GLU B 322 52.57 -41.10 32.96
N GLN B 323 51.38 -41.62 32.70
CA GLN B 323 51.01 -42.96 33.13
C GLN B 323 51.73 -44.01 32.30
N ILE B 324 52.93 -44.38 32.74
CA ILE B 324 53.76 -45.34 32.01
C ILE B 324 55.06 -45.63 32.75
N ASN B 325 55.53 -46.87 32.64
CA ASN B 325 56.83 -47.27 33.18
C ASN B 325 57.81 -47.56 32.06
N ASP B 326 59.06 -47.84 32.42
CA ASP B 326 60.13 -48.02 31.45
C ASP B 326 60.32 -46.73 30.64
N CYS B 327 61.10 -45.81 31.18
CA CYS B 327 61.21 -44.46 30.63
C CYS B 327 61.81 -44.43 29.23
N LYS B 328 62.47 -45.51 28.83
CA LYS B 328 63.01 -45.60 27.48
C LYS B 328 61.86 -45.52 26.48
N ARG B 329 60.72 -46.07 26.87
CA ARG B 329 59.52 -45.99 26.05
C ARG B 329 58.98 -44.55 26.04
N ILE B 330 59.08 -43.88 27.18
CA ILE B 330 58.67 -42.48 27.27
C ILE B 330 59.48 -41.64 26.30
N ILE B 331 60.80 -41.80 26.33
CA ILE B 331 61.68 -41.08 25.41
C ILE B 331 61.45 -41.56 23.97
N ALA B 332 61.15 -42.84 23.81
CA ALA B 332 60.82 -43.37 22.50
C ALA B 332 59.59 -42.66 21.94
N VAL B 333 58.60 -42.42 22.80
CA VAL B 333 57.41 -41.68 22.40
C VAL B 333 57.73 -40.23 22.09
N LEU B 334 58.36 -39.56 23.05
CA LEU B 334 58.66 -38.13 22.91
C LEU B 334 59.60 -37.81 21.76
N THR B 335 60.52 -38.73 21.47
CA THR B 335 61.56 -38.48 20.46
C THR B 335 61.23 -39.12 19.12
N ASP B 336 61.14 -40.45 19.10
CA ASP B 336 60.95 -41.19 17.87
C ASP B 336 59.51 -41.16 17.38
N ASP B 337 59.32 -40.70 16.15
CA ASP B 337 57.97 -40.61 15.57
C ASP B 337 57.47 -41.97 15.13
N ASP B 338 58.35 -42.75 14.52
CA ASP B 338 57.97 -44.06 13.99
C ASP B 338 57.44 -44.97 15.10
N TYR B 339 57.93 -44.77 16.31
CA TYR B 339 57.47 -45.57 17.45
C TYR B 339 56.12 -45.06 17.92
N LEU B 340 55.93 -43.75 17.92
CA LEU B 340 54.66 -43.16 18.30
C LEU B 340 53.60 -43.51 17.28
N LYS B 341 54.01 -43.62 16.02
CA LYS B 341 53.11 -43.98 14.94
C LYS B 341 52.68 -45.44 14.98
N LYS B 342 53.22 -46.18 15.95
CA LYS B 342 52.79 -47.56 16.18
C LYS B 342 51.73 -47.63 17.26
N LYS B 343 51.70 -46.62 18.13
CA LYS B 343 50.69 -46.56 19.18
C LYS B 343 49.35 -46.05 18.65
N LEU B 344 49.42 -45.18 17.65
CA LEU B 344 48.23 -44.56 17.06
C LEU B 344 47.12 -45.56 16.69
N PRO B 345 47.49 -46.66 16.00
CA PRO B 345 46.43 -47.60 15.63
C PRO B 345 45.75 -48.27 16.82
N GLN B 346 46.35 -48.15 18.01
CA GLN B 346 45.73 -48.67 19.22
C GLN B 346 44.97 -47.56 19.93
N LEU B 347 45.58 -46.38 20.02
CA LEU B 347 44.93 -45.24 20.65
C LEU B 347 43.64 -44.86 19.92
N LEU B 348 43.75 -44.66 18.61
CA LEU B 348 42.61 -44.35 17.77
C LEU B 348 41.53 -45.42 17.91
N ARG B 349 41.97 -46.67 17.89
CA ARG B 349 41.09 -47.82 18.10
C ARG B 349 40.32 -47.68 19.41
N ASP B 350 41.05 -47.37 20.48
CA ASP B 350 40.44 -47.18 21.79
C ASP B 350 39.44 -46.04 21.81
N CYS B 351 39.81 -44.91 21.20
CA CYS B 351 38.92 -43.75 21.12
C CYS B 351 37.63 -44.07 20.38
N LEU B 352 37.76 -44.54 19.14
CA LEU B 352 36.60 -44.92 18.34
C LEU B 352 35.72 -45.94 19.06
N LEU B 353 36.34 -47.01 19.55
CA LEU B 353 35.60 -48.03 20.30
C LEU B 353 34.92 -47.40 21.50
N HIS B 354 35.62 -46.48 22.17
CA HIS B 354 35.09 -45.84 23.36
C HIS B 354 33.81 -45.06 23.03
N PHE B 355 33.87 -44.20 22.03
CA PHE B 355 32.70 -43.42 21.64
C PHE B 355 31.57 -44.31 21.11
N LEU B 356 31.94 -45.40 20.44
CA LEU B 356 30.95 -46.39 20.05
C LEU B 356 30.19 -46.88 21.28
N LEU B 357 30.96 -47.36 22.27
CA LEU B 357 30.40 -47.80 23.54
C LEU B 357 29.61 -46.67 24.20
N PHE B 358 30.11 -45.45 24.05
CA PHE B 358 29.46 -44.27 24.61
C PHE B 358 28.04 -44.09 24.07
N ARG B 359 27.92 -44.10 22.75
CA ARG B 359 26.60 -44.01 22.13
C ARG B 359 25.73 -45.20 22.53
N CYS B 360 26.31 -46.39 22.46
CA CYS B 360 25.59 -47.59 22.84
C CYS B 360 25.09 -47.51 24.28
N SER B 361 25.87 -46.85 25.14
CA SER B 361 25.48 -46.64 26.53
C SER B 361 24.41 -45.57 26.68
N LEU B 362 24.52 -44.51 25.89
CA LEU B 362 23.49 -43.47 25.84
C LEU B 362 22.13 -44.04 25.49
N GLU B 363 22.11 -44.87 24.44
CA GLU B 363 20.87 -45.50 23.99
C GLU B 363 20.18 -46.29 25.10
N PHE B 364 20.97 -46.79 26.04
CA PHE B 364 20.44 -47.57 27.16
C PHE B 364 20.03 -46.69 28.33
N LEU B 365 20.91 -45.77 28.72
CA LEU B 365 20.63 -44.90 29.85
C LEU B 365 19.45 -43.96 29.60
N THR B 366 19.33 -43.48 28.36
CA THR B 366 18.26 -42.53 28.03
C THR B 366 16.86 -43.12 28.24
N GLU B 367 16.72 -44.41 27.96
CA GLU B 367 15.47 -45.12 28.19
C GLU B 367 15.19 -45.25 29.68
N LEU B 368 16.25 -45.26 30.46
CA LEU B 368 16.14 -45.44 31.90
C LEU B 368 15.92 -44.11 32.64
N VAL B 369 16.53 -43.04 32.13
CA VAL B 369 16.43 -41.73 32.77
C VAL B 369 15.27 -40.88 32.21
N GLY B 370 14.96 -41.09 30.94
CA GLY B 370 13.96 -40.27 30.28
C GLY B 370 12.55 -40.40 30.83
N ASP B 371 12.09 -41.63 30.99
CA ASP B 371 10.70 -41.90 31.35
C ASP B 371 10.31 -41.26 32.67
N LEU B 372 11.28 -41.15 33.58
CA LEU B 372 11.03 -40.63 34.93
C LEU B 372 10.45 -39.23 34.91
N PRO B 373 9.70 -38.87 35.97
CA PRO B 373 9.20 -37.49 36.09
C PRO B 373 10.33 -36.54 36.45
N ARG B 374 10.01 -35.25 36.60
CA ARG B 374 11.01 -34.22 36.87
C ARG B 374 12.02 -34.06 35.73
N CYS B 375 12.62 -35.17 35.30
CA CYS B 375 13.61 -35.17 34.22
C CYS B 375 14.80 -34.31 34.58
N PRO B 376 15.48 -34.64 35.68
CA PRO B 376 16.58 -33.83 36.22
C PRO B 376 17.85 -33.95 35.41
N LEU B 377 18.19 -35.18 35.03
CA LEU B 377 19.42 -35.44 34.29
C LEU B 377 19.22 -35.28 32.79
N GLY B 378 18.02 -35.64 32.32
CA GLY B 378 17.70 -35.48 30.91
C GLY B 378 16.47 -36.27 30.49
N LYS B 379 15.98 -35.95 29.30
CA LYS B 379 14.80 -36.59 28.73
C LYS B 379 15.11 -37.12 27.33
N LEU B 380 15.89 -36.33 26.59
CA LEU B 380 16.31 -36.71 25.25
C LEU B 380 17.77 -37.14 25.25
N ARG B 381 18.16 -37.92 24.24
CA ARG B 381 19.52 -38.44 24.15
C ARG B 381 20.55 -37.32 24.06
N ARG B 382 20.18 -36.21 23.42
CA ARG B 382 21.06 -35.06 23.30
C ARG B 382 21.36 -34.42 24.65
N GLU B 383 20.32 -34.29 25.48
CA GLU B 383 20.47 -33.74 26.82
C GLU B 383 21.45 -34.59 27.64
N LEU B 384 21.26 -35.90 27.60
CA LEU B 384 22.18 -36.81 28.28
C LEU B 384 23.58 -36.65 27.72
N TYR B 385 23.69 -36.69 26.39
CA TYR B 385 24.98 -36.51 25.71
C TYR B 385 25.72 -35.30 26.26
N VAL B 386 25.06 -34.15 26.25
CA VAL B 386 25.66 -32.93 26.77
C VAL B 386 26.03 -33.09 28.25
N ASN B 387 25.05 -33.48 29.06
CA ASN B 387 25.26 -33.61 30.50
C ASN B 387 26.36 -34.61 30.85
N CYS B 388 26.56 -35.60 29.99
CA CYS B 388 27.55 -36.64 30.25
C CYS B 388 28.93 -36.17 29.81
N LEU B 389 29.01 -35.56 28.64
CA LEU B 389 30.28 -35.03 28.15
C LEU B 389 30.78 -33.92 29.06
N ASN B 390 29.86 -33.09 29.55
CA ASN B 390 30.24 -31.97 30.40
C ASN B 390 30.85 -32.42 31.74
N ARG B 391 30.08 -33.17 32.50
CA ARG B 391 30.50 -33.59 33.84
C ARG B 391 30.26 -35.07 34.06
N ALA B 392 30.87 -35.61 35.11
CA ALA B 392 30.69 -37.00 35.48
C ALA B 392 29.26 -37.25 35.95
N ILE B 393 28.69 -38.37 35.55
CA ILE B 393 27.30 -38.67 35.86
C ILE B 393 27.12 -39.07 37.33
N ILE B 394 28.11 -39.77 37.88
CA ILE B 394 28.01 -40.30 39.24
C ILE B 394 28.12 -39.20 40.29
N SER B 395 28.86 -38.14 39.97
CA SER B 395 29.12 -37.08 40.92
C SER B 395 27.92 -36.15 41.11
N THR B 396 27.19 -35.91 40.03
CA THR B 396 26.09 -34.95 40.05
C THR B 396 24.90 -35.52 40.83
N PRO B 397 24.21 -34.66 41.61
CA PRO B 397 23.11 -35.16 42.44
C PRO B 397 21.87 -35.56 41.63
N GLU B 398 21.80 -35.14 40.38
CA GLU B 398 20.66 -35.48 39.53
C GLU B 398 20.60 -36.99 39.33
N TYR B 399 21.75 -37.58 39.06
CA TYR B 399 21.85 -39.02 38.89
C TYR B 399 21.48 -39.75 40.18
N LYS B 400 21.98 -39.24 41.30
CA LYS B 400 21.66 -39.81 42.61
C LYS B 400 20.16 -39.76 42.81
N GLU B 401 19.55 -38.63 42.46
CA GLU B 401 18.10 -38.47 42.55
C GLU B 401 17.41 -39.48 41.66
N CYS B 402 17.92 -39.64 40.44
CA CYS B 402 17.36 -40.62 39.51
C CYS B 402 17.39 -42.02 40.09
N LEU B 403 18.51 -42.37 40.73
CA LEU B 403 18.62 -43.65 41.41
C LEU B 403 17.59 -43.74 42.53
N GLN B 404 17.51 -42.69 43.34
CA GLN B 404 16.55 -42.64 44.44
C GLN B 404 15.13 -42.81 43.92
N MET B 405 14.86 -42.24 42.75
CA MET B 405 13.54 -42.35 42.14
C MET B 405 13.31 -43.75 41.58
N LEU B 406 14.35 -44.32 40.98
CA LEU B 406 14.26 -45.66 40.39
C LEU B 406 14.00 -46.75 41.43
N SER B 407 14.51 -46.52 42.63
CA SER B 407 14.45 -47.54 43.68
C SER B 407 13.09 -47.59 44.38
N PHE B 408 12.10 -46.89 43.83
CA PHE B 408 10.80 -46.80 44.46
C PHE B 408 9.67 -47.42 43.63
N LEU B 409 9.81 -47.41 42.31
CA LEU B 409 8.77 -47.97 41.44
C LEU B 409 8.62 -49.46 41.71
N SER B 410 9.66 -50.22 41.38
CA SER B 410 9.68 -51.66 41.61
C SER B 410 8.54 -52.38 40.89
N LYS B 411 8.38 -53.67 41.19
CA LYS B 411 7.33 -54.48 40.60
C LYS B 411 7.45 -54.52 39.08
N ASP B 412 6.35 -54.82 38.39
CA ASP B 412 6.37 -55.01 36.95
C ASP B 412 6.86 -53.78 36.19
N GLU B 413 6.67 -52.61 36.77
CA GLU B 413 7.07 -51.36 36.11
C GLU B 413 8.58 -51.29 35.90
N PHE B 414 9.34 -51.47 36.97
CA PHE B 414 10.80 -51.43 36.89
C PHE B 414 11.34 -52.51 35.96
N VAL B 415 10.86 -53.73 36.15
CA VAL B 415 11.26 -54.85 35.31
C VAL B 415 11.01 -54.53 33.84
N ALA B 416 9.78 -54.13 33.54
CA ALA B 416 9.40 -53.76 32.17
C ALA B 416 10.29 -52.63 31.66
N LYS B 417 10.59 -51.67 32.53
CA LYS B 417 11.43 -50.54 32.16
C LYS B 417 12.83 -50.98 31.73
N VAL B 418 13.51 -51.70 32.62
CA VAL B 418 14.85 -52.19 32.32
C VAL B 418 14.81 -53.10 31.10
N ASN B 419 13.73 -53.88 30.98
CA ASN B 419 13.54 -54.72 29.80
C ASN B 419 13.45 -53.88 28.53
N ARG B 420 12.71 -52.79 28.58
CA ARG B 420 12.62 -51.87 27.45
C ARG B 420 14.00 -51.31 27.12
N ALA B 421 14.73 -50.91 28.16
CA ALA B 421 16.09 -50.42 27.97
C ALA B 421 16.96 -51.44 27.25
N LEU B 422 16.98 -52.67 27.78
CA LEU B 422 17.78 -53.74 27.21
C LEU B 422 17.38 -54.07 25.77
N GLU B 423 16.07 -54.18 25.52
CA GLU B 423 15.57 -54.41 24.17
C GLU B 423 16.02 -53.29 23.23
N ARG B 424 15.93 -52.05 23.71
CA ARG B 424 16.33 -50.91 22.90
C ARG B 424 17.81 -50.97 22.56
N THR B 425 18.67 -51.11 23.57
CA THR B 425 20.11 -51.13 23.33
C THR B 425 20.49 -52.33 22.46
N GLU B 426 19.82 -53.46 22.66
CA GLU B 426 20.04 -54.63 21.81
C GLU B 426 19.71 -54.33 20.36
N GLN B 427 18.47 -53.90 20.12
CA GLN B 427 18.03 -53.54 18.78
C GLN B 427 19.01 -52.54 18.15
N PHE B 428 19.45 -51.57 18.95
CA PHE B 428 20.42 -50.60 18.48
C PHE B 428 21.73 -51.26 18.10
N LEU B 429 22.20 -52.19 18.93
CA LEU B 429 23.43 -52.91 18.64
C LEU B 429 23.31 -53.72 17.36
N VAL B 430 22.16 -54.34 17.15
CA VAL B 430 21.95 -55.13 15.95
C VAL B 430 21.83 -54.23 14.71
N GLU B 431 21.13 -53.10 14.86
CA GLU B 431 20.83 -52.24 13.72
C GLU B 431 21.91 -51.21 13.40
N GLU B 432 22.47 -50.59 14.42
CA GLU B 432 23.31 -49.40 14.24
C GLU B 432 24.80 -49.64 14.51
N ILE B 433 25.18 -50.85 14.91
CA ILE B 433 26.57 -51.18 15.21
C ILE B 433 27.09 -52.34 14.37
N ALA B 434 26.19 -53.24 14.01
CA ALA B 434 26.55 -54.40 13.19
C ALA B 434 27.26 -53.99 11.90
N PRO B 435 26.64 -53.12 11.09
CA PRO B 435 27.29 -52.81 9.81
C PRO B 435 28.60 -52.08 9.98
N LEU B 436 28.78 -51.42 11.13
CA LEU B 436 29.98 -50.64 11.37
C LEU B 436 31.16 -51.52 11.71
N GLU B 437 32.34 -51.14 11.22
CA GLU B 437 33.57 -51.81 11.63
C GLU B 437 33.80 -51.48 13.09
N LEU B 438 34.60 -52.31 13.76
CA LEU B 438 34.74 -52.25 15.22
C LEU B 438 33.39 -52.47 15.92
N GLY B 439 32.42 -53.00 15.18
CA GLY B 439 31.12 -53.30 15.75
C GLY B 439 31.15 -54.62 16.47
N GLU B 440 31.92 -55.55 15.93
CA GLU B 440 32.12 -56.85 16.57
C GLU B 440 32.74 -56.64 17.94
N ALA B 441 33.70 -55.73 18.02
CA ALA B 441 34.36 -55.41 19.27
C ALA B 441 33.37 -54.84 20.28
N CYS B 442 32.74 -53.74 19.91
CA CYS B 442 31.77 -53.08 20.76
C CYS B 442 30.69 -54.05 21.23
N THR B 443 30.17 -54.85 20.30
CA THR B 443 29.17 -55.85 20.63
C THR B 443 29.75 -56.88 21.60
N ALA B 444 30.98 -57.30 21.33
CA ALA B 444 31.66 -58.30 22.17
C ALA B 444 31.90 -57.78 23.57
N VAL B 445 32.14 -56.47 23.70
CA VAL B 445 32.34 -55.86 25.00
C VAL B 445 31.01 -55.62 25.73
N LEU B 446 30.02 -55.11 25.01
CA LEU B 446 28.78 -54.68 25.65
C LEU B 446 27.78 -55.82 25.90
N ARG B 447 27.63 -56.71 24.93
CA ARG B 447 26.60 -57.76 24.98
C ARG B 447 26.61 -58.58 26.28
N PRO B 448 27.80 -59.03 26.72
CA PRO B 448 27.81 -59.85 27.94
C PRO B 448 27.31 -59.08 29.17
N LYS B 449 27.57 -57.77 29.22
CA LYS B 449 27.09 -56.95 30.32
C LYS B 449 25.58 -56.86 30.26
N LEU B 450 25.04 -56.71 29.06
CA LEU B 450 23.59 -56.67 28.86
C LEU B 450 22.98 -58.00 29.27
N GLU B 451 23.67 -59.10 28.95
CA GLU B 451 23.22 -60.42 29.38
C GLU B 451 23.23 -60.53 30.89
N ALA B 452 24.33 -60.07 31.50
CA ALA B 452 24.46 -60.07 32.96
C ALA B 452 23.33 -59.29 33.61
N ILE B 453 23.06 -58.10 33.09
CA ILE B 453 21.96 -57.28 33.59
C ILE B 453 20.64 -58.02 33.38
N ARG B 454 20.45 -58.61 32.20
CA ARG B 454 19.23 -59.34 31.88
C ARG B 454 19.00 -60.45 32.90
N LEU B 455 20.08 -61.15 33.26
CA LEU B 455 20.01 -62.17 34.29
C LEU B 455 19.68 -61.54 35.65
N ALA B 456 20.33 -60.42 35.94
CA ALA B 456 20.08 -59.69 37.17
C ALA B 456 18.63 -59.21 37.26
N VAL B 457 18.02 -58.98 36.10
CA VAL B 457 16.61 -58.63 36.05
C VAL B 457 15.74 -59.87 36.20
N ASP B 458 16.13 -60.94 35.52
CA ASP B 458 15.42 -62.22 35.62
C ASP B 458 15.45 -62.73 37.05
N GLU B 459 16.49 -62.36 37.79
CA GLU B 459 16.56 -62.65 39.21
C GLU B 459 15.42 -61.96 39.96
N VAL B 460 15.05 -60.78 39.47
CA VAL B 460 13.95 -60.01 40.04
C VAL B 460 12.64 -60.31 39.33
N GLY B 517 13.75 -55.99 46.00
CA GLY B 517 14.16 -54.91 46.89
C GLY B 517 15.67 -54.77 47.00
N ARG B 518 16.37 -55.89 47.18
CA ARG B 518 17.82 -55.89 47.28
C ARG B 518 18.44 -56.17 45.92
N ALA B 519 17.91 -57.18 45.23
CA ALA B 519 18.33 -57.49 43.87
C ALA B 519 18.07 -56.31 42.94
N LEU B 520 17.14 -55.46 43.35
CA LEU B 520 16.87 -54.21 42.66
C LEU B 520 18.12 -53.33 42.68
N GLN B 521 18.56 -52.98 43.88
CA GLN B 521 19.74 -52.13 44.05
C GLN B 521 20.98 -52.84 43.53
N LYS B 522 20.97 -54.17 43.57
CA LYS B 522 22.03 -54.95 42.95
C LYS B 522 22.06 -54.69 41.45
N THR B 523 20.91 -54.81 40.81
CA THR B 523 20.79 -54.59 39.38
C THR B 523 21.20 -53.16 39.03
N LEU B 524 20.69 -52.18 39.77
CA LEU B 524 21.06 -50.79 39.55
C LEU B 524 22.56 -50.60 39.68
N GLN B 525 23.14 -51.14 40.74
CA GLN B 525 24.58 -51.07 40.96
C GLN B 525 25.34 -51.70 39.80
N LEU B 526 24.86 -52.84 39.34
CA LEU B 526 25.46 -53.53 38.20
C LEU B 526 25.44 -52.65 36.97
N ILE B 527 24.28 -52.08 36.65
CA ILE B 527 24.14 -51.16 35.54
C ILE B 527 25.12 -50.00 35.65
N GLU B 528 25.15 -49.39 36.83
CA GLU B 528 26.07 -48.28 37.10
C GLU B 528 27.52 -48.65 36.85
N THR B 529 27.98 -49.74 37.46
CA THR B 529 29.39 -50.09 37.35
C THR B 529 29.76 -50.63 35.98
N GLN B 530 28.82 -51.33 35.34
CA GLN B 530 29.09 -51.95 34.05
C GLN B 530 28.97 -50.99 32.87
N ILE B 531 28.08 -50.00 32.98
CA ILE B 531 27.86 -49.05 31.89
C ILE B 531 28.31 -47.63 32.24
N VAL B 532 27.55 -46.98 33.12
CA VAL B 532 27.74 -45.57 33.44
C VAL B 532 29.17 -45.21 33.84
N GLN B 533 29.78 -46.02 34.69
CA GLN B 533 31.09 -45.71 35.22
C GLN B 533 32.18 -45.71 34.15
N ASP B 534 32.24 -46.80 33.38
CA ASP B 534 33.37 -47.04 32.50
C ASP B 534 33.13 -46.58 31.06
N HIS B 535 31.88 -46.58 30.62
CA HIS B 535 31.56 -46.19 29.24
C HIS B 535 31.18 -44.72 29.13
N LEU B 536 30.22 -44.29 29.93
CA LEU B 536 29.72 -42.91 29.87
C LEU B 536 30.61 -41.94 30.66
N ARG B 537 31.92 -42.01 30.41
CA ARG B 537 32.86 -41.16 31.12
C ARG B 537 32.80 -39.73 30.55
N ALA B 538 33.22 -38.76 31.35
CA ALA B 538 33.23 -37.37 30.92
C ALA B 538 34.30 -37.15 29.86
N LEU B 539 34.50 -35.90 29.46
CA LEU B 539 35.51 -35.56 28.47
C LEU B 539 36.87 -35.50 29.14
N GLN B 540 36.90 -34.99 30.37
CA GLN B 540 38.15 -34.94 31.13
C GLN B 540 38.70 -36.35 31.28
N ASP B 541 37.87 -37.25 31.81
CA ASP B 541 38.21 -38.66 31.93
C ASP B 541 37.82 -39.39 30.64
N ALA B 542 38.66 -39.26 29.62
CA ALA B 542 38.40 -39.90 28.33
C ALA B 542 39.69 -40.45 27.75
N PRO B 543 39.58 -41.40 26.80
CA PRO B 543 40.76 -42.08 26.25
C PRO B 543 41.84 -41.12 25.77
N PRO B 544 43.09 -41.60 25.67
CA PRO B 544 44.20 -40.75 25.23
C PRO B 544 43.99 -40.21 23.83
N ILE B 545 44.21 -38.91 23.66
CA ILE B 545 43.97 -38.25 22.38
C ILE B 545 42.48 -38.40 22.01
N HIS B 546 41.61 -38.05 22.95
CA HIS B 546 40.17 -38.03 22.67
C HIS B 546 39.83 -36.86 21.77
N GLU B 547 40.82 -36.00 21.54
CA GLU B 547 40.67 -34.91 20.59
C GLU B 547 40.56 -35.49 19.19
N LEU B 548 40.67 -34.62 18.18
CA LEU B 548 40.54 -35.05 16.79
C LEU B 548 39.11 -35.53 16.50
N PHE B 549 38.57 -36.40 17.36
CA PHE B 549 37.20 -36.86 17.21
C PHE B 549 36.20 -35.95 17.90
N VAL B 550 36.66 -35.20 18.90
CA VAL B 550 35.82 -34.26 19.62
C VAL B 550 36.28 -32.84 19.32
N PHE B 551 35.34 -31.91 19.30
CA PHE B 551 35.65 -30.51 19.00
C PHE B 551 35.17 -29.57 20.09
N SER B 552 36.11 -29.08 20.89
CA SER B 552 35.82 -28.04 21.88
C SER B 552 36.11 -26.68 21.25
N ASP B 553 36.81 -25.80 21.96
CA ASP B 553 37.14 -24.47 21.43
C ASP B 553 35.88 -23.74 21.00
N ILE B 554 34.87 -23.81 21.86
CA ILE B 554 33.56 -23.25 21.54
C ILE B 554 33.60 -21.72 21.51
N ALA B 555 34.44 -21.12 22.34
CA ALA B 555 34.46 -19.68 22.49
C ALA B 555 34.75 -18.96 21.17
N THR B 556 35.83 -19.37 20.51
CA THR B 556 36.24 -18.71 19.27
C THR B 556 35.14 -18.82 18.20
N VAL B 557 34.71 -20.04 17.93
CA VAL B 557 33.64 -20.29 16.98
C VAL B 557 32.39 -19.48 17.34
N ARG B 558 32.09 -19.47 18.63
CA ARG B 558 30.95 -18.72 19.14
C ARG B 558 31.08 -17.24 18.78
N ARG B 559 32.26 -16.68 19.03
CA ARG B 559 32.52 -15.29 18.67
C ARG B 559 32.40 -15.06 17.16
N ASN B 560 32.91 -16.01 16.38
CA ASN B 560 32.89 -15.89 14.93
C ASN B 560 31.50 -16.05 14.31
N ILE B 561 30.63 -16.83 14.95
CA ILE B 561 29.26 -16.99 14.46
C ILE B 561 28.28 -15.96 15.00
N ILE B 562 28.32 -15.71 16.31
CA ILE B 562 27.26 -14.96 16.98
C ILE B 562 27.23 -13.48 16.59
N GLY B 563 28.39 -12.85 16.52
CA GLY B 563 28.49 -11.44 16.13
C GLY B 563 27.86 -10.43 17.07
N ALA B 564 28.52 -10.14 18.17
CA ALA B 564 28.12 -9.07 19.08
C ALA B 564 29.05 -7.87 19.07
N PRO B 565 28.95 -7.01 18.06
CA PRO B 565 29.91 -5.94 17.82
C PRO B 565 29.86 -4.79 18.82
N ARG B 566 28.67 -4.45 19.32
CA ARG B 566 28.52 -3.28 20.17
C ARG B 566 29.37 -3.42 21.43
N ALA B 567 29.51 -4.64 21.92
CA ALA B 567 30.37 -4.92 23.06
C ALA B 567 31.82 -4.64 22.71
N ALA B 568 32.23 -5.08 21.53
CA ALA B 568 33.59 -4.87 21.05
C ALA B 568 33.88 -3.39 20.89
N LEU B 569 32.95 -2.66 20.30
CA LEU B 569 33.09 -1.22 20.14
C LEU B 569 33.18 -0.56 21.51
N HIS B 570 32.28 -0.94 22.41
CA HIS B 570 32.27 -0.41 23.77
C HIS B 570 33.62 -0.60 24.45
N THR B 571 34.08 -1.84 24.54
CA THR B 571 35.35 -2.13 25.21
C THR B 571 36.53 -1.55 24.44
N ALA B 572 36.40 -1.42 23.12
CA ALA B 572 37.45 -0.82 22.31
C ALA B 572 37.50 0.68 22.48
N LEU B 573 36.35 1.27 22.79
CA LEU B 573 36.25 2.73 22.99
C LEU B 573 36.56 3.13 24.43
N ASN B 574 36.27 2.24 25.40
CA ASN B 574 36.57 2.51 26.80
C ASN B 574 38.08 2.47 27.07
N ASN B 575 38.63 1.26 27.12
CA ASN B 575 40.08 1.08 27.25
C ASN B 575 40.64 0.35 26.02
N PRO B 576 41.48 1.03 25.24
CA PRO B 576 42.07 0.34 24.09
C PRO B 576 42.94 -0.85 24.48
N HIS B 577 42.60 -2.04 23.99
CA HIS B 577 43.35 -3.25 24.29
C HIS B 577 44.72 -3.25 23.62
N PHE B 578 44.92 -2.34 22.66
CA PHE B 578 46.17 -2.30 21.91
C PHE B 578 47.26 -1.56 22.67
N PRO B 598 44.08 9.33 21.77
CA PRO B 598 42.79 8.68 22.03
C PRO B 598 41.66 9.69 22.27
N ASP B 599 41.60 10.72 21.42
CA ASP B 599 40.57 11.75 21.54
C ASP B 599 39.18 11.15 21.53
N LEU B 600 38.95 10.28 20.56
CA LEU B 600 37.66 9.60 20.39
C LEU B 600 37.19 8.96 21.69
N SER B 601 38.11 8.30 22.38
CA SER B 601 37.80 7.64 23.63
C SER B 601 37.35 8.65 24.68
N VAL B 602 38.09 9.75 24.81
CA VAL B 602 37.75 10.78 25.77
C VAL B 602 36.38 11.36 25.47
N VAL B 603 36.16 11.68 24.20
CA VAL B 603 34.88 12.19 23.75
C VAL B 603 33.78 11.20 24.10
N TYR B 604 34.07 9.91 23.91
CA TYR B 604 33.14 8.85 24.27
C TYR B 604 32.88 8.84 25.78
N LYS B 605 33.94 9.00 26.56
CA LYS B 605 33.83 8.99 28.01
C LYS B 605 32.94 10.14 28.49
N LEU B 606 33.20 11.34 27.98
CA LEU B 606 32.35 12.49 28.30
C LEU B 606 30.92 12.22 27.85
N HIS B 607 30.80 11.74 26.62
CA HIS B 607 29.50 11.37 26.05
C HIS B 607 28.74 10.43 26.97
N LEU B 608 29.45 9.49 27.59
CA LEU B 608 28.84 8.65 28.61
C LEU B 608 28.49 9.47 29.85
N GLU B 609 29.42 10.29 30.30
CA GLU B 609 29.23 11.09 31.51
C GLU B 609 28.03 12.03 31.41
N CYS B 610 27.72 12.47 30.20
CA CYS B 610 26.61 13.42 29.99
C CYS B 610 25.24 12.99 30.51
N GLY B 611 24.61 12.01 29.86
CA GLY B 611 23.29 11.56 30.26
C GLY B 611 22.35 11.20 29.12
N ARG B 612 21.86 12.20 28.40
CA ARG B 612 20.92 11.98 27.31
C ARG B 612 21.03 13.07 26.25
N MET B 613 21.26 14.30 26.68
CA MET B 613 21.37 15.43 25.78
C MET B 613 22.65 16.20 26.11
N ILE B 614 23.33 16.68 25.08
CA ILE B 614 24.67 17.23 25.23
C ILE B 614 24.86 18.57 24.51
N ASN B 615 25.08 19.62 25.28
CA ASN B 615 25.51 20.90 24.72
C ASN B 615 26.91 20.77 24.13
N LEU B 616 27.10 21.26 22.92
CA LEU B 616 28.35 21.09 22.21
C LEU B 616 29.48 21.89 22.85
N PHE B 617 29.17 23.10 23.31
CA PHE B 617 30.20 23.99 23.83
C PHE B 617 30.90 23.40 25.05
N ASP B 618 30.15 23.10 26.10
CA ASP B 618 30.74 22.57 27.33
C ASP B 618 31.40 21.23 27.08
N TRP B 619 30.87 20.49 26.13
CA TRP B 619 31.47 19.24 25.71
C TRP B 619 32.87 19.52 25.17
N LEU B 620 32.95 20.48 24.26
CA LEU B 620 34.22 20.90 23.69
C LEU B 620 35.16 21.44 24.77
N GLN B 621 34.62 22.24 25.68
CA GLN B 621 35.41 22.86 26.74
C GLN B 621 35.96 21.80 27.68
N ALA B 622 35.13 20.81 28.00
CA ALA B 622 35.56 19.69 28.84
C ALA B 622 36.64 18.91 28.12
N PHE B 623 36.39 18.59 26.85
CA PHE B 623 37.38 17.94 26.02
C PHE B 623 38.65 18.77 25.94
N ARG B 624 38.49 20.09 26.01
CA ARG B 624 39.64 20.98 26.03
C ARG B 624 40.30 21.00 27.41
N SER B 625 39.49 20.80 28.44
CA SER B 625 40.00 20.77 29.81
C SER B 625 40.85 19.52 30.03
N VAL B 626 40.39 18.39 29.49
CA VAL B 626 41.13 17.14 29.58
C VAL B 626 42.48 17.25 28.85
N VAL B 627 42.42 17.62 27.58
CA VAL B 627 43.63 17.78 26.77
C VAL B 627 44.21 19.18 26.94
N PRO B 642 41.70 25.88 18.09
CA PRO B 642 41.95 25.82 16.64
C PRO B 642 42.18 24.40 16.12
N GLN B 643 43.29 23.78 16.52
CA GLN B 643 43.53 22.38 16.18
C GLN B 643 42.60 21.50 17.00
N ILE B 644 42.55 21.79 18.30
CA ILE B 644 41.75 21.01 19.24
C ILE B 644 40.28 21.02 18.85
N GLN B 645 39.80 22.17 18.39
CA GLN B 645 38.42 22.29 17.94
C GLN B 645 38.17 21.35 16.77
N ALA B 646 39.08 21.36 15.80
CA ALA B 646 39.00 20.46 14.65
C ALA B 646 38.97 19.01 15.10
N ARG B 647 39.89 18.65 15.99
CA ARG B 647 39.90 17.31 16.57
C ARG B 647 38.53 16.95 17.14
N PHE B 648 38.00 17.83 18.00
CA PHE B 648 36.70 17.62 18.62
C PHE B 648 35.61 17.40 17.58
N THR B 649 35.55 18.30 16.58
CA THR B 649 34.55 18.19 15.53
C THR B 649 34.63 16.84 14.83
N ARG B 650 35.82 16.46 14.37
CA ARG B 650 35.98 15.19 13.68
C ARG B 650 35.58 14.03 14.59
N ALA B 651 35.96 14.10 15.85
CA ALA B 651 35.58 13.07 16.82
C ALA B 651 34.06 12.95 16.90
N VAL B 652 33.39 14.08 17.13
CA VAL B 652 31.92 14.08 17.21
C VAL B 652 31.30 13.54 15.93
N ALA B 653 31.90 13.90 14.79
CA ALA B 653 31.44 13.39 13.51
C ALA B 653 31.60 11.87 13.43
N GLU B 654 32.71 11.37 13.97
CA GLU B 654 32.91 9.92 14.04
C GLU B 654 31.84 9.27 14.92
N LEU B 655 31.57 9.86 16.09
CA LEU B 655 30.49 9.37 16.93
C LEU B 655 29.16 9.39 16.19
N GLN B 656 28.93 10.44 15.42
CA GLN B 656 27.72 10.56 14.61
C GLN B 656 27.69 9.44 13.56
N PHE B 657 28.85 9.14 12.99
CA PHE B 657 28.96 8.09 11.98
C PHE B 657 28.71 6.71 12.58
N LEU B 658 29.24 6.48 13.78
CA LEU B 658 29.03 5.21 14.46
C LEU B 658 27.56 5.04 14.85
N GLY B 659 26.93 6.14 15.28
CA GLY B 659 25.54 6.12 15.68
C GLY B 659 25.36 6.15 17.18
N TYR B 660 26.33 6.70 17.89
CA TYR B 660 26.25 6.83 19.35
C TYR B 660 25.59 8.15 19.73
N ILE B 661 25.74 9.16 18.86
CA ILE B 661 25.14 10.47 19.09
C ILE B 661 24.37 10.94 17.86
N LYS B 662 23.28 11.66 18.10
CA LYS B 662 22.43 12.16 17.03
C LYS B 662 22.29 13.68 17.12
N MET B 663 22.43 14.34 15.98
CA MET B 663 22.30 15.79 15.93
C MET B 663 20.83 16.18 16.02
N SER B 664 20.41 16.63 17.20
CA SER B 664 19.00 16.93 17.44
C SER B 664 18.70 18.41 17.32
N LYS B 665 17.42 18.73 17.12
CA LYS B 665 16.95 20.11 17.06
C LYS B 665 16.05 20.42 18.24
N ARG B 666 16.04 19.53 19.23
CA ARG B 666 15.22 19.69 20.42
C ARG B 666 15.63 20.94 21.21
N LYS B 667 16.86 21.37 21.02
CA LYS B 667 17.37 22.58 21.67
C LYS B 667 18.50 23.18 20.84
N THR B 668 18.82 24.44 21.10
CA THR B 668 19.84 25.14 20.33
C THR B 668 21.21 24.49 20.48
N ASP B 669 21.67 23.84 19.42
CA ASP B 669 23.00 23.26 19.36
C ASP B 669 23.23 22.23 20.47
N HIS B 670 22.32 21.27 20.57
CA HIS B 670 22.44 20.17 21.52
C HIS B 670 22.30 18.83 20.79
N ALA B 671 23.18 17.89 21.13
CA ALA B 671 23.17 16.57 20.52
C ALA B 671 22.54 15.54 21.46
N THR B 672 21.73 14.64 20.91
CA THR B 672 21.04 13.63 21.71
C THR B 672 21.66 12.27 21.46
N ARG B 673 22.16 11.65 22.53
CA ARG B 673 22.76 10.33 22.43
C ARG B 673 21.68 9.25 22.37
N LEU B 674 21.93 8.23 21.56
CA LEU B 674 20.96 7.15 21.35
C LEU B 674 21.29 5.94 22.22
N THR B 675 22.55 5.82 22.62
CA THR B 675 22.96 4.73 23.49
C THR B 675 22.43 4.94 24.91
N TRP B 676 22.59 3.93 25.76
CA TRP B 676 22.10 3.99 27.13
C TRP B 676 23.27 4.12 28.12
N MET C 1 -37.90 -7.56 -28.79
CA MET C 1 -37.39 -7.41 -27.40
C MET C 1 -38.22 -8.21 -26.41
N GLU C 2 -39.51 -8.40 -26.73
CA GLU C 2 -40.42 -9.10 -25.84
C GLU C 2 -39.97 -10.55 -25.62
N ALA C 3 -39.37 -11.14 -26.64
CA ALA C 3 -38.89 -12.51 -26.55
C ALA C 3 -37.79 -12.62 -25.52
N ILE C 4 -36.95 -11.59 -25.43
CA ILE C 4 -35.86 -11.57 -24.48
C ILE C 4 -36.39 -11.63 -23.06
N CYS C 5 -37.27 -10.69 -22.72
CA CYS C 5 -37.90 -10.67 -21.42
C CYS C 5 -38.65 -11.97 -21.17
N SER C 6 -39.34 -12.44 -22.20
CA SER C 6 -40.04 -13.71 -22.13
C SER C 6 -39.06 -14.88 -21.92
N SER C 7 -37.84 -14.70 -22.41
CA SER C 7 -36.81 -15.72 -22.27
C SER C 7 -36.05 -15.62 -20.95
N LEU C 8 -36.00 -14.42 -20.38
CA LEU C 8 -35.28 -14.20 -19.12
C LEU C 8 -36.17 -14.37 -17.89
N GLU C 9 -37.47 -14.08 -18.03
CA GLU C 9 -38.39 -14.14 -16.90
C GLU C 9 -38.34 -15.47 -16.13
N PRO C 10 -38.32 -16.60 -16.86
CA PRO C 10 -38.22 -17.89 -16.18
C PRO C 10 -36.95 -18.01 -15.34
N LEU C 11 -35.81 -17.64 -15.91
CA LEU C 11 -34.53 -17.75 -15.22
C LEU C 11 -34.44 -16.78 -14.05
N PHE C 12 -35.05 -15.62 -14.19
CA PHE C 12 -35.01 -14.58 -13.17
C PHE C 12 -36.41 -14.16 -12.74
N PRO C 13 -36.93 -14.76 -11.66
CA PRO C 13 -38.26 -14.38 -11.18
C PRO C 13 -38.18 -13.19 -10.23
N CYS C 14 -39.30 -12.47 -10.08
CA CYS C 14 -39.35 -11.29 -9.23
C CYS C 14 -38.46 -10.18 -9.77
N ARG C 15 -38.18 -10.24 -11.07
CA ARG C 15 -37.33 -9.25 -11.72
C ARG C 15 -37.95 -8.83 -13.04
N GLU C 16 -39.28 -8.92 -13.12
CA GLU C 16 -39.97 -8.65 -14.36
C GLU C 16 -39.87 -7.18 -14.76
N ALA C 17 -40.09 -6.30 -13.79
CA ALA C 17 -40.04 -4.87 -14.06
C ALA C 17 -38.66 -4.43 -14.50
N ALA C 18 -37.64 -4.89 -13.77
CA ALA C 18 -36.26 -4.58 -14.10
C ALA C 18 -35.93 -5.06 -15.50
N ILE C 19 -36.29 -6.31 -15.79
CA ILE C 19 -36.10 -6.87 -17.12
C ILE C 19 -36.85 -6.06 -18.16
N GLU C 20 -38.04 -5.60 -17.80
CA GLU C 20 -38.86 -4.82 -18.72
C GLU C 20 -38.14 -3.52 -19.09
N THR C 21 -37.79 -2.72 -18.09
CA THR C 21 -37.13 -1.43 -18.37
C THR C 21 -35.79 -1.63 -19.04
N LEU C 22 -35.02 -2.56 -18.49
CA LEU C 22 -33.74 -2.94 -19.07
C LEU C 22 -33.96 -3.54 -20.46
N GLY C 23 -35.17 -4.01 -20.70
CA GLY C 23 -35.57 -4.43 -22.03
C GLY C 23 -35.98 -3.26 -22.91
N GLU C 24 -36.62 -2.25 -22.32
CA GLU C 24 -37.03 -1.06 -23.05
C GLU C 24 -35.81 -0.32 -23.59
N LEU C 25 -34.76 -0.25 -22.76
CA LEU C 25 -33.54 0.45 -23.15
C LEU C 25 -32.71 -0.29 -24.22
N ILE C 26 -32.56 -1.61 -24.09
CA ILE C 26 -31.63 -2.37 -24.93
C ILE C 26 -32.34 -3.49 -25.72
N GLY C 27 -33.63 -3.65 -25.49
CA GLY C 27 -34.41 -4.69 -26.15
C GLY C 27 -34.13 -4.99 -27.61
N ASP C 28 -34.23 -3.98 -28.47
CA ASP C 28 -34.16 -4.18 -29.92
C ASP C 28 -32.95 -3.46 -30.51
N SER C 29 -32.26 -4.11 -31.43
CA SER C 29 -31.08 -3.54 -32.08
C SER C 29 -31.46 -2.47 -33.06
N SER C 30 -32.59 -2.66 -33.72
CA SER C 30 -33.03 -1.71 -34.73
C SER C 30 -33.42 -0.38 -34.11
N GLU C 31 -33.59 -0.38 -32.79
CA GLU C 31 -33.82 0.87 -32.06
C GLU C 31 -32.53 1.36 -31.41
N THR C 32 -32.39 2.67 -31.30
CA THR C 32 -31.17 3.25 -30.78
C THR C 32 -30.99 2.96 -29.30
N TYR C 33 -29.76 2.69 -28.90
CA TYR C 33 -29.44 2.44 -27.51
C TYR C 33 -29.19 3.74 -26.74
N PRO C 34 -29.26 3.68 -25.39
CA PRO C 34 -29.07 4.88 -24.56
C PRO C 34 -27.62 5.33 -24.47
N SER C 35 -26.70 4.55 -25.02
CA SER C 35 -25.28 4.90 -25.07
C SER C 35 -24.56 4.72 -23.73
N ALA C 36 -25.31 4.56 -22.66
CA ALA C 36 -24.72 4.38 -21.34
C ALA C 36 -25.77 3.99 -20.30
N ILE C 37 -25.53 2.89 -19.62
CA ILE C 37 -26.43 2.42 -18.56
C ILE C 37 -25.64 2.03 -17.33
N TYR C 38 -26.21 2.27 -16.16
CA TYR C 38 -25.55 2.00 -14.90
C TYR C 38 -26.57 1.50 -13.90
N LEU C 39 -26.68 0.19 -13.77
CA LEU C 39 -27.56 -0.38 -12.76
C LEU C 39 -26.73 -0.75 -11.54
N PHE C 40 -27.19 -0.30 -10.37
CA PHE C 40 -26.48 -0.54 -9.13
C PHE C 40 -27.32 -1.41 -8.22
N GLY C 41 -26.65 -2.17 -7.35
CA GLY C 41 -27.32 -3.06 -6.42
C GLY C 41 -26.30 -3.89 -5.69
N HIS C 42 -26.65 -4.35 -4.50
CA HIS C 42 -25.70 -5.04 -3.64
C HIS C 42 -25.25 -6.35 -4.25
N SER C 43 -24.15 -6.90 -3.72
CA SER C 43 -23.65 -8.19 -4.19
C SER C 43 -24.69 -9.28 -4.00
N GLY C 44 -24.87 -10.11 -5.02
CA GLY C 44 -25.78 -11.23 -4.93
C GLY C 44 -27.19 -10.85 -5.27
N THR C 45 -27.36 -9.66 -5.82
CA THR C 45 -28.66 -9.21 -6.28
C THR C 45 -29.04 -9.93 -7.57
N GLY C 46 -28.03 -10.50 -8.22
CA GLY C 46 -28.25 -11.25 -9.45
C GLY C 46 -28.20 -10.33 -10.66
N LYS C 47 -27.45 -9.24 -10.53
CA LYS C 47 -27.36 -8.27 -11.61
C LYS C 47 -26.41 -8.75 -12.70
N THR C 48 -25.27 -9.32 -12.31
CA THR C 48 -24.29 -9.78 -13.28
C THR C 48 -24.84 -10.92 -14.14
N ALA C 49 -25.51 -11.87 -13.49
CA ALA C 49 -26.11 -12.99 -14.21
C ALA C 49 -27.23 -12.52 -15.12
N LEU C 50 -27.99 -11.53 -14.66
CA LEU C 50 -29.05 -10.94 -15.45
C LEU C 50 -28.50 -10.27 -16.70
N THR C 51 -27.50 -9.41 -16.51
CA THR C 51 -26.81 -8.77 -17.63
C THR C 51 -26.27 -9.80 -18.59
N ARG C 52 -25.59 -10.80 -18.04
CA ARG C 52 -24.99 -11.86 -18.84
C ARG C 52 -26.04 -12.56 -19.71
N ALA C 53 -27.10 -13.03 -19.08
CA ALA C 53 -28.17 -13.72 -19.80
C ALA C 53 -28.78 -12.82 -20.85
N PHE C 54 -28.99 -11.54 -20.50
CA PHE C 54 -29.54 -10.57 -21.42
C PHE C 54 -28.67 -10.47 -22.66
N LEU C 55 -27.39 -10.20 -22.46
CA LEU C 55 -26.41 -10.18 -23.55
C LEU C 55 -26.49 -11.45 -24.37
N LYS C 56 -26.50 -12.60 -23.71
CA LYS C 56 -26.55 -13.89 -24.39
C LYS C 56 -27.76 -13.98 -25.34
N GLU C 57 -28.96 -13.78 -24.79
CA GLU C 57 -30.18 -13.88 -25.57
C GLU C 57 -30.21 -12.86 -26.71
N CYS C 58 -29.77 -11.64 -26.43
CA CYS C 58 -29.67 -10.63 -27.48
C CYS C 58 -28.72 -11.10 -28.57
N GLY C 59 -27.58 -11.63 -28.16
CA GLY C 59 -26.59 -12.14 -29.09
C GLY C 59 -27.15 -13.27 -29.94
N LYS C 60 -27.93 -14.14 -29.32
CA LYS C 60 -28.55 -15.24 -30.04
C LYS C 60 -29.60 -14.77 -31.03
N ARG C 61 -30.62 -14.05 -30.55
CA ARG C 61 -31.78 -13.76 -31.38
C ARG C 61 -31.65 -12.51 -32.24
N GLN C 62 -30.65 -11.68 -31.98
CA GLN C 62 -30.43 -10.46 -32.75
C GLN C 62 -29.02 -10.34 -33.29
N ASN C 63 -28.82 -9.38 -34.16
CA ASN C 63 -27.50 -9.10 -34.73
C ASN C 63 -26.74 -8.14 -33.84
N VAL C 64 -26.34 -8.61 -32.67
CA VAL C 64 -25.57 -7.81 -31.73
C VAL C 64 -24.29 -8.51 -31.33
N ARG C 65 -23.24 -7.72 -31.14
CA ARG C 65 -21.96 -8.26 -30.70
C ARG C 65 -21.70 -7.84 -29.26
N THR C 66 -21.76 -8.81 -28.35
CA THR C 66 -21.60 -8.54 -26.92
C THR C 66 -20.13 -8.55 -26.50
N ALA C 67 -19.87 -8.13 -25.26
CA ALA C 67 -18.53 -8.10 -24.71
C ALA C 67 -18.56 -7.89 -23.22
N HIS C 68 -18.55 -8.97 -22.47
CA HIS C 68 -18.57 -8.90 -21.01
C HIS C 68 -17.15 -8.81 -20.45
N LEU C 69 -16.99 -8.08 -19.35
CA LEU C 69 -15.66 -7.80 -18.82
C LEU C 69 -15.70 -7.41 -17.35
N ASN C 70 -14.69 -7.82 -16.60
CA ASN C 70 -14.53 -7.40 -15.21
C ASN C 70 -13.44 -6.36 -15.07
N ALA C 71 -13.71 -5.32 -14.28
CA ALA C 71 -12.83 -4.16 -14.22
C ALA C 71 -11.61 -4.39 -13.35
N ILE C 72 -11.63 -5.47 -12.57
CA ILE C 72 -10.50 -5.76 -11.69
C ILE C 72 -9.33 -6.30 -12.50
N GLU C 73 -9.65 -7.02 -13.55
CA GLU C 73 -8.63 -7.65 -14.39
C GLU C 73 -7.84 -6.61 -15.18
N CYS C 74 -8.42 -5.43 -15.37
CA CYS C 74 -7.82 -4.39 -16.21
C CYS C 74 -6.81 -3.52 -15.48
N TYR C 75 -5.67 -4.10 -15.10
CA TYR C 75 -4.64 -3.35 -14.40
C TYR C 75 -4.01 -2.30 -15.30
N THR C 76 -4.28 -2.38 -16.59
CA THR C 76 -3.93 -1.31 -17.50
C THR C 76 -4.95 -1.25 -18.63
N THR C 77 -5.09 -0.08 -19.25
CA THR C 77 -6.12 0.15 -20.25
C THR C 77 -6.02 -0.81 -21.43
N LYS C 78 -4.79 -1.05 -21.87
CA LYS C 78 -4.54 -1.88 -23.03
C LYS C 78 -5.21 -3.24 -22.90
N ILE C 79 -5.25 -3.78 -21.68
CA ILE C 79 -5.87 -5.07 -21.45
C ILE C 79 -7.36 -4.96 -21.70
N MET C 80 -7.97 -3.91 -21.14
CA MET C 80 -9.39 -3.67 -21.31
C MET C 80 -9.71 -3.59 -22.79
N LEU C 81 -8.92 -2.78 -23.50
CA LEU C 81 -9.17 -2.59 -24.92
C LEU C 81 -9.01 -3.91 -25.67
N GLU C 82 -7.97 -4.67 -25.33
CA GLU C 82 -7.72 -5.94 -25.99
C GLU C 82 -8.91 -6.89 -25.78
N ILE C 83 -9.34 -7.03 -24.53
CA ILE C 83 -10.46 -7.91 -24.23
C ILE C 83 -11.73 -7.48 -24.95
N LEU C 84 -12.10 -6.22 -24.77
CA LEU C 84 -13.32 -5.70 -25.38
C LEU C 84 -13.29 -5.85 -26.90
N LEU C 85 -12.19 -5.45 -27.51
CA LEU C 85 -12.10 -5.48 -28.96
C LEU C 85 -12.12 -6.91 -29.44
N ASP C 86 -11.35 -7.78 -28.80
CA ASP C 86 -11.29 -9.19 -29.20
C ASP C 86 -12.67 -9.81 -29.08
N SER C 87 -13.40 -9.41 -28.06
CA SER C 87 -14.75 -9.92 -27.86
C SER C 87 -15.74 -9.32 -28.86
N LEU C 88 -15.52 -8.06 -29.25
CA LEU C 88 -16.40 -7.38 -30.20
C LEU C 88 -16.01 -7.63 -31.66
N ALA C 89 -14.76 -8.03 -31.89
CA ALA C 89 -14.28 -8.41 -33.22
C ALA C 89 -14.03 -9.91 -33.26
N PRO C 90 -15.03 -10.68 -33.71
CA PRO C 90 -14.90 -12.14 -33.59
C PRO C 90 -13.99 -12.74 -34.65
N ASP C 91 -13.47 -13.94 -34.36
CA ASP C 91 -12.60 -14.67 -35.28
C ASP C 91 -11.33 -13.90 -35.60
N GLN C 92 -10.99 -12.95 -34.73
CA GLN C 92 -9.74 -12.21 -34.84
C GLN C 92 -8.92 -12.48 -33.60
N GLY C 93 -7.82 -13.21 -33.78
CA GLY C 93 -7.01 -13.61 -32.65
C GLY C 93 -5.54 -13.71 -32.99
N ASP C 94 -4.71 -13.31 -32.04
CA ASP C 94 -3.26 -13.35 -32.20
C ASP C 94 -2.83 -12.50 -33.39
N ALA C 95 -3.72 -11.60 -33.82
CA ALA C 95 -3.47 -10.74 -34.96
C ALA C 95 -3.91 -9.32 -34.70
N LEU C 96 -4.77 -9.15 -33.70
CA LEU C 96 -5.26 -7.83 -33.35
C LEU C 96 -4.27 -7.09 -32.48
N LYS C 97 -4.24 -5.78 -32.62
CA LYS C 97 -3.39 -4.92 -31.80
C LYS C 97 -4.16 -3.66 -31.45
N VAL C 98 -4.05 -3.23 -30.20
CA VAL C 98 -4.66 -2.00 -29.73
C VAL C 98 -3.68 -1.21 -28.87
N ASP C 99 -3.08 -0.18 -29.45
CA ASP C 99 -2.08 0.61 -28.73
C ASP C 99 -2.71 1.46 -27.63
N ASN C 100 -3.76 2.20 -27.97
CA ASN C 100 -4.39 3.11 -27.02
C ASN C 100 -5.90 3.23 -27.26
N MET C 101 -6.53 4.14 -26.54
CA MET C 101 -7.96 4.34 -26.64
C MET C 101 -8.37 4.78 -28.06
N LEU C 102 -7.58 5.66 -28.66
CA LEU C 102 -7.88 6.17 -29.98
C LEU C 102 -8.01 5.03 -30.98
N ASP C 103 -7.04 4.11 -30.95
CA ASP C 103 -7.03 2.99 -31.87
C ASP C 103 -8.24 2.10 -31.66
N PHE C 104 -8.63 1.93 -30.40
CA PHE C 104 -9.82 1.17 -30.07
C PHE C 104 -11.06 1.81 -30.67
N VAL C 105 -11.21 3.11 -30.46
CA VAL C 105 -12.34 3.84 -31.01
C VAL C 105 -12.35 3.74 -32.53
N GLU C 106 -11.18 3.91 -33.12
CA GLU C 106 -11.05 3.84 -34.58
C GLU C 106 -11.43 2.46 -35.10
N GLN C 107 -10.97 1.41 -34.43
CA GLN C 107 -11.25 0.05 -34.89
C GLN C 107 -12.72 -0.29 -34.74
N LEU C 108 -13.30 0.04 -33.60
CA LEU C 108 -14.73 -0.18 -33.44
C LEU C 108 -15.48 0.65 -34.46
N ARG C 109 -14.96 1.85 -34.73
CA ARG C 109 -15.58 2.70 -35.73
C ARG C 109 -15.39 2.05 -37.10
N ARG C 110 -14.28 1.35 -37.26
CA ARG C 110 -13.96 0.69 -38.52
C ARG C 110 -14.86 -0.52 -38.74
N GLN C 111 -15.22 -1.21 -37.65
CA GLN C 111 -16.14 -2.35 -37.76
C GLN C 111 -17.37 -1.99 -38.57
N ALA C 112 -17.91 -0.81 -38.28
CA ALA C 112 -18.96 -0.22 -39.10
C ALA C 112 -20.17 -1.14 -39.23
N ALA C 113 -21.07 -0.76 -40.15
CA ALA C 113 -22.30 -1.51 -40.38
C ALA C 113 -23.04 -0.95 -41.58
N THR C 114 -24.22 -1.50 -41.85
CA THR C 114 -25.17 -0.89 -42.77
C THR C 114 -26.52 -0.89 -42.08
N ARG C 115 -27.36 0.09 -42.39
CA ARG C 115 -28.59 0.29 -41.65
C ARG C 115 -29.55 -0.87 -41.81
N VAL C 116 -29.64 -1.40 -43.03
CA VAL C 116 -30.62 -2.45 -43.34
C VAL C 116 -30.41 -3.68 -42.48
N GLU C 117 -29.15 -4.01 -42.20
CA GLU C 117 -28.83 -5.08 -41.25
C GLU C 117 -28.58 -4.41 -39.92
N ASP C 118 -29.66 -3.94 -39.29
CA ASP C 118 -29.58 -3.08 -38.12
C ASP C 118 -28.94 -3.83 -36.97
N GLN C 119 -27.61 -3.78 -36.93
CA GLN C 119 -26.84 -4.43 -35.88
C GLN C 119 -26.65 -3.51 -34.70
N GLY C 120 -26.10 -4.06 -33.62
CA GLY C 120 -25.88 -3.32 -32.40
C GLY C 120 -24.68 -3.83 -31.65
N PHE C 121 -24.13 -2.99 -30.79
CA PHE C 121 -23.00 -3.35 -29.94
C PHE C 121 -23.35 -2.98 -28.49
N LEU C 122 -23.05 -3.87 -27.55
CA LEU C 122 -23.28 -3.49 -26.16
C LEU C 122 -22.30 -4.15 -25.21
N ILE C 123 -21.67 -3.31 -24.41
CA ILE C 123 -20.59 -3.71 -23.53
C ILE C 123 -21.08 -3.76 -22.09
N ALA C 124 -20.56 -4.71 -21.33
CA ALA C 124 -20.95 -4.88 -19.93
C ALA C 124 -19.71 -4.99 -19.08
N VAL C 125 -19.49 -3.97 -18.26
CA VAL C 125 -18.31 -3.93 -17.41
C VAL C 125 -18.65 -4.28 -15.96
N ASP C 126 -18.44 -5.54 -15.58
CA ASP C 126 -18.72 -5.98 -14.21
C ASP C 126 -17.79 -5.26 -13.25
N ASN C 127 -18.27 -5.02 -12.05
CA ASN C 127 -17.46 -4.43 -10.99
C ASN C 127 -16.83 -3.11 -11.44
N ALA C 128 -17.66 -2.24 -12.01
CA ALA C 128 -17.20 -0.99 -12.61
C ALA C 128 -16.61 0.00 -11.62
N GLU C 129 -16.62 -0.37 -10.34
CA GLU C 129 -16.11 0.51 -9.29
C GLU C 129 -14.65 0.89 -9.54
N ARG C 130 -13.95 0.08 -10.31
CA ARG C 130 -12.51 0.23 -10.49
C ARG C 130 -12.19 1.26 -11.56
N LEU C 131 -13.15 1.51 -12.44
CA LEU C 131 -12.92 2.40 -13.57
C LEU C 131 -12.40 3.75 -13.11
N ARG C 132 -12.80 4.16 -11.91
CA ARG C 132 -12.42 5.47 -11.41
C ARG C 132 -11.10 5.38 -10.66
N ASP C 133 -10.33 4.34 -10.94
CA ASP C 133 -9.00 4.18 -10.39
C ASP C 133 -7.98 3.95 -11.51
N MET C 134 -8.39 4.20 -12.76
CA MET C 134 -7.51 3.97 -13.89
C MET C 134 -7.56 5.11 -14.90
N ASP C 135 -6.43 5.79 -15.09
CA ASP C 135 -6.25 6.75 -16.18
C ASP C 135 -7.17 7.97 -16.16
N ALA C 136 -8.36 7.84 -15.61
CA ALA C 136 -9.28 8.96 -15.46
C ALA C 136 -9.71 9.52 -16.81
N ASN C 137 -9.47 8.76 -17.87
CA ASN C 137 -10.02 9.08 -19.18
C ASN C 137 -10.85 7.93 -19.73
N VAL C 138 -10.74 6.77 -19.07
CA VAL C 138 -11.49 5.59 -19.46
C VAL C 138 -12.99 5.78 -19.28
N LEU C 139 -13.38 6.22 -18.09
CA LEU C 139 -14.78 6.40 -17.78
C LEU C 139 -15.47 7.42 -18.70
N PRO C 140 -14.92 8.64 -18.81
CA PRO C 140 -15.60 9.62 -19.66
C PRO C 140 -15.69 9.19 -21.12
N VAL C 141 -14.68 8.48 -21.61
CA VAL C 141 -14.67 7.99 -22.98
C VAL C 141 -15.68 6.86 -23.15
N LEU C 142 -15.75 5.96 -22.17
CA LEU C 142 -16.70 4.87 -22.22
C LEU C 142 -18.14 5.38 -22.21
N LEU C 143 -18.46 6.27 -21.27
CA LEU C 143 -19.82 6.80 -21.17
C LEU C 143 -20.22 7.61 -22.39
N ARG C 144 -19.25 7.87 -23.26
CA ARG C 144 -19.48 8.61 -24.49
C ARG C 144 -18.98 7.80 -25.69
N LEU C 145 -18.90 6.48 -25.52
CA LEU C 145 -18.30 5.63 -26.54
C LEU C 145 -19.19 5.49 -27.77
N GLN C 146 -20.50 5.61 -27.58
CA GLN C 146 -21.42 5.57 -28.70
C GLN C 146 -21.16 6.74 -29.64
N GLU C 147 -21.00 7.92 -29.06
CA GLU C 147 -20.93 9.14 -29.84
C GLU C 147 -19.55 9.31 -30.46
N LEU C 148 -18.56 8.63 -29.89
CA LEU C 148 -17.20 8.69 -30.40
C LEU C 148 -16.96 7.74 -31.57
N THR C 149 -17.79 6.70 -31.65
CA THR C 149 -17.65 5.69 -32.70
C THR C 149 -18.72 5.82 -33.79
N ASN C 150 -19.66 6.73 -33.58
CA ASN C 150 -20.79 6.88 -34.50
C ASN C 150 -21.36 5.51 -34.79
N LEU C 151 -21.68 4.80 -33.72
CA LEU C 151 -22.01 3.39 -33.77
C LEU C 151 -23.13 3.11 -32.78
N ASN C 152 -24.16 2.40 -33.23
CA ASN C 152 -25.28 2.07 -32.36
C ASN C 152 -24.84 1.14 -31.24
N LEU C 153 -24.15 1.69 -30.25
CA LEU C 153 -23.64 0.86 -29.15
C LEU C 153 -23.87 1.44 -27.77
N CYS C 154 -23.92 0.56 -26.79
CA CYS C 154 -24.18 0.97 -25.41
C CYS C 154 -23.32 0.30 -24.34
N VAL C 155 -22.80 1.12 -23.43
CA VAL C 155 -21.95 0.64 -22.35
C VAL C 155 -22.76 0.47 -21.07
N ILE C 156 -22.59 -0.68 -20.43
CA ILE C 156 -23.28 -1.00 -19.18
C ILE C 156 -22.28 -1.12 -18.04
N LEU C 157 -22.57 -0.46 -16.92
CA LEU C 157 -21.67 -0.47 -15.78
C LEU C 157 -22.37 -1.02 -14.56
N LEU C 158 -21.86 -2.12 -14.03
CA LEU C 158 -22.40 -2.72 -12.82
C LEU C 158 -21.57 -2.26 -11.64
N SER C 159 -22.19 -2.10 -10.48
CA SER C 159 -21.47 -1.80 -9.25
C SER C 159 -22.37 -1.88 -8.02
N GLN C 160 -21.75 -1.75 -6.84
CA GLN C 160 -22.47 -1.75 -5.58
C GLN C 160 -22.72 -0.34 -5.11
N LEU C 161 -21.89 0.59 -5.57
CA LEU C 161 -21.93 1.97 -5.11
C LEU C 161 -22.97 2.79 -5.85
N PRO C 162 -23.42 3.90 -5.26
CA PRO C 162 -24.25 4.85 -6.00
C PRO C 162 -23.40 5.58 -7.02
N PHE C 163 -23.99 6.05 -8.12
CA PHE C 163 -23.19 6.65 -9.17
C PHE C 163 -22.53 7.93 -8.69
N GLU C 164 -23.03 8.52 -7.61
CA GLU C 164 -22.51 9.80 -7.13
C GLU C 164 -21.10 9.68 -6.56
N LYS C 165 -20.59 8.46 -6.55
CA LYS C 165 -19.20 8.22 -6.16
C LYS C 165 -18.36 7.85 -7.38
N PHE C 166 -18.84 8.18 -8.57
CA PHE C 166 -18.13 7.91 -9.81
C PHE C 166 -17.72 9.19 -10.54
N TYR C 167 -18.33 10.31 -10.18
CA TYR C 167 -18.11 11.57 -10.87
C TYR C 167 -16.63 11.95 -10.88
N ASN C 168 -16.21 12.51 -12.00
CA ASN C 168 -14.81 12.86 -12.19
C ASN C 168 -14.61 14.29 -11.72
N LYS C 169 -13.36 14.71 -11.67
CA LYS C 169 -13.03 16.10 -11.38
C LYS C 169 -13.36 16.98 -12.58
N THR C 170 -13.45 16.35 -13.74
CA THR C 170 -13.80 17.05 -14.96
C THR C 170 -14.76 16.25 -15.83
N GLY C 171 -15.87 16.90 -16.16
CA GLY C 171 -16.74 16.50 -17.25
C GLY C 171 -17.14 15.05 -17.38
N LEU C 172 -18.08 14.60 -16.56
CA LEU C 172 -18.70 13.31 -16.73
C LEU C 172 -19.97 13.44 -17.56
N SER C 173 -20.20 12.49 -18.46
CA SER C 173 -21.35 12.54 -19.35
C SER C 173 -22.63 12.02 -18.68
N GLU C 174 -23.74 12.04 -19.42
CA GLU C 174 -25.02 11.59 -18.90
C GLU C 174 -25.17 10.08 -19.03
N ILE C 175 -25.80 9.45 -18.05
CA ILE C 175 -25.96 8.00 -18.03
C ILE C 175 -27.26 7.58 -17.36
N VAL C 176 -27.88 6.53 -17.89
CA VAL C 176 -29.17 6.06 -17.36
C VAL C 176 -28.93 5.16 -16.17
N CYS C 177 -29.46 5.57 -15.01
CA CYS C 177 -29.26 4.82 -13.78
C CYS C 177 -30.47 3.95 -13.46
N LEU C 178 -30.22 2.65 -13.27
CA LEU C 178 -31.25 1.71 -12.86
C LEU C 178 -30.97 1.21 -11.45
N HIS C 179 -31.78 0.29 -10.94
CA HIS C 179 -31.60 -0.18 -9.57
C HIS C 179 -32.18 -1.56 -9.33
N LEU C 180 -31.46 -2.35 -8.53
CA LEU C 180 -31.95 -3.64 -8.05
C LEU C 180 -31.68 -3.78 -6.56
N ALA C 181 -32.74 -4.01 -5.79
CA ALA C 181 -32.61 -4.21 -4.36
C ALA C 181 -32.95 -5.65 -4.02
N GLN C 182 -32.43 -6.14 -2.90
CA GLN C 182 -32.64 -7.53 -2.51
C GLN C 182 -34.11 -7.85 -2.34
N TYR C 183 -34.41 -9.14 -2.51
CA TYR C 183 -35.79 -9.60 -2.63
C TYR C 183 -36.40 -9.63 -1.23
N ASN C 184 -37.71 -9.43 -1.15
CA ASN C 184 -38.38 -9.52 0.15
C ASN C 184 -38.38 -11.00 0.61
N LYS C 185 -38.63 -11.21 1.90
CA LYS C 185 -38.60 -12.55 2.49
C LYS C 185 -39.37 -13.58 1.67
N ALA C 186 -40.60 -13.23 1.26
CA ALA C 186 -41.44 -14.13 0.49
C ALA C 186 -40.78 -14.48 -0.84
N GLU C 187 -40.24 -13.48 -1.53
CA GLU C 187 -39.57 -13.71 -2.81
C GLU C 187 -38.37 -14.63 -2.63
N THR C 188 -37.59 -14.39 -1.57
CA THR C 188 -36.44 -15.23 -1.28
C THR C 188 -36.87 -16.66 -1.00
N GLN C 189 -37.91 -16.81 -0.18
CA GLN C 189 -38.43 -18.13 0.14
C GLN C 189 -38.95 -18.82 -1.12
N ARG C 190 -39.56 -18.05 -2.01
CA ARG C 190 -40.07 -18.59 -3.27
C ARG C 190 -38.92 -19.07 -4.13
N ILE C 191 -37.90 -18.24 -4.29
CA ILE C 191 -36.70 -18.62 -5.04
C ILE C 191 -36.05 -19.85 -4.44
N LEU C 192 -36.02 -19.91 -3.10
CA LEU C 192 -35.48 -21.08 -2.41
C LEU C 192 -36.44 -22.27 -2.48
N GLY C 193 -37.73 -21.98 -2.62
CA GLY C 193 -38.74 -23.03 -2.68
C GLY C 193 -38.96 -23.58 -4.07
N SER C 194 -38.56 -22.80 -5.08
CA SER C 194 -38.73 -23.20 -6.47
C SER C 194 -38.02 -24.51 -6.83
N ASP C 195 -36.86 -24.75 -6.23
CA ASP C 195 -36.05 -25.92 -6.57
C ASP C 195 -36.45 -27.15 -5.74
N PHE C 196 -37.75 -27.40 -5.64
CA PHE C 196 -38.25 -28.50 -4.82
C PHE C 196 -38.16 -29.84 -5.55
N GLN C 197 -38.68 -29.89 -6.77
CA GLN C 197 -38.69 -31.12 -7.55
C GLN C 197 -37.28 -31.66 -7.76
N GLN C 198 -36.35 -30.76 -8.01
CA GLN C 198 -34.97 -31.13 -8.27
C GLN C 198 -34.32 -31.76 -7.04
N VAL C 199 -34.38 -31.07 -5.91
CA VAL C 199 -33.78 -31.59 -4.68
C VAL C 199 -34.51 -32.85 -4.24
N ARG C 200 -35.82 -32.91 -4.53
CA ARG C 200 -36.60 -34.10 -4.24
C ARG C 200 -36.03 -35.29 -5.01
N ASN C 201 -36.02 -35.18 -6.34
CA ASN C 201 -35.49 -36.23 -7.20
C ASN C 201 -34.06 -36.60 -6.81
N GLN C 202 -33.25 -35.59 -6.49
CA GLN C 202 -31.88 -35.81 -6.06
C GLN C 202 -31.84 -36.61 -4.76
N LEU C 203 -32.70 -36.25 -3.81
CA LEU C 203 -32.78 -36.97 -2.54
C LEU C 203 -33.22 -38.41 -2.77
N LEU C 204 -34.17 -38.60 -3.67
CA LEU C 204 -34.64 -39.94 -4.01
C LEU C 204 -33.52 -40.76 -4.63
N GLU C 205 -32.79 -40.15 -5.56
CA GLU C 205 -31.66 -40.83 -6.19
C GLU C 205 -30.58 -41.16 -5.17
N GLN C 206 -30.41 -40.30 -4.17
CA GLN C 206 -29.45 -40.53 -3.11
C GLN C 206 -29.89 -41.69 -2.23
N LYS C 211 -32.74 -49.09 2.20
CA LYS C 211 -33.67 -48.60 1.18
C LYS C 211 -34.99 -48.17 1.80
N LYS C 212 -35.28 -48.66 2.99
CA LYS C 212 -36.46 -48.24 3.73
C LYS C 212 -36.36 -46.76 4.05
N ARG C 213 -35.14 -46.31 4.29
CA ARG C 213 -34.87 -44.90 4.55
C ARG C 213 -35.29 -44.04 3.36
N LEU C 214 -34.89 -44.45 2.16
CA LEU C 214 -35.26 -43.74 0.95
C LEU C 214 -36.78 -43.76 0.76
N GLU C 215 -37.43 -44.80 1.27
CA GLU C 215 -38.88 -44.92 1.16
C GLU C 215 -39.57 -43.94 2.11
N ILE C 216 -39.26 -44.03 3.40
CA ILE C 216 -39.85 -43.11 4.37
C ILE C 216 -39.48 -41.68 4.02
N CYS C 217 -38.31 -41.51 3.41
CA CYS C 217 -37.89 -40.22 2.88
C CYS C 217 -38.84 -39.78 1.78
N GLN C 218 -39.05 -40.66 0.80
CA GLN C 218 -39.98 -40.39 -0.29
C GLN C 218 -41.37 -40.08 0.24
N GLU C 219 -41.78 -40.77 1.29
CA GLU C 219 -43.13 -40.62 1.83
C GLU C 219 -43.38 -39.29 2.53
N ALA C 220 -42.31 -38.64 3.00
CA ALA C 220 -42.45 -37.42 3.80
C ALA C 220 -41.69 -36.23 3.22
N VAL C 221 -42.00 -35.87 1.98
CA VAL C 221 -41.41 -34.70 1.34
C VAL C 221 -42.40 -34.03 0.39
N THR C 222 -42.81 -32.82 0.73
CA THR C 222 -43.72 -32.03 -0.09
C THR C 222 -43.31 -30.58 -0.10
N GLU C 223 -43.98 -29.77 -0.90
CA GLU C 223 -43.67 -28.34 -1.00
C GLU C 223 -43.88 -27.65 0.35
N ASP C 224 -44.89 -28.09 1.09
CA ASP C 224 -45.18 -27.51 2.40
C ASP C 224 -44.05 -27.77 3.39
N PHE C 225 -43.57 -29.00 3.42
CA PHE C 225 -42.44 -29.40 4.26
C PHE C 225 -41.21 -28.54 3.96
N TYR C 226 -40.86 -28.50 2.67
CA TYR C 226 -39.71 -27.73 2.23
C TYR C 226 -39.88 -26.26 2.61
N ASN C 227 -41.05 -25.71 2.28
CA ASN C 227 -41.34 -24.31 2.59
C ASN C 227 -41.26 -24.02 4.09
N ASN C 228 -41.73 -24.96 4.90
CA ASN C 228 -41.62 -24.83 6.35
C ASN C 228 -40.15 -24.77 6.76
N TYR C 229 -39.38 -25.74 6.30
CA TYR C 229 -37.95 -25.75 6.58
C TYR C 229 -37.28 -24.46 6.15
N LEU C 230 -37.63 -24.00 4.95
CA LEU C 230 -37.08 -22.76 4.43
C LEU C 230 -37.53 -21.59 5.29
N ASN C 231 -38.75 -21.65 5.79
CA ASN C 231 -39.26 -20.60 6.68
C ASN C 231 -38.43 -20.54 7.96
N LEU C 232 -38.15 -21.70 8.53
CA LEU C 232 -37.26 -21.77 9.68
C LEU C 232 -35.90 -21.17 9.35
N PHE C 233 -35.31 -21.68 8.25
CA PHE C 233 -34.00 -21.22 7.81
C PHE C 233 -33.96 -19.70 7.68
N LEU C 234 -34.92 -19.15 6.97
CA LEU C 234 -35.01 -17.70 6.80
C LEU C 234 -35.19 -17.00 8.14
N SER C 235 -36.00 -17.59 9.01
CA SER C 235 -36.21 -17.02 10.33
C SER C 235 -34.90 -16.90 11.08
N VAL C 236 -34.06 -17.93 10.98
CA VAL C 236 -32.78 -17.90 11.69
C VAL C 236 -31.65 -17.18 10.94
N PHE C 237 -31.73 -17.15 9.61
CA PHE C 237 -30.64 -16.59 8.80
C PHE C 237 -30.89 -15.18 8.27
N TYR C 238 -32.08 -14.94 7.73
CA TYR C 238 -32.33 -13.76 6.89
C TYR C 238 -32.04 -12.44 7.58
N LYS C 239 -31.95 -12.44 8.91
CA LYS C 239 -31.67 -11.20 9.63
C LYS C 239 -30.28 -10.70 9.31
N ALA C 240 -29.33 -11.62 9.20
CA ALA C 240 -27.93 -11.28 9.07
C ALA C 240 -27.45 -11.30 7.63
N CYS C 241 -28.20 -11.95 6.75
CA CYS C 241 -27.80 -12.10 5.35
C CYS C 241 -28.99 -12.23 4.41
N ARG C 242 -29.00 -11.41 3.35
CA ARG C 242 -30.05 -11.46 2.34
C ARG C 242 -29.51 -11.91 0.98
N ASP C 243 -28.25 -12.34 0.98
CA ASP C 243 -27.58 -12.85 -0.21
C ASP C 243 -28.11 -14.24 -0.56
N VAL C 244 -28.96 -14.32 -1.57
CA VAL C 244 -29.76 -15.52 -1.82
C VAL C 244 -28.95 -16.80 -2.12
N PRO C 245 -27.90 -16.70 -2.96
CA PRO C 245 -27.04 -17.86 -3.19
C PRO C 245 -26.49 -18.51 -1.92
N GLU C 246 -25.94 -17.68 -1.04
CA GLU C 246 -25.47 -18.16 0.25
C GLU C 246 -26.58 -18.93 0.96
N LEU C 247 -27.77 -18.34 0.96
CA LEU C 247 -28.92 -18.97 1.58
C LEU C 247 -29.22 -20.31 0.92
N GLN C 248 -29.16 -20.37 -0.41
CA GLN C 248 -29.35 -21.64 -1.11
C GLN C 248 -28.38 -22.70 -0.61
N LEU C 249 -27.09 -22.43 -0.74
CA LEU C 249 -26.07 -23.41 -0.35
C LEU C 249 -26.23 -23.86 1.10
N THR C 250 -26.23 -22.87 1.99
CA THR C 250 -26.28 -23.15 3.42
C THR C 250 -27.58 -23.87 3.75
N ALA C 251 -28.66 -23.50 3.08
CA ALA C 251 -29.94 -24.17 3.30
C ALA C 251 -29.86 -25.62 2.85
N ARG C 252 -29.20 -25.87 1.73
CA ARG C 252 -29.03 -27.25 1.26
C ARG C 252 -28.29 -28.11 2.29
N LYS C 253 -27.12 -27.66 2.73
CA LYS C 253 -26.38 -28.45 3.71
C LYS C 253 -27.20 -28.61 5.00
N CYS C 254 -27.69 -27.48 5.51
CA CYS C 254 -28.51 -27.51 6.72
C CYS C 254 -29.82 -28.24 6.47
N LEU C 255 -30.21 -28.40 5.21
CA LEU C 255 -31.39 -29.20 4.89
C LEU C 255 -31.06 -30.66 5.12
N SER C 256 -29.93 -31.10 4.59
CA SER C 256 -29.47 -32.46 4.88
C SER C 256 -29.46 -32.71 6.40
N THR C 257 -28.78 -31.81 7.12
CA THR C 257 -28.73 -31.92 8.58
C THR C 257 -30.12 -31.83 9.21
N TYR C 258 -31.00 -31.03 8.61
CA TYR C 258 -32.38 -30.94 9.07
C TYR C 258 -33.18 -32.17 8.66
N LEU C 259 -32.71 -32.85 7.62
CA LEU C 259 -33.43 -33.97 7.05
C LEU C 259 -33.18 -35.26 7.81
N GLU C 260 -31.93 -35.48 8.23
CA GLU C 260 -31.57 -36.72 8.93
C GLU C 260 -32.48 -37.15 10.12
N PRO C 261 -33.02 -36.19 10.92
CA PRO C 261 -33.85 -36.67 12.03
C PRO C 261 -35.11 -37.44 11.62
N VAL C 262 -35.95 -36.86 10.78
CA VAL C 262 -37.20 -37.50 10.35
C VAL C 262 -36.95 -38.89 9.80
N LEU C 263 -35.74 -39.10 9.30
CA LEU C 263 -35.34 -40.38 8.73
C LEU C 263 -35.04 -41.41 9.81
N ASP C 264 -34.69 -40.95 11.01
CA ASP C 264 -34.38 -41.84 12.13
C ASP C 264 -35.62 -42.11 12.98
N GLY C 265 -36.75 -42.29 12.33
CA GLY C 265 -38.00 -42.61 13.02
C GLY C 265 -38.43 -41.53 13.99
N THR C 266 -38.12 -40.28 13.66
CA THR C 266 -38.49 -39.15 14.50
C THR C 266 -38.87 -37.94 13.65
N SER C 273 -43.09 -31.98 14.20
CA SER C 273 -42.45 -30.91 14.96
C SER C 273 -42.39 -31.28 16.45
N ARG C 274 -41.46 -30.69 17.21
CA ARG C 274 -40.48 -29.72 16.72
C ARG C 274 -39.15 -30.38 16.41
N LEU C 275 -38.51 -29.93 15.32
CA LEU C 275 -37.17 -30.37 14.97
C LEU C 275 -36.18 -29.24 15.20
N TRP C 276 -36.64 -28.23 15.94
CA TRP C 276 -35.92 -26.96 16.08
C TRP C 276 -34.53 -27.10 16.69
N ARG C 277 -34.34 -28.06 17.59
CA ARG C 277 -33.19 -28.04 18.48
C ARG C 277 -31.88 -28.32 17.76
N HIS C 278 -31.72 -29.55 17.27
CA HIS C 278 -30.45 -29.96 16.70
C HIS C 278 -30.25 -29.46 15.28
N ILE C 279 -31.13 -28.58 14.83
CA ILE C 279 -30.94 -27.89 13.55
C ILE C 279 -30.56 -26.45 13.83
N ALA C 280 -31.12 -25.88 14.89
CA ALA C 280 -30.79 -24.52 15.29
C ALA C 280 -29.32 -24.44 15.61
N GLY C 281 -28.79 -25.49 16.22
CA GLY C 281 -27.38 -25.57 16.54
C GLY C 281 -26.53 -25.41 15.30
N PRO C 282 -26.69 -26.33 14.34
CA PRO C 282 -26.02 -26.25 13.04
C PRO C 282 -26.36 -24.99 12.25
N LEU C 283 -27.58 -24.48 12.42
CA LEU C 283 -28.02 -23.30 11.69
C LEU C 283 -27.23 -22.09 12.14
N ARG C 284 -27.15 -21.88 13.45
CA ARG C 284 -26.34 -20.80 13.99
C ARG C 284 -24.87 -21.07 13.73
N SER C 285 -24.48 -22.33 13.89
CA SER C 285 -23.10 -22.75 13.66
C SER C 285 -22.74 -22.60 12.18
N ALA C 286 -23.74 -22.62 11.32
CA ALA C 286 -23.53 -22.38 9.89
C ALA C 286 -23.63 -20.89 9.60
N LEU C 287 -24.47 -20.20 10.37
CA LEU C 287 -24.68 -18.77 10.22
C LEU C 287 -23.42 -18.01 10.59
N THR C 288 -22.67 -18.54 11.55
CA THR C 288 -21.38 -17.96 11.90
C THR C 288 -20.31 -18.36 10.89
N GLN C 289 -20.51 -19.48 10.21
CA GLN C 289 -19.55 -19.98 9.23
C GLN C 289 -19.91 -19.57 7.81
N ILE C 290 -20.69 -18.50 7.68
CA ILE C 290 -21.14 -18.04 6.37
C ILE C 290 -20.03 -17.29 5.64
N TYR C 291 -20.13 -17.24 4.31
CA TYR C 291 -19.17 -16.54 3.47
C TYR C 291 -17.75 -17.09 3.61
N MET C 292 -17.66 -18.40 3.81
CA MET C 292 -16.37 -19.07 3.80
C MET C 292 -16.57 -20.54 3.47
N ARG C 293 -15.88 -21.01 2.44
CA ARG C 293 -16.03 -22.38 1.99
C ARG C 293 -15.00 -23.27 2.70
N ILE C 294 -15.47 -24.43 3.17
CA ILE C 294 -14.65 -25.32 3.99
C ILE C 294 -14.24 -26.59 3.24
N GLU C 295 -12.94 -26.88 3.29
CA GLU C 295 -12.37 -28.08 2.67
C GLU C 295 -12.73 -28.19 1.19
N SER C 318 -1.43 -22.07 17.97
CA SER C 318 -0.39 -23.07 18.19
C SER C 318 0.92 -22.66 17.52
N LEU C 319 1.10 -21.35 17.34
CA LEU C 319 2.31 -20.83 16.71
C LEU C 319 3.53 -21.03 17.62
N GLU C 320 4.48 -21.83 17.16
CA GLU C 320 5.68 -22.11 17.92
C GLU C 320 6.74 -21.05 17.66
N LEU C 321 7.11 -20.34 18.72
CA LEU C 321 8.08 -19.26 18.63
C LEU C 321 9.28 -19.52 19.54
N PRO C 322 10.43 -18.91 19.25
CA PRO C 322 11.61 -18.98 20.12
C PRO C 322 11.40 -18.28 21.46
N TYR C 323 12.33 -18.48 22.39
CA TYR C 323 12.24 -17.88 23.72
C TYR C 323 12.34 -16.36 23.66
N TYR C 324 13.53 -15.86 23.32
CA TYR C 324 13.75 -14.42 23.26
C TYR C 324 12.80 -13.76 22.27
N ALA C 325 12.38 -14.50 21.25
CA ALA C 325 11.37 -13.99 20.33
C ALA C 325 10.05 -13.81 21.06
N LYS C 326 9.62 -14.83 21.78
CA LYS C 326 8.40 -14.74 22.59
C LYS C 326 8.49 -13.58 23.56
N PHE C 327 9.65 -13.42 24.17
CA PHE C 327 9.83 -12.32 25.12
C PHE C 327 9.80 -10.96 24.42
N LEU C 328 10.39 -10.86 23.24
CA LEU C 328 10.28 -9.64 22.45
C LEU C 328 8.82 -9.34 22.16
N LEU C 329 8.09 -10.35 21.72
CA LEU C 329 6.70 -10.18 21.35
C LEU C 329 5.84 -9.75 22.55
N ILE C 330 5.95 -10.49 23.66
CA ILE C 330 5.14 -10.16 24.83
C ILE C 330 5.57 -8.82 25.41
N ALA C 331 6.86 -8.50 25.31
CA ALA C 331 7.33 -7.17 25.71
C ALA C 331 6.67 -6.12 24.84
N ALA C 332 6.61 -6.37 23.55
CA ALA C 332 5.96 -5.46 22.62
C ALA C 332 4.49 -5.28 22.99
N PHE C 333 3.80 -6.37 23.27
CA PHE C 333 2.41 -6.26 23.69
C PHE C 333 2.26 -5.49 24.99
N LEU C 334 3.17 -5.73 25.94
CA LEU C 334 3.17 -4.99 27.18
C LEU C 334 3.49 -3.52 26.92
N ALA C 335 4.23 -3.27 25.86
CA ALA C 335 4.47 -1.89 25.41
C ALA C 335 3.24 -1.31 24.72
N SER C 336 2.47 -2.18 24.07
CA SER C 336 1.23 -1.76 23.41
C SER C 336 0.17 -1.35 24.42
N HIS C 337 -0.16 -2.26 25.34
CA HIS C 337 -1.21 -2.01 26.31
C HIS C 337 -0.86 -0.85 27.24
N ASN C 338 0.14 -1.06 28.10
CA ASN C 338 0.62 0.00 28.99
C ASN C 338 1.48 0.98 28.21
N ALA C 339 1.20 2.28 28.37
CA ALA C 339 1.83 3.29 27.53
C ALA C 339 2.46 4.43 28.32
N ALA C 340 3.39 5.12 27.67
CA ALA C 340 3.96 6.37 28.17
C ALA C 340 4.70 6.21 29.50
N LYS C 341 4.34 7.01 30.50
CA LYS C 341 5.14 7.17 31.70
C LYS C 341 4.86 6.11 32.75
N GLN C 342 4.19 5.03 32.37
CA GLN C 342 3.93 3.91 33.28
C GLN C 342 5.13 2.96 33.32
N ASP C 343 6.08 3.17 32.42
CA ASP C 343 7.28 2.34 32.38
C ASP C 343 8.12 2.55 33.64
N LYS C 344 8.03 3.74 34.23
CA LYS C 344 8.74 4.04 35.46
C LYS C 344 8.30 3.12 36.59
N ARG C 345 6.99 3.02 36.78
CA ARG C 345 6.43 2.21 37.85
C ARG C 345 6.52 0.73 37.50
N LEU C 346 6.16 0.39 36.26
CA LEU C 346 6.14 -1.00 35.83
C LEU C 346 7.55 -1.59 35.72
N PHE C 347 8.49 -0.76 35.27
CA PHE C 347 9.87 -1.20 35.03
C PHE C 347 10.87 -0.25 35.69
N SER C 372 -9.86 2.52 26.28
CA SER C 372 -8.54 2.76 25.70
C SER C 372 -8.03 1.52 24.97
N THR C 373 -8.44 0.35 25.44
CA THR C 373 -8.05 -0.91 24.83
C THR C 373 -8.75 -1.10 23.48
N THR C 374 -9.96 -0.58 23.38
CA THR C 374 -10.75 -0.70 22.15
C THR C 374 -10.22 0.22 21.06
N LEU C 375 -9.48 1.25 21.46
CA LEU C 375 -8.94 2.22 20.52
C LEU C 375 -7.92 1.55 19.59
N GLY C 376 -6.95 0.85 20.18
CA GLY C 376 -5.94 0.15 19.41
C GLY C 376 -4.62 0.00 20.15
N PRO C 377 -3.58 -0.49 19.45
CA PRO C 377 -2.24 -0.65 20.02
C PRO C 377 -1.36 0.58 19.81
N LYS C 378 -0.51 0.88 20.78
CA LYS C 378 0.30 2.10 20.74
C LYS C 378 1.59 1.90 19.94
N SER C 379 2.37 2.97 19.81
CA SER C 379 3.61 2.95 19.03
C SER C 379 4.84 2.71 19.92
N PHE C 380 5.86 2.07 19.35
CA PHE C 380 7.08 1.75 20.09
C PHE C 380 8.30 2.35 19.42
N SER C 381 9.13 3.03 20.21
CA SER C 381 10.50 3.31 19.80
C SER C 381 11.31 2.07 20.11
N ILE C 382 12.11 1.62 19.15
CA ILE C 382 12.86 0.38 19.28
C ILE C 382 13.62 0.35 20.60
N ASP C 383 14.16 1.50 20.98
CA ASP C 383 14.86 1.62 22.25
C ASP C 383 13.94 1.26 23.40
N ARG C 384 12.72 1.77 23.37
CA ARG C 384 11.75 1.49 24.43
C ARG C 384 11.44 0.01 24.49
N LEU C 385 11.34 -0.62 23.33
CA LEU C 385 11.06 -2.05 23.27
C LEU C 385 12.22 -2.86 23.83
N LEU C 386 13.44 -2.51 23.45
CA LEU C 386 14.63 -3.17 23.99
C LEU C 386 14.74 -2.95 25.49
N ALA C 387 14.37 -1.75 25.94
CA ALA C 387 14.39 -1.42 27.36
C ALA C 387 13.41 -2.30 28.12
N ILE C 388 12.17 -2.30 27.67
CA ILE C 388 11.14 -3.13 28.29
C ILE C 388 11.53 -4.60 28.23
N PHE C 389 12.14 -4.99 27.13
CA PHE C 389 12.60 -6.36 26.94
C PHE C 389 13.65 -6.74 27.99
N TYR C 390 14.73 -5.97 28.08
CA TYR C 390 15.76 -6.25 29.06
C TYR C 390 15.24 -6.06 30.48
N ALA C 391 14.22 -5.21 30.63
CA ALA C 391 13.59 -5.01 31.92
C ALA C 391 12.82 -6.25 32.34
N ILE C 392 12.06 -6.82 31.41
CA ILE C 392 11.22 -7.97 31.72
C ILE C 392 11.96 -9.30 31.63
N LEU C 393 13.05 -9.32 30.87
CA LEU C 393 13.77 -10.57 30.59
C LEU C 393 14.27 -11.26 31.86
N GLU C 394 14.92 -10.50 32.72
CA GLU C 394 15.46 -11.03 33.98
C GLU C 394 16.43 -12.18 33.76
N GLU C 395 17.02 -12.23 32.58
CA GLU C 395 18.13 -13.13 32.28
C GLU C 395 19.34 -12.31 31.85
N LYS C 396 19.04 -11.17 31.22
CA LYS C 396 20.05 -10.16 30.90
C LYS C 396 21.14 -10.71 29.98
N VAL C 397 20.74 -11.18 28.80
CA VAL C 397 21.69 -11.59 27.77
C VAL C 397 22.07 -10.39 26.91
N GLY C 398 23.35 -10.26 26.59
CA GLY C 398 23.81 -9.17 25.78
C GLY C 398 23.22 -9.24 24.39
N LEU C 399 23.11 -8.10 23.73
CA LEU C 399 22.53 -8.09 22.39
C LEU C 399 23.48 -8.75 21.40
N THR C 400 22.90 -9.49 20.48
CA THR C 400 23.62 -10.09 19.37
C THR C 400 22.89 -9.71 18.10
N CYS C 401 23.58 -9.76 16.97
CA CYS C 401 22.95 -9.45 15.70
C CYS C 401 21.71 -10.29 15.48
N ASN C 402 21.74 -11.52 15.97
CA ASN C 402 20.63 -12.45 15.77
C ASN C 402 19.36 -11.99 16.48
N LEU C 403 19.53 -11.26 17.57
CA LEU C 403 18.37 -10.76 18.32
C LEU C 403 17.71 -9.58 17.61
N LEU C 404 18.52 -8.63 17.15
CA LEU C 404 18.00 -7.53 16.36
C LEU C 404 17.42 -8.10 15.06
N SER C 405 18.06 -9.16 14.58
CA SER C 405 17.52 -9.87 13.43
C SER C 405 16.22 -10.54 13.83
N GLN C 406 16.13 -10.97 15.09
CA GLN C 406 14.88 -11.54 15.59
C GLN C 406 13.77 -10.52 15.53
N ILE C 407 14.01 -9.31 16.02
CA ILE C 407 12.95 -8.27 15.99
C ILE C 407 12.61 -7.87 14.54
N SER C 408 13.61 -7.77 13.68
CA SER C 408 13.34 -7.52 12.26
C SER C 408 12.53 -8.66 11.63
N THR C 409 12.85 -9.89 12.00
CA THR C 409 12.12 -11.05 11.54
C THR C 409 10.69 -11.02 12.09
N LEU C 410 10.56 -10.51 13.31
CA LEU C 410 9.25 -10.39 13.93
C LEU C 410 8.40 -9.40 13.16
N VAL C 411 8.96 -8.23 12.84
CA VAL C 411 8.19 -7.27 12.05
C VAL C 411 7.93 -7.79 10.64
N HIS C 412 8.86 -8.57 10.10
CA HIS C 412 8.64 -9.14 8.78
C HIS C 412 7.50 -10.16 8.77
N LEU C 413 7.34 -10.92 9.85
CA LEU C 413 6.27 -11.92 9.94
C LEU C 413 4.90 -11.28 10.16
N ASN C 414 4.88 -9.95 10.20
CA ASN C 414 3.64 -9.20 10.40
C ASN C 414 3.05 -9.43 11.79
N LEU C 415 3.85 -10.01 12.68
CA LEU C 415 3.46 -10.08 14.09
C LEU C 415 3.62 -8.69 14.68
N LEU C 416 4.61 -7.96 14.18
CA LEU C 416 4.75 -6.54 14.47
C LEU C 416 4.63 -5.76 13.16
N SER C 417 4.17 -4.53 13.25
CA SER C 417 4.03 -3.68 12.08
C SER C 417 4.39 -2.25 12.45
N PHE C 418 5.23 -1.62 11.64
CA PHE C 418 5.60 -0.22 11.91
C PHE C 418 4.65 0.73 11.20
N VAL C 419 4.65 1.99 11.65
CA VAL C 419 3.74 3.00 11.13
C VAL C 419 4.46 4.23 10.58
N SER C 420 5.65 4.53 11.11
CA SER C 420 6.36 5.75 10.76
C SER C 420 7.82 5.50 10.39
N GLY C 421 8.23 6.02 9.24
CA GLY C 421 9.62 6.01 8.82
C GLY C 421 10.26 4.63 8.82
N GLU C 422 9.95 3.85 7.79
CA GLU C 422 10.51 2.51 7.67
C GLU C 422 12.01 2.59 7.33
N GLN C 423 12.43 3.73 6.82
CA GLN C 423 13.81 3.90 6.37
C GLN C 423 14.73 4.30 7.52
N ASN C 424 14.26 5.20 8.37
CA ASN C 424 15.08 5.75 9.44
C ASN C 424 15.02 4.87 10.70
N ILE C 425 15.21 3.57 10.52
CA ILE C 425 15.29 2.63 11.64
C ILE C 425 16.59 2.83 12.39
N MET C 426 17.66 3.07 11.65
CA MET C 426 18.98 3.22 12.23
C MET C 426 19.26 4.66 12.65
N GLU C 427 18.98 5.59 11.75
CA GLU C 427 19.19 7.01 12.02
C GLU C 427 18.28 7.50 13.13
N GLY C 428 17.26 6.71 13.46
CA GLY C 428 16.32 7.07 14.51
C GLY C 428 15.19 7.91 13.94
N SER C 429 13.93 7.57 14.19
CA SER C 429 13.51 6.41 14.97
C SER C 429 12.13 5.93 14.52
N ALA C 430 12.11 4.76 13.88
CA ALA C 430 10.87 4.19 13.38
C ALA C 430 9.94 3.85 14.52
N ARG C 431 8.65 3.77 14.22
CA ARG C 431 7.64 3.46 15.23
C ARG C 431 6.93 2.14 14.94
N LEU C 432 7.20 1.13 15.77
CA LEU C 432 6.59 -0.18 15.62
C LEU C 432 5.24 -0.25 16.32
N GLN C 433 4.42 -1.21 15.92
CA GLN C 433 3.11 -1.42 16.52
C GLN C 433 2.79 -2.90 16.59
N CYS C 434 2.43 -3.38 17.78
CA CYS C 434 2.10 -4.79 17.98
C CYS C 434 0.69 -5.10 17.50
N THR C 435 0.54 -6.24 16.83
CA THR C 435 -0.75 -6.61 16.23
C THR C 435 -1.50 -7.62 17.10
N ILE C 436 -0.83 -8.72 17.42
CA ILE C 436 -1.48 -9.82 18.13
C ILE C 436 -1.78 -9.51 19.59
N GLY C 437 -2.50 -10.42 20.24
CA GLY C 437 -2.80 -10.32 21.65
C GLY C 437 -4.30 -10.37 21.90
N LEU C 438 -4.73 -10.59 23.14
CA LEU C 438 -3.84 -10.81 24.29
C LEU C 438 -3.83 -12.29 24.66
N GLU C 439 -4.79 -13.04 24.15
CA GLU C 439 -4.90 -14.46 24.45
C GLU C 439 -3.60 -15.20 24.09
N PHE C 440 -3.03 -14.84 22.94
CA PHE C 440 -1.79 -15.44 22.48
C PHE C 440 -0.65 -15.08 23.44
N VAL C 441 -0.66 -13.84 23.91
CA VAL C 441 0.35 -13.39 24.86
C VAL C 441 0.23 -14.13 26.18
N LEU C 442 -1.01 -14.34 26.61
CA LEU C 442 -1.26 -15.14 27.81
C LEU C 442 -0.78 -16.56 27.60
N GLN C 443 -1.07 -17.13 26.43
CA GLN C 443 -0.61 -18.47 26.08
C GLN C 443 0.91 -18.55 26.17
N ILE C 444 1.59 -17.55 25.60
CA ILE C 444 3.04 -17.44 25.72
C ILE C 444 3.45 -17.41 27.20
N GLY C 445 2.80 -16.53 27.96
CA GLY C 445 3.07 -16.42 29.38
C GLY C 445 2.89 -17.75 30.10
N LYS C 446 1.90 -18.52 29.67
CA LYS C 446 1.64 -19.83 30.27
C LYS C 446 2.66 -20.86 29.80
N VAL C 447 3.13 -20.71 28.56
CA VAL C 447 4.16 -21.60 28.03
C VAL C 447 5.47 -21.41 28.77
N VAL C 448 5.92 -20.16 28.86
CA VAL C 448 7.15 -19.86 29.59
C VAL C 448 6.93 -19.97 31.09
N GLY C 449 5.81 -19.45 31.55
CA GLY C 449 5.48 -19.44 32.97
C GLY C 449 5.47 -18.02 33.53
N PHE C 450 5.66 -17.04 32.67
CA PHE C 450 5.65 -15.64 33.07
C PHE C 450 4.22 -15.12 33.23
N ASN C 451 4.00 -14.30 34.25
CA ASN C 451 2.69 -13.73 34.51
C ASN C 451 2.53 -12.39 33.78
N VAL C 452 1.79 -12.42 32.68
CA VAL C 452 1.56 -11.22 31.89
C VAL C 452 0.53 -10.31 32.54
N ARG C 453 -0.52 -10.92 33.09
CA ARG C 453 -1.62 -10.18 33.70
C ARG C 453 -1.11 -9.25 34.80
N GLN C 454 0.00 -9.63 35.43
CA GLN C 454 0.58 -8.88 36.53
C GLN C 454 1.02 -7.49 36.08
N TYR C 455 1.46 -7.39 34.84
CA TYR C 455 2.01 -6.15 34.32
C TYR C 455 0.98 -5.28 33.61
N LEU C 456 -0.16 -5.87 33.27
CA LEU C 456 -1.23 -5.13 32.62
C LEU C 456 -1.85 -4.11 33.58
N CYS C 457 -1.72 -2.83 33.23
CA CYS C 457 -2.23 -1.75 34.09
C CYS C 457 -3.75 -1.74 34.11
N ASP C 458 -4.36 -2.01 32.96
CA ASP C 458 -5.81 -2.03 32.81
C ASP C 458 -6.43 -0.70 33.25
N PRO D 38 -11.71 54.44 7.99
CA PRO D 38 -11.76 55.81 8.52
C PRO D 38 -12.96 56.05 9.42
N CYS D 39 -14.14 55.61 9.00
CA CYS D 39 -15.36 55.80 9.79
C CYS D 39 -15.33 54.96 11.08
N ARG D 40 -14.39 54.03 11.16
CA ARG D 40 -14.25 53.20 12.34
C ARG D 40 -13.41 53.91 13.39
N GLU D 41 -14.07 54.41 14.43
CA GLU D 41 -13.39 55.20 15.46
C GLU D 41 -13.75 54.73 16.86
N ARG D 42 -14.98 54.26 17.05
CA ARG D 42 -15.40 53.74 18.34
C ARG D 42 -14.60 52.50 18.72
N GLU D 43 -14.40 51.63 17.73
CA GLU D 43 -13.62 50.42 17.92
C GLU D 43 -12.17 50.79 18.24
N PHE D 44 -11.66 51.78 17.52
CA PHE D 44 -10.31 52.28 17.75
C PHE D 44 -10.13 52.73 19.20
N GLU D 45 -11.10 53.49 19.70
CA GLU D 45 -11.07 53.99 21.07
C GLU D 45 -11.26 52.85 22.07
N ASN D 46 -12.13 51.90 21.75
CA ASN D 46 -12.33 50.72 22.59
C ASN D 46 -11.02 49.95 22.77
N ILE D 47 -10.39 49.61 21.64
CA ILE D 47 -9.11 48.91 21.66
C ILE D 47 -8.07 49.73 22.40
N TYR D 48 -7.97 51.01 22.06
CA TYR D 48 -7.02 51.91 22.71
C TYR D 48 -7.22 51.92 24.22
N ALA D 49 -8.48 52.00 24.64
CA ALA D 49 -8.82 52.02 26.06
C ALA D 49 -8.42 50.72 26.74
N PHE D 50 -8.79 49.60 26.11
CA PHE D 50 -8.46 48.29 26.64
C PHE D 50 -6.95 48.12 26.81
N LEU D 51 -6.21 48.38 25.74
CA LEU D 51 -4.77 48.24 25.75
C LEU D 51 -4.13 49.17 26.77
N GLU D 52 -4.49 50.44 26.72
CA GLU D 52 -3.95 51.41 27.67
C GLU D 52 -4.23 50.96 29.10
N GLY D 53 -5.45 50.49 29.33
CA GLY D 53 -5.86 50.00 30.63
C GLY D 53 -4.99 48.83 31.09
N LYS D 54 -4.85 47.83 30.24
CA LYS D 54 -4.08 46.65 30.59
C LYS D 54 -2.58 46.96 30.68
N ILE D 55 -2.15 47.99 29.95
CA ILE D 55 -0.76 48.44 30.02
C ILE D 55 -0.48 49.10 31.37
N GLN D 56 -1.30 50.08 31.71
CA GLN D 56 -1.16 50.80 32.98
C GLN D 56 -1.32 49.85 34.16
N ASP D 57 -2.40 49.06 34.14
CA ASP D 57 -2.68 48.13 35.23
C ASP D 57 -1.65 47.00 35.28
N GLN D 58 -0.92 46.81 34.19
CA GLN D 58 0.10 45.77 34.10
C GLN D 58 -0.49 44.39 34.37
N CYS D 62 -6.96 40.09 27.65
CA CYS D 62 -7.25 39.16 26.56
C CYS D 62 -8.51 39.57 25.80
N MET D 63 -8.32 40.35 24.75
CA MET D 63 -9.43 40.82 23.92
C MET D 63 -9.61 39.92 22.71
N TYR D 64 -10.83 39.87 22.18
CA TYR D 64 -11.13 39.07 21.00
C TYR D 64 -11.97 39.84 20.00
N VAL D 65 -11.35 40.32 18.93
CA VAL D 65 -12.07 41.09 17.90
C VAL D 65 -12.46 40.18 16.75
N SER D 66 -13.63 40.44 16.16
CA SER D 66 -14.07 39.68 15.00
C SER D 66 -14.90 40.48 14.00
N GLY D 67 -14.71 40.17 12.72
CA GLY D 67 -15.46 40.82 11.65
C GLY D 67 -15.10 40.33 10.26
N VAL D 68 -15.97 40.57 9.30
CA VAL D 68 -15.73 40.16 7.92
C VAL D 68 -14.51 40.88 7.36
N PRO D 69 -13.90 40.33 6.29
CA PRO D 69 -12.65 40.88 5.75
C PRO D 69 -12.73 42.35 5.33
N GLY D 70 -13.93 42.80 4.97
CA GLY D 70 -14.11 44.15 4.48
C GLY D 70 -14.17 45.20 5.57
N THR D 71 -13.90 44.80 6.81
CA THR D 71 -13.98 45.71 7.95
C THR D 71 -12.65 46.39 8.22
N GLY D 72 -11.55 45.70 7.91
CA GLY D 72 -10.23 46.24 8.15
C GLY D 72 -9.94 46.34 9.64
N LYS D 73 -9.69 45.19 10.24
CA LYS D 73 -9.42 45.10 11.67
C LYS D 73 -7.94 45.31 11.98
N THR D 74 -7.09 44.59 11.23
CA THR D 74 -5.65 44.63 11.45
C THR D 74 -5.10 46.04 11.34
N ALA D 75 -5.61 46.80 10.39
CA ALA D 75 -5.19 48.19 10.21
C ALA D 75 -5.52 49.01 11.45
N THR D 76 -6.74 48.85 11.97
CA THR D 76 -7.17 49.55 13.17
C THR D 76 -6.32 49.17 14.36
N VAL D 77 -6.24 47.86 14.63
CA VAL D 77 -5.47 47.36 15.77
C VAL D 77 -4.01 47.83 15.70
N THR D 78 -3.37 47.61 14.55
CA THR D 78 -2.01 48.09 14.36
C THR D 78 -1.94 49.60 14.49
N GLY D 79 -3.01 50.28 14.06
CA GLY D 79 -3.12 51.71 14.22
C GLY D 79 -3.03 52.11 15.69
N VAL D 80 -3.84 51.46 16.52
CA VAL D 80 -3.81 51.69 17.96
C VAL D 80 -2.44 51.33 18.54
N ILE D 81 -1.87 50.23 18.07
CA ILE D 81 -0.54 49.81 18.50
C ILE D 81 0.52 50.79 18.02
N ARG D 82 0.23 51.50 16.94
CA ARG D 82 1.11 52.55 16.45
C ARG D 82 0.82 53.88 17.16
N THR D 83 -0.41 54.02 17.66
CA THR D 83 -0.81 55.24 18.35
C THR D 83 -0.11 55.40 19.70
N LEU D 84 0.28 54.29 20.32
CA LEU D 84 0.90 54.32 21.64
C LEU D 84 2.22 55.08 21.63
N GLN D 85 2.76 55.32 20.43
CA GLN D 85 4.02 56.05 20.28
C GLN D 85 3.89 57.47 20.84
N GLU D 97 6.19 44.82 25.68
CA GLU D 97 6.64 44.00 24.57
C GLU D 97 5.50 43.75 23.59
N TYR D 98 5.80 43.83 22.30
CA TYR D 98 4.83 43.61 21.24
C TYR D 98 5.38 42.69 20.16
N LEU D 99 4.65 41.63 19.85
CA LEU D 99 5.02 40.70 18.80
C LEU D 99 3.77 40.22 18.07
N GLU D 100 3.76 40.35 16.76
CA GLU D 100 2.61 39.99 15.94
C GLU D 100 2.75 38.59 15.34
N ILE D 101 1.64 37.88 15.23
CA ILE D 101 1.62 36.53 14.66
C ILE D 101 0.44 36.38 13.70
N ASN D 102 0.66 35.65 12.62
CA ASN D 102 -0.38 35.39 11.63
C ASN D 102 -0.54 33.91 11.35
N GLY D 103 -1.78 33.45 11.30
CA GLY D 103 -2.06 32.04 11.07
C GLY D 103 -1.62 31.58 9.69
N MET D 104 -1.38 32.51 8.80
CA MET D 104 -0.98 32.19 7.43
C MET D 104 0.55 32.07 7.33
N ARG D 105 1.27 32.91 8.06
CA ARG D 105 2.72 32.92 8.01
C ARG D 105 3.34 31.65 8.59
N LEU D 106 2.51 30.86 9.27
CA LEU D 106 2.96 29.61 9.88
C LEU D 106 2.60 28.41 9.02
N THR D 107 3.62 27.65 8.62
CA THR D 107 3.41 26.47 7.80
C THR D 107 2.63 25.42 8.58
N GLU D 108 2.82 25.42 9.90
CA GLU D 108 2.13 24.48 10.78
C GLU D 108 1.64 25.24 12.02
N PRO D 109 0.45 24.90 12.52
CA PRO D 109 -0.02 25.61 13.72
C PRO D 109 0.88 25.35 14.92
N ARG D 110 1.38 24.13 15.03
CA ARG D 110 2.31 23.79 16.10
C ARG D 110 3.57 24.65 16.00
N GLN D 111 3.88 25.11 14.79
CA GLN D 111 5.07 25.93 14.58
C GLN D 111 4.85 27.34 15.12
N ALA D 112 3.64 27.61 15.60
CA ALA D 112 3.34 28.89 16.22
C ALA D 112 4.25 29.12 17.41
N TYR D 113 4.44 28.07 18.21
CA TYR D 113 5.30 28.15 19.39
C TYR D 113 6.73 28.54 19.00
N VAL D 114 7.19 28.02 17.87
CA VAL D 114 8.54 28.32 17.38
C VAL D 114 8.68 29.80 17.06
N GLN D 115 7.72 30.34 16.32
CA GLN D 115 7.76 31.75 15.95
C GLN D 115 7.59 32.63 17.18
N ILE D 116 6.73 32.20 18.10
CA ILE D 116 6.57 32.89 19.38
C ILE D 116 7.91 32.91 20.10
N TYR D 117 8.61 31.79 20.05
CA TYR D 117 9.95 31.68 20.63
C TYR D 117 10.87 32.70 20.00
N LYS D 118 11.01 32.63 18.68
CA LYS D 118 11.89 33.52 17.93
C LYS D 118 11.53 34.98 18.18
N GLN D 119 10.25 35.26 18.35
CA GLN D 119 9.79 36.61 18.64
C GLN D 119 10.12 36.99 20.08
N LEU D 120 10.04 36.02 20.98
CA LEU D 120 10.30 36.24 22.39
C LEU D 120 11.80 36.22 22.68
N THR D 121 12.40 35.03 22.60
CA THR D 121 13.82 34.84 22.85
C THR D 121 14.49 34.17 21.66
N GLY D 122 15.46 34.85 21.05
CA GLY D 122 16.09 34.34 19.86
C GLY D 122 16.91 33.10 20.12
N LYS D 123 17.16 32.28 19.10
CA LYS D 123 16.70 32.49 17.73
C LYS D 123 15.57 31.53 17.38
N THR D 124 15.85 30.24 17.42
CA THR D 124 14.87 29.22 17.02
C THR D 124 15.05 27.92 17.80
N VAL D 125 13.92 27.32 18.18
CA VAL D 125 13.92 26.04 18.88
C VAL D 125 12.69 25.23 18.45
N SER D 126 12.73 23.93 18.66
CA SER D 126 11.60 23.06 18.33
C SER D 126 10.34 23.48 19.06
N TRP D 127 9.18 23.08 18.53
CA TRP D 127 7.90 23.51 19.07
C TRP D 127 7.63 22.95 20.46
N GLU D 128 8.23 21.81 20.77
CA GLU D 128 8.05 21.20 22.08
C GLU D 128 8.75 22.01 23.15
N GLN D 129 10.05 22.25 22.96
CA GLN D 129 10.82 23.06 23.89
C GLN D 129 10.21 24.46 23.99
N ALA D 130 9.61 24.92 22.89
CA ALA D 130 8.92 26.19 22.88
C ALA D 130 7.67 26.12 23.75
N HIS D 131 6.93 25.03 23.59
CA HIS D 131 5.76 24.78 24.43
C HIS D 131 6.18 24.74 25.88
N ALA D 132 7.35 24.18 26.14
CA ALA D 132 7.89 24.09 27.49
C ALA D 132 8.21 25.47 28.06
N LEU D 133 9.07 26.22 27.36
CA LEU D 133 9.44 27.56 27.81
C LEU D 133 8.19 28.42 27.98
N LEU D 134 7.24 28.23 27.07
CA LEU D 134 5.95 28.92 27.20
C LEU D 134 5.26 28.44 28.47
N GLU D 135 5.28 27.13 28.69
CA GLU D 135 4.64 26.55 29.87
C GLU D 135 5.21 27.16 31.14
N LYS D 136 6.52 27.37 31.15
CA LYS D 136 7.18 28.02 32.28
C LYS D 136 6.55 29.38 32.56
N ARG D 137 6.23 30.12 31.49
CA ARG D 137 5.58 31.41 31.62
C ARG D 137 4.07 31.28 31.41
N THR D 147 4.27 43.87 31.14
CA THR D 147 3.34 44.03 30.04
C THR D 147 3.91 43.48 28.74
N THR D 148 3.20 42.54 28.13
CA THR D 148 3.61 41.98 26.86
C THR D 148 2.39 41.73 25.97
N VAL D 149 2.06 42.70 25.13
CA VAL D 149 0.89 42.57 24.26
C VAL D 149 1.24 41.63 23.10
N LEU D 150 0.26 40.85 22.63
CA LEU D 150 0.45 39.90 21.51
C LEU D 150 -0.69 39.87 20.48
N LEU D 151 -0.41 40.27 19.25
CA LEU D 151 -1.47 40.29 18.25
C LEU D 151 -1.48 39.05 17.37
N VAL D 152 -2.63 38.39 17.29
CA VAL D 152 -2.80 37.21 16.44
C VAL D 152 -3.77 37.52 15.32
N ASP D 153 -3.35 37.21 14.09
CA ASP D 153 -4.15 37.52 12.92
C ASP D 153 -4.54 36.22 12.22
N GLU D 154 -5.78 36.15 11.75
CA GLU D 154 -6.28 34.99 11.02
C GLU D 154 -6.17 33.74 11.90
N LEU D 155 -6.66 33.83 13.14
CA LEU D 155 -6.58 32.71 14.06
C LEU D 155 -7.48 31.57 13.65
N ASP D 156 -8.45 31.85 12.80
CA ASP D 156 -9.37 30.82 12.31
C ASP D 156 -8.59 29.67 11.70
N ILE D 157 -7.55 30.00 10.93
CA ILE D 157 -6.69 28.99 10.33
C ILE D 157 -6.10 28.09 11.40
N LEU D 158 -5.39 28.70 12.35
CA LEU D 158 -4.75 27.95 13.43
C LEU D 158 -5.76 27.10 14.18
N CYS D 159 -6.92 27.67 14.45
CA CYS D 159 -7.94 26.95 15.21
C CYS D 159 -8.58 25.85 14.40
N ASN D 160 -8.65 26.04 13.09
CA ASN D 160 -9.30 25.06 12.22
C ASN D 160 -8.60 23.70 12.19
N ARG D 161 -7.29 23.69 12.46
CA ARG D 161 -6.50 22.48 12.29
C ARG D 161 -6.49 21.60 13.54
N ARG D 162 -5.88 22.08 14.62
CA ARG D 162 -5.63 21.27 15.80
C ARG D 162 -6.25 21.82 17.09
N GLN D 163 -6.50 23.13 17.11
CA GLN D 163 -7.18 23.80 18.23
C GLN D 163 -6.40 23.86 19.53
N ASP D 164 -5.35 23.05 19.67
CA ASP D 164 -4.58 23.04 20.91
C ASP D 164 -3.88 24.38 21.11
N VAL D 165 -3.29 24.88 20.03
CA VAL D 165 -2.50 26.10 20.08
C VAL D 165 -3.33 27.29 20.54
N VAL D 166 -4.56 27.39 20.07
CA VAL D 166 -5.39 28.56 20.39
C VAL D 166 -5.93 28.46 21.82
N TYR D 167 -6.38 27.28 22.21
CA TYR D 167 -6.88 27.07 23.57
C TYR D 167 -5.78 27.36 24.57
N ASN D 168 -4.62 26.78 24.31
CA ASN D 168 -3.42 27.14 25.05
C ASN D 168 -3.24 28.65 25.08
N LEU D 169 -3.13 29.21 23.88
CA LEU D 169 -2.89 30.64 23.69
C LEU D 169 -3.86 31.52 24.46
N LEU D 170 -5.10 31.06 24.62
CA LEU D 170 -6.08 31.80 25.40
C LEU D 170 -6.05 31.43 26.88
N ASP D 171 -5.52 30.26 27.19
CA ASP D 171 -5.27 29.91 28.60
C ASP D 171 -4.09 30.70 29.14
N TRP D 172 -3.14 31.05 28.27
CA TRP D 172 -1.92 31.72 28.70
C TRP D 172 -2.11 33.12 29.32
N PRO D 173 -3.02 33.95 28.76
CA PRO D 173 -3.23 35.25 29.41
C PRO D 173 -4.03 35.19 30.71
N THR D 174 -4.87 34.16 30.85
CA THR D 174 -5.72 34.03 32.03
C THR D 174 -4.89 34.00 33.31
N LYS D 175 -3.74 33.34 33.24
CA LYS D 175 -2.85 33.23 34.39
C LYS D 175 -2.37 34.59 34.85
N LEU D 180 -0.47 37.88 30.63
CA LEU D 180 -0.07 38.90 29.65
C LEU D 180 -1.29 39.29 28.81
N VAL D 181 -1.10 40.20 27.85
CA VAL D 181 -2.18 40.61 26.96
C VAL D 181 -2.00 40.02 25.55
N VAL D 182 -2.97 39.20 25.14
CA VAL D 182 -3.04 38.75 23.76
C VAL D 182 -4.36 39.15 23.16
N VAL D 183 -4.25 39.76 22.00
CA VAL D 183 -5.41 40.06 21.17
C VAL D 183 -5.47 39.09 20.02
N THR D 184 -6.63 38.49 19.84
CA THR D 184 -6.84 37.56 18.74
C THR D 184 -7.85 38.15 17.75
N ILE D 185 -7.47 38.19 16.48
CA ILE D 185 -8.32 38.67 15.40
C ILE D 185 -8.87 37.51 14.57
N ALA D 186 -10.16 37.56 14.32
CA ALA D 186 -10.90 36.48 13.66
C ALA D 186 -11.83 37.01 12.56
N ASN D 187 -12.31 36.08 11.74
CA ASN D 187 -13.32 36.35 10.73
C ASN D 187 -14.68 35.85 11.19
N THR D 188 -14.73 35.27 12.38
CA THR D 188 -15.97 34.75 12.96
C THR D 188 -16.07 35.09 14.44
N MET D 189 -17.27 34.96 14.99
CA MET D 189 -17.53 35.32 16.37
C MET D 189 -18.20 34.18 17.15
N ASP D 190 -17.82 32.95 16.84
CA ASP D 190 -18.41 31.79 17.50
C ASP D 190 -17.45 30.61 17.57
N LEU D 191 -16.17 30.87 17.36
CA LEU D 191 -15.17 29.80 17.41
C LEU D 191 -14.86 29.31 18.83
N PRO D 192 -14.90 30.21 19.84
CA PRO D 192 -14.71 29.63 21.17
C PRO D 192 -15.90 28.78 21.60
N GLU D 193 -17.07 29.05 21.03
CA GLU D 193 -18.27 28.27 21.31
C GLU D 193 -18.18 26.88 20.72
N ARG D 194 -17.34 26.72 19.69
CA ARG D 194 -17.16 25.44 19.02
C ARG D 194 -16.04 24.62 19.66
N LEU D 195 -15.77 24.87 20.94
CA LEU D 195 -14.78 24.09 21.68
C LEU D 195 -14.97 24.24 23.18
N GLY D 205 -15.06 34.70 30.26
CA GLY D 205 -13.71 34.20 30.05
C GLY D 205 -12.81 35.22 29.38
N LEU D 206 -13.41 36.13 28.62
CA LEU D 206 -12.65 37.15 27.91
C LEU D 206 -13.54 38.27 27.38
N THR D 207 -12.94 39.29 26.78
CA THR D 207 -13.68 40.44 26.25
C THR D 207 -13.76 40.39 24.73
N ARG D 208 -14.99 40.42 24.21
CA ARG D 208 -15.23 40.28 22.77
C ARG D 208 -15.63 41.59 22.10
N LEU D 209 -15.18 41.78 20.86
CA LEU D 209 -15.55 42.96 20.08
C LEU D 209 -15.90 42.62 18.64
N THR D 210 -17.13 42.95 18.25
CA THR D 210 -17.68 42.63 16.94
C THR D 210 -17.55 43.82 16.00
N PHE D 211 -16.80 43.62 14.92
CA PHE D 211 -16.68 44.60 13.86
C PHE D 211 -17.81 44.48 12.86
N GLN D 212 -18.78 45.38 12.92
CA GLN D 212 -19.90 45.35 12.01
C GLN D 212 -19.49 45.95 10.66
N PRO D 213 -20.22 45.61 9.59
CA PRO D 213 -19.93 46.21 8.29
C PRO D 213 -20.36 47.67 8.23
N TYR D 214 -19.82 48.43 7.28
CA TYR D 214 -20.17 49.83 7.14
C TYR D 214 -21.66 49.97 6.88
N SER D 215 -22.32 50.81 7.67
CA SER D 215 -23.76 51.05 7.51
C SER D 215 -24.05 51.76 6.21
N HIS D 216 -25.32 51.77 5.81
CA HIS D 216 -25.72 52.40 4.57
C HIS D 216 -25.38 53.89 4.58
N LYS D 217 -25.64 54.53 5.72
CA LYS D 217 -25.34 55.95 5.88
C LYS D 217 -23.83 56.19 5.78
N GLN D 218 -23.06 55.41 6.53
CA GLN D 218 -21.61 55.50 6.47
C GLN D 218 -21.11 55.24 5.07
N LEU D 219 -21.73 54.28 4.39
CA LEU D 219 -21.37 53.97 3.01
C LEU D 219 -21.59 55.20 2.14
N GLN D 220 -22.78 55.77 2.23
CA GLN D 220 -23.11 56.99 1.50
C GLN D 220 -22.10 58.08 1.80
N GLU D 221 -21.73 58.20 3.07
CA GLU D 221 -20.73 59.20 3.47
C GLU D 221 -19.39 58.95 2.79
N ILE D 222 -18.95 57.69 2.80
CA ILE D 222 -17.67 57.33 2.16
C ILE D 222 -17.70 57.60 0.66
N VAL D 223 -18.77 57.16 0.00
CA VAL D 223 -18.93 57.40 -1.43
C VAL D 223 -18.93 58.89 -1.73
N THR D 224 -19.72 59.65 -0.98
CA THR D 224 -19.79 61.09 -1.15
C THR D 224 -18.43 61.74 -0.90
N ALA D 225 -17.70 61.23 0.10
CA ALA D 225 -16.37 61.73 0.41
C ALA D 225 -15.40 61.45 -0.74
N ARG D 226 -15.50 60.26 -1.32
CA ARG D 226 -14.67 59.90 -2.47
C ARG D 226 -14.99 60.80 -3.66
N LEU D 227 -16.25 60.82 -4.07
CA LEU D 227 -16.67 61.63 -5.20
C LEU D 227 -16.54 63.12 -4.91
N GLY D 228 -16.49 63.47 -3.62
CA GLY D 228 -16.38 64.86 -3.22
C GLY D 228 -17.72 65.57 -3.29
N LYS D 234 -26.67 67.04 2.11
CA LYS D 234 -27.85 66.28 1.74
C LYS D 234 -28.35 66.66 0.35
N GLY D 235 -27.53 67.35 -0.42
CA GLY D 235 -27.86 67.63 -1.80
C GLY D 235 -26.69 68.10 -2.66
N GLU D 236 -26.74 67.91 -3.97
CA GLU D 236 -27.86 67.26 -4.67
C GLU D 236 -27.34 66.15 -5.59
N ALA D 237 -26.92 66.48 -6.81
CA ALA D 237 -26.58 65.47 -7.81
C ALA D 237 -25.53 64.47 -7.32
N VAL D 238 -24.43 64.99 -6.78
CA VAL D 238 -23.36 64.16 -6.25
C VAL D 238 -23.91 63.23 -5.17
N GLN D 239 -24.80 63.77 -4.33
CA GLN D 239 -25.42 62.98 -3.28
C GLN D 239 -26.30 61.89 -3.87
N LEU D 240 -27.04 62.23 -4.93
CA LEU D 240 -27.89 61.25 -5.60
C LEU D 240 -27.07 60.10 -6.16
N VAL D 241 -26.06 60.42 -6.96
CA VAL D 241 -25.22 59.37 -7.54
C VAL D 241 -24.52 58.59 -6.44
N ALA D 242 -24.08 59.30 -5.40
CA ALA D 242 -23.44 58.65 -4.26
C ALA D 242 -24.36 57.63 -3.63
N ARG D 243 -25.60 58.03 -3.34
CA ARG D 243 -26.57 57.14 -2.72
C ARG D 243 -26.85 55.95 -3.63
N LYS D 244 -26.97 56.20 -4.92
CA LYS D 244 -27.18 55.11 -5.86
C LYS D 244 -26.03 54.10 -5.79
N VAL D 245 -24.81 54.59 -5.96
CA VAL D 245 -23.63 53.72 -5.88
C VAL D 245 -23.54 52.96 -4.57
N ALA D 246 -23.86 53.64 -3.47
CA ALA D 246 -23.87 53.01 -2.15
C ALA D 246 -24.94 51.94 -2.06
N ALA D 247 -26.10 52.22 -2.65
CA ALA D 247 -27.21 51.26 -2.62
C ALA D 247 -26.90 50.02 -3.44
N VAL D 248 -26.35 50.22 -4.63
CA VAL D 248 -26.04 49.11 -5.53
C VAL D 248 -24.82 48.31 -5.08
N SER D 249 -23.75 49.01 -4.68
CA SER D 249 -22.51 48.35 -4.30
C SER D 249 -22.68 47.37 -3.13
N GLY D 250 -23.21 47.86 -2.02
CA GLY D 250 -23.35 47.05 -0.81
C GLY D 250 -22.11 47.10 0.03
N ASP D 251 -20.99 46.67 -0.54
CA ASP D 251 -19.71 46.71 0.12
C ASP D 251 -19.01 48.03 -0.19
N ALA D 252 -18.11 48.44 0.68
CA ALA D 252 -17.36 49.68 0.48
C ALA D 252 -16.37 49.54 -0.67
N ARG D 253 -15.73 48.38 -0.77
CA ARG D 253 -14.73 48.15 -1.80
C ARG D 253 -15.35 48.29 -3.18
N ARG D 254 -16.48 47.61 -3.39
CA ARG D 254 -17.16 47.67 -4.68
C ARG D 254 -17.59 49.10 -4.97
N ALA D 255 -18.01 49.82 -3.95
CA ALA D 255 -18.39 51.21 -4.10
C ALA D 255 -17.21 52.04 -4.59
N LEU D 256 -16.09 51.95 -3.87
CA LEU D 256 -14.89 52.70 -4.25
C LEU D 256 -14.39 52.31 -5.64
N ASP D 257 -14.54 51.04 -5.99
CA ASP D 257 -14.17 50.56 -7.31
C ASP D 257 -15.05 51.19 -8.39
N ILE D 258 -16.36 51.13 -8.19
CA ILE D 258 -17.29 51.75 -9.11
C ILE D 258 -17.05 53.26 -9.20
N CYS D 259 -16.67 53.86 -8.07
CA CYS D 259 -16.34 55.28 -8.04
C CYS D 259 -15.10 55.53 -8.89
N ARG D 260 -14.09 54.69 -8.72
CA ARG D 260 -12.86 54.80 -9.50
C ARG D 260 -13.18 54.74 -10.99
N ARG D 261 -13.90 53.69 -11.39
CA ARG D 261 -14.22 53.51 -12.80
C ARG D 261 -15.06 54.69 -13.32
N ALA D 262 -16.05 55.10 -12.54
CA ALA D 262 -16.88 56.23 -12.92
C ALA D 262 -16.03 57.47 -13.10
N THR D 263 -15.05 57.66 -12.22
CA THR D 263 -14.16 58.80 -12.32
C THR D 263 -13.31 58.71 -13.58
N GLU D 264 -12.83 57.51 -13.89
CA GLU D 264 -12.09 57.32 -15.13
C GLU D 264 -12.94 57.67 -16.34
N ILE D 265 -14.18 57.18 -16.36
CA ILE D 265 -15.11 57.50 -17.43
C ILE D 265 -15.40 59.00 -17.48
N ALA D 266 -15.49 59.62 -16.32
CA ALA D 266 -15.71 61.06 -16.24
C ALA D 266 -14.52 61.80 -16.82
N ASP D 267 -13.31 61.33 -16.52
CA ASP D 267 -12.11 61.93 -17.07
C ASP D 267 -12.07 61.75 -18.57
N THR D 268 -12.39 60.54 -19.03
CA THR D 268 -12.37 60.22 -20.46
C THR D 268 -13.44 61.00 -21.22
N ALA D 269 -14.58 61.22 -20.57
CA ALA D 269 -15.70 61.92 -21.20
C ALA D 269 -15.55 63.43 -21.10
N ALA D 270 -14.39 63.89 -20.62
CA ALA D 270 -14.10 65.31 -20.52
C ALA D 270 -15.18 66.06 -19.75
N VAL D 271 -15.46 65.60 -18.54
CA VAL D 271 -16.39 66.26 -17.64
C VAL D 271 -15.80 66.30 -16.24
N LYS D 272 -16.11 67.35 -15.49
CA LYS D 272 -15.53 67.54 -14.16
C LYS D 272 -16.21 66.65 -13.11
N CYS D 273 -17.55 66.69 -13.08
CA CYS D 273 -18.30 65.92 -12.09
C CYS D 273 -18.72 64.56 -12.65
N VAL D 274 -18.90 63.60 -11.74
CA VAL D 274 -19.31 62.25 -12.12
C VAL D 274 -20.83 62.14 -12.24
N THR D 275 -21.30 61.71 -13.40
CA THR D 275 -22.73 61.60 -13.67
C THR D 275 -23.26 60.25 -13.23
N MET D 276 -24.49 59.93 -13.65
CA MET D 276 -25.11 58.65 -13.34
C MET D 276 -24.81 57.64 -14.43
N LEU D 277 -24.81 58.11 -15.68
CA LEU D 277 -24.53 57.24 -16.82
C LEU D 277 -23.15 56.61 -16.71
N HIS D 278 -22.22 57.33 -16.08
CA HIS D 278 -20.89 56.80 -15.84
C HIS D 278 -20.99 55.58 -14.94
N VAL D 279 -21.73 55.73 -13.84
CA VAL D 279 -21.95 54.64 -12.90
C VAL D 279 -22.65 53.48 -13.60
N GLN D 280 -23.68 53.79 -14.39
CA GLN D 280 -24.39 52.77 -15.14
C GLN D 280 -23.45 52.02 -16.08
N GLN D 281 -22.56 52.76 -16.74
CA GLN D 281 -21.59 52.17 -17.64
C GLN D 281 -20.65 51.24 -16.87
N ALA D 282 -20.11 51.74 -15.77
CA ALA D 282 -19.21 50.94 -14.93
C ALA D 282 -19.91 49.66 -14.50
N LEU D 283 -21.14 49.81 -14.03
CA LEU D 283 -21.94 48.66 -13.63
C LEU D 283 -22.04 47.65 -14.76
N ALA D 284 -22.48 48.12 -15.92
CA ALA D 284 -22.65 47.24 -17.07
C ALA D 284 -21.33 46.56 -17.43
N GLU D 285 -20.23 47.30 -17.31
CA GLU D 285 -18.91 46.75 -17.60
C GLU D 285 -18.49 45.71 -16.57
N MET D 286 -18.91 45.91 -15.32
CA MET D 286 -18.61 44.95 -14.27
C MET D 286 -19.45 43.69 -14.42
N ILE D 287 -20.71 43.86 -14.83
CA ILE D 287 -21.59 42.73 -15.04
C ILE D 287 -21.25 41.99 -16.33
N ALA D 288 -20.59 42.68 -17.25
CA ALA D 288 -20.26 42.11 -18.55
C ALA D 288 -19.08 41.15 -18.49
N SER D 289 -18.41 41.08 -17.33
CA SER D 289 -17.26 40.19 -17.18
C SER D 289 -17.66 38.74 -17.37
N ALA D 290 -16.66 37.89 -17.59
CA ALA D 290 -16.92 36.50 -17.95
C ALA D 290 -17.48 35.69 -16.79
N LYS D 291 -16.91 35.89 -15.62
CA LYS D 291 -17.30 35.12 -14.45
C LYS D 291 -18.74 35.47 -14.06
N VAL D 292 -19.08 36.76 -14.11
CA VAL D 292 -20.41 37.19 -13.71
C VAL D 292 -21.48 36.63 -14.64
N GLN D 293 -21.23 36.69 -15.94
CA GLN D 293 -22.13 36.12 -16.93
C GLN D 293 -22.18 34.61 -16.76
N ALA D 294 -21.03 34.01 -16.49
CA ALA D 294 -20.95 32.58 -16.26
C ALA D 294 -21.87 32.19 -15.11
N ILE D 295 -21.75 32.91 -13.99
CA ILE D 295 -22.62 32.66 -12.84
C ILE D 295 -24.07 32.92 -13.19
N ARG D 296 -24.30 33.98 -13.96
CA ARG D 296 -25.66 34.31 -14.39
C ARG D 296 -26.23 33.22 -15.30
N ASN D 297 -25.36 32.51 -16.02
CA ASN D 297 -25.79 31.40 -16.88
C ASN D 297 -26.09 30.11 -16.12
N CYS D 298 -25.58 30.00 -14.89
CA CYS D 298 -25.82 28.81 -14.07
C CYS D 298 -27.30 28.62 -13.79
N SER D 299 -27.67 27.42 -13.35
CA SER D 299 -29.05 27.15 -12.98
C SER D 299 -29.33 27.67 -11.59
N ARG D 300 -30.56 27.49 -11.13
CA ARG D 300 -30.95 28.02 -9.84
C ARG D 300 -30.20 27.27 -8.74
N MET D 301 -30.27 25.95 -8.78
CA MET D 301 -29.63 25.13 -7.76
C MET D 301 -28.14 25.40 -7.67
N GLU D 302 -27.52 25.61 -8.82
CA GLU D 302 -26.10 25.90 -8.86
C GLU D 302 -25.81 27.21 -8.13
N GLN D 303 -26.59 28.23 -8.42
CA GLN D 303 -26.42 29.52 -7.78
C GLN D 303 -26.62 29.37 -6.29
N ILE D 304 -27.68 28.66 -5.90
CA ILE D 304 -27.93 28.37 -4.50
C ILE D 304 -26.72 27.67 -3.88
N PHE D 305 -26.13 26.75 -4.63
CA PHE D 305 -24.95 26.03 -4.17
C PHE D 305 -23.78 26.98 -3.94
N LEU D 306 -23.56 27.88 -4.89
CA LEU D 306 -22.51 28.88 -4.74
C LEU D 306 -22.75 29.73 -3.51
N GLN D 307 -23.97 30.21 -3.36
CA GLN D 307 -24.34 31.03 -2.21
C GLN D 307 -24.16 30.23 -0.94
N ALA D 308 -24.46 28.94 -0.99
CA ALA D 308 -24.28 28.06 0.16
C ALA D 308 -22.81 27.92 0.54
N ILE D 309 -21.96 27.69 -0.44
CA ILE D 309 -20.52 27.66 -0.20
C ILE D 309 -20.08 28.98 0.45
N ALA D 310 -20.49 30.09 -0.14
CA ALA D 310 -20.16 31.40 0.40
C ALA D 310 -20.58 31.48 1.87
N ALA D 311 -21.82 31.09 2.15
CA ALA D 311 -22.34 31.08 3.51
C ALA D 311 -21.47 30.25 4.43
N GLU D 312 -21.07 29.09 3.95
CA GLU D 312 -20.20 28.21 4.72
C GLU D 312 -18.86 28.88 5.01
N VAL D 313 -18.30 29.54 4.01
CA VAL D 313 -17.05 30.26 4.20
C VAL D 313 -17.25 31.38 5.21
N THR D 314 -18.39 32.04 5.15
CA THR D 314 -18.69 33.12 6.08
C THR D 314 -18.84 32.63 7.51
N ARG D 315 -19.51 31.49 7.68
CA ARG D 315 -19.71 30.90 9.00
C ARG D 315 -18.44 30.33 9.60
N THR D 316 -17.69 29.55 8.81
CA THR D 316 -16.49 28.89 9.31
C THR D 316 -15.32 29.86 9.51
N GLY D 317 -15.16 30.80 8.59
CA GLY D 317 -14.04 31.71 8.61
C GLY D 317 -12.85 31.18 7.82
N VAL D 318 -12.87 29.88 7.56
CA VAL D 318 -11.91 29.24 6.68
C VAL D 318 -12.36 29.42 5.23
N GLU D 319 -11.41 29.42 4.30
CA GLU D 319 -11.75 29.55 2.89
C GLU D 319 -12.32 28.24 2.35
N GLU D 320 -11.66 27.13 2.66
CA GLU D 320 -12.10 25.83 2.16
C GLU D 320 -13.29 25.31 2.93
N THR D 321 -14.27 24.80 2.20
CA THR D 321 -15.45 24.20 2.81
C THR D 321 -15.43 22.70 2.58
N THR D 322 -16.22 21.97 3.36
CA THR D 322 -16.46 20.57 3.09
C THR D 322 -17.93 20.41 2.71
N PHE D 323 -18.19 19.55 1.75
CA PHE D 323 -19.52 19.36 1.16
C PHE D 323 -20.67 19.38 2.16
N MET D 324 -20.48 18.74 3.29
CA MET D 324 -21.56 18.58 4.24
C MET D 324 -22.13 19.93 4.66
N GLY D 325 -21.27 20.81 5.19
CA GLY D 325 -21.70 22.11 5.62
C GLY D 325 -22.34 22.88 4.47
N VAL D 326 -21.75 22.74 3.29
CA VAL D 326 -22.28 23.38 2.11
C VAL D 326 -23.69 22.90 1.86
N TYR D 327 -23.91 21.59 2.00
CA TYR D 327 -25.23 21.02 1.76
C TYR D 327 -26.22 21.46 2.82
N GLN D 328 -25.74 21.62 4.04
CA GLN D 328 -26.58 22.15 5.11
C GLN D 328 -27.02 23.56 4.73
N GLN D 329 -26.06 24.40 4.35
CA GLN D 329 -26.36 25.75 3.92
C GLN D 329 -27.29 25.75 2.72
N VAL D 330 -27.11 24.77 1.83
CA VAL D 330 -28.00 24.60 0.70
C VAL D 330 -29.41 24.31 1.17
N GLU D 331 -29.53 23.44 2.17
CA GLU D 331 -30.84 23.11 2.72
C GLU D 331 -31.49 24.35 3.35
N THR D 332 -30.69 25.10 4.10
CA THR D 332 -31.18 26.34 4.72
C THR D 332 -31.69 27.31 3.66
N ILE D 333 -30.81 27.69 2.74
CA ILE D 333 -31.15 28.62 1.68
C ILE D 333 -32.33 28.14 0.86
N ALA D 334 -32.33 26.86 0.52
CA ALA D 334 -33.40 26.32 -0.30
C ALA D 334 -34.71 26.34 0.46
N ALA D 335 -34.66 25.99 1.74
CA ALA D 335 -35.85 25.98 2.57
C ALA D 335 -36.41 27.39 2.72
N PHE D 336 -35.52 28.37 2.87
CA PHE D 336 -35.93 29.77 2.92
C PHE D 336 -36.58 30.22 1.62
N MET D 337 -36.00 29.82 0.48
CA MET D 337 -36.49 30.21 -0.83
C MET D 337 -37.72 29.43 -1.24
N GLY D 338 -38.09 28.43 -0.45
CA GLY D 338 -39.24 27.59 -0.76
C GLY D 338 -38.93 26.46 -1.72
N VAL D 339 -37.74 26.49 -2.32
CA VAL D 339 -37.29 25.44 -3.24
C VAL D 339 -36.89 24.18 -2.49
N THR D 340 -37.29 23.02 -3.01
CA THR D 340 -36.90 21.76 -2.40
C THR D 340 -35.66 21.23 -3.13
N PHE D 341 -34.52 21.33 -2.46
CA PHE D 341 -33.25 20.94 -3.06
C PHE D 341 -33.10 19.42 -3.11
N PRO D 342 -32.55 18.88 -4.21
CA PRO D 342 -32.44 17.43 -4.35
C PRO D 342 -31.45 16.81 -3.37
N PRO D 343 -31.49 15.48 -3.23
CA PRO D 343 -30.62 14.79 -2.28
C PRO D 343 -29.14 14.98 -2.58
N PRO D 344 -28.26 14.53 -1.68
CA PRO D 344 -26.81 14.75 -1.76
C PRO D 344 -26.20 14.32 -3.08
N GLY D 345 -26.67 13.21 -3.63
CA GLY D 345 -26.11 12.70 -4.88
C GLY D 345 -26.17 13.73 -5.98
N ARG D 346 -27.37 14.24 -6.23
CA ARG D 346 -27.54 15.27 -7.24
C ARG D 346 -26.72 16.50 -6.90
N ALA D 347 -26.50 16.75 -5.61
CA ALA D 347 -25.70 17.88 -5.19
C ALA D 347 -24.22 17.62 -5.43
N LEU D 348 -23.83 16.35 -5.39
CA LEU D 348 -22.46 15.97 -5.71
C LEU D 348 -22.27 16.11 -7.21
N ARG D 349 -23.30 15.75 -7.96
CA ARG D 349 -23.33 15.97 -9.41
C ARG D 349 -23.19 17.46 -9.70
N LEU D 350 -24.00 18.27 -9.03
CA LEU D 350 -23.97 19.72 -9.18
C LEU D 350 -22.59 20.27 -8.89
N CYS D 351 -22.06 19.84 -7.75
CA CYS D 351 -20.73 20.26 -7.33
C CYS D 351 -19.69 19.86 -8.35
N SER D 352 -19.80 18.65 -8.88
CA SER D 352 -18.84 18.16 -9.87
C SER D 352 -18.95 18.97 -11.16
N LYS D 353 -20.17 19.27 -11.56
CA LYS D 353 -20.38 20.07 -12.76
C LYS D 353 -19.73 21.42 -12.58
N LEU D 354 -20.11 22.12 -11.51
CA LEU D 354 -19.55 23.44 -11.24
C LEU D 354 -18.05 23.36 -11.06
N GLY D 355 -17.57 22.25 -10.52
CA GLY D 355 -16.16 22.04 -10.32
C GLY D 355 -15.45 21.87 -11.65
N ALA D 356 -16.14 21.21 -12.58
CA ALA D 356 -15.58 20.97 -13.90
C ALA D 356 -15.50 22.26 -14.69
N GLU D 357 -16.49 23.13 -14.49
CA GLU D 357 -16.59 24.39 -15.23
C GLU D 357 -15.69 25.47 -14.62
N ARG D 358 -15.00 25.09 -13.56
CA ARG D 358 -14.03 25.95 -12.89
C ARG D 358 -14.61 27.18 -12.17
N LEU D 359 -15.92 27.20 -11.94
CA LEU D 359 -16.51 28.22 -11.05
C LEU D 359 -16.13 27.95 -9.59
N ILE D 360 -16.28 26.71 -9.17
CA ILE D 360 -15.75 26.25 -7.90
C ILE D 360 -14.63 25.24 -8.14
N ILE D 361 -14.08 24.70 -7.07
CA ILE D 361 -13.00 23.71 -7.16
C ILE D 361 -13.27 22.55 -6.19
N SER D 362 -13.42 21.34 -6.72
CA SER D 362 -13.90 20.22 -5.94
C SER D 362 -13.24 18.90 -6.34
N GLU D 363 -13.16 17.96 -5.41
CA GLU D 363 -12.41 16.73 -5.67
C GLU D 363 -13.29 15.49 -5.81
N HIS D 364 -13.71 15.22 -7.04
CA HIS D 364 -14.25 13.92 -7.41
C HIS D 364 -15.67 13.60 -6.92
N SER D 365 -15.86 13.63 -5.61
CA SER D 365 -17.09 13.24 -4.91
C SER D 365 -16.99 11.81 -4.47
N ARG D 366 -15.89 11.16 -4.80
CA ARG D 366 -15.60 9.87 -4.21
C ARG D 366 -15.61 10.08 -2.70
N ASN D 367 -15.30 11.29 -2.27
CA ASN D 367 -15.30 11.65 -0.86
C ASN D 367 -16.56 12.45 -0.54
N ASP D 368 -17.71 11.87 -0.87
CA ASP D 368 -18.98 12.54 -0.64
C ASP D 368 -19.07 12.91 0.82
N LEU D 369 -19.66 14.09 1.07
CA LEU D 369 -19.77 14.67 2.40
C LEU D 369 -18.42 15.13 2.95
N PHE D 370 -17.33 14.53 2.49
CA PHE D 370 -16.01 14.84 3.00
C PHE D 370 -15.12 15.49 1.94
N GLN D 371 -15.64 15.63 0.73
CA GLN D 371 -14.88 16.30 -0.33
C GLN D 371 -14.75 17.78 0.00
N LYS D 372 -13.61 18.37 -0.35
CA LYS D 372 -13.38 19.76 -0.05
C LYS D 372 -13.74 20.63 -1.25
N ILE D 373 -14.61 21.61 -1.01
CA ILE D 373 -15.06 22.52 -2.05
C ILE D 373 -14.46 23.90 -1.88
N LEU D 374 -13.52 24.25 -2.75
CA LEU D 374 -12.99 25.61 -2.81
C LEU D 374 -13.89 26.43 -3.72
N LEU D 375 -13.94 27.73 -3.49
CA LEU D 375 -14.77 28.63 -4.29
C LEU D 375 -13.86 29.48 -5.16
N ASN D 376 -14.13 29.51 -6.47
CA ASN D 376 -13.26 30.19 -7.41
C ASN D 376 -13.98 31.26 -8.18
N VAL D 377 -14.76 32.10 -7.49
CA VAL D 377 -15.45 33.21 -8.10
C VAL D 377 -15.40 34.55 -7.34
N SER D 378 -15.23 34.52 -6.03
CA SER D 378 -15.23 35.75 -5.20
C SER D 378 -16.65 36.32 -5.03
N ALA D 379 -16.85 37.08 -3.95
CA ALA D 379 -18.18 37.56 -3.58
C ALA D 379 -18.69 38.64 -4.54
N ASP D 380 -17.79 39.50 -5.00
CA ASP D 380 -18.17 40.60 -5.87
C ASP D 380 -18.86 40.11 -7.14
N ASP D 381 -18.29 39.08 -7.76
CA ASP D 381 -18.85 38.54 -9.00
C ASP D 381 -20.21 37.95 -8.73
N ILE D 382 -20.34 37.18 -7.65
CA ILE D 382 -21.61 36.61 -7.27
C ILE D 382 -22.63 37.72 -7.05
N HIS D 383 -22.18 38.80 -6.41
CA HIS D 383 -23.06 39.94 -6.13
C HIS D 383 -23.56 40.58 -7.41
N TYR D 384 -22.64 40.96 -8.28
CA TYR D 384 -22.98 41.57 -9.57
C TYR D 384 -23.81 40.62 -10.42
N ALA D 385 -23.57 39.32 -10.26
CA ALA D 385 -24.30 38.31 -11.02
C ALA D 385 -25.72 38.13 -10.54
N LEU D 386 -25.89 38.02 -9.23
CA LEU D 386 -27.17 37.65 -8.66
C LEU D 386 -28.00 38.80 -8.10
N ARG D 387 -27.37 39.71 -7.36
CA ARG D 387 -28.11 40.65 -6.52
C ARG D 387 -28.30 42.05 -7.11
N VAL D 388 -27.63 42.34 -8.22
CA VAL D 388 -27.82 43.62 -8.89
C VAL D 388 -29.04 43.58 -9.79
N UNK E 1 33.22 -9.80 28.90
CA UNK E 1 33.27 -9.26 27.51
C UNK E 1 31.90 -9.36 26.84
N UNK E 2 30.95 -8.56 27.31
CA UNK E 2 29.60 -8.54 26.74
C UNK E 2 29.04 -7.11 26.77
N UNK E 3 27.80 -6.96 26.31
CA UNK E 3 27.13 -5.68 26.33
C UNK E 3 25.67 -5.83 26.76
N UNK E 4 25.43 -5.58 28.05
CA UNK E 4 24.09 -5.65 28.62
C UNK E 4 23.70 -4.29 29.19
N UNK E 5 23.02 -3.45 28.40
CA UNK E 5 22.64 -2.12 28.88
C UNK E 5 21.38 -2.16 29.74
N UNK E 6 21.50 -1.67 30.97
CA UNK E 6 20.36 -1.67 31.89
C UNK E 6 19.31 -0.67 31.42
N UNK E 7 18.07 -1.13 31.38
CA UNK E 7 16.96 -0.32 30.90
C UNK E 7 16.64 0.85 31.83
N UNK E 8 17.04 0.72 33.09
CA UNK E 8 16.78 1.76 34.09
C UNK E 8 17.34 3.10 33.63
N UNK E 9 18.50 3.07 32.99
CA UNK E 9 19.12 4.28 32.48
C UNK E 9 18.24 4.94 31.43
N UNK E 10 17.77 4.13 30.49
CA UNK E 10 16.90 4.61 29.43
C UNK E 10 15.60 5.18 29.98
N UNK E 11 15.02 4.46 30.94
CA UNK E 11 13.79 4.91 31.59
C UNK E 11 13.98 6.25 32.29
N UNK E 12 15.00 6.32 33.15
CA UNK E 12 15.31 7.57 33.85
C UNK E 12 15.68 8.68 32.89
N UNK E 13 16.33 8.33 31.78
CA UNK E 13 16.70 9.32 30.77
C UNK E 13 15.45 9.97 30.18
N UNK E 14 14.49 9.13 29.78
CA UNK E 14 13.20 9.62 29.29
C UNK E 14 12.25 9.86 30.45
N UNK E 15 10.42 15.96 29.70
CA UNK E 15 11.87 15.78 29.78
C UNK E 15 12.58 17.13 29.88
N UNK E 16 12.94 17.51 31.10
CA UNK E 16 13.64 18.77 31.32
C UNK E 16 15.11 18.64 30.91
N UNK E 17 15.54 19.49 29.97
CA UNK E 17 16.93 19.51 29.57
C UNK E 17 17.77 20.13 30.68
N UNK E 18 18.43 19.27 31.45
CA UNK E 18 19.22 19.71 32.61
C UNK E 18 20.66 19.95 32.21
N UNK E 19 20.87 20.88 31.28
CA UNK E 19 22.21 21.22 30.85
C UNK E 19 22.31 22.73 30.68
N UNK E 20 23.54 23.21 30.55
CA UNK E 20 23.80 24.64 30.42
C UNK E 20 23.36 25.15 29.05
N UNK E 21 22.86 26.38 29.02
CA UNK E 21 22.34 26.97 27.79
C UNK E 21 23.43 27.68 26.99
N UNK E 22 24.69 27.34 27.25
CA UNK E 22 25.81 27.97 26.55
C UNK E 22 25.72 27.67 25.05
N UNK E 23 25.68 28.72 24.25
CA UNK E 23 25.51 28.59 22.80
C UNK E 23 26.79 28.15 22.12
N UNK E 24 26.63 27.49 20.97
CA UNK E 24 27.76 27.07 20.15
C UNK E 24 28.39 28.27 19.43
N UNK E 25 27.67 29.38 19.41
CA UNK E 25 28.08 30.56 18.67
C UNK E 25 29.39 31.15 19.20
N UNK E 26 29.50 31.26 20.52
CA UNK E 26 30.68 31.89 21.12
C UNK E 26 31.96 31.13 20.78
N UNK E 27 32.57 30.49 15.86
CA UNK E 27 31.40 29.61 15.97
C UNK E 27 31.63 28.30 15.25
N UNK E 28 31.35 28.27 13.95
CA UNK E 28 31.54 27.07 13.14
C UNK E 28 32.85 27.13 12.37
N UNK E 29 33.74 26.18 12.64
CA UNK E 29 35.04 26.15 12.00
C UNK E 29 34.93 25.77 10.53
N UNK E 30 35.92 26.18 9.74
CA UNK E 30 35.94 25.90 8.30
C UNK E 30 36.33 24.44 8.05
N UNK E 31 35.97 23.95 6.87
CA UNK E 31 36.28 22.57 6.50
C UNK E 31 37.77 22.41 6.19
N UNK E 32 38.35 23.41 5.52
CA UNK E 32 39.75 23.37 5.16
C UNK E 32 40.62 23.37 6.41
N UNK E 33 40.22 24.16 7.41
CA UNK E 33 40.95 24.23 8.66
C UNK E 33 40.92 22.88 9.37
N UNK E 34 39.77 22.20 9.28
CA UNK E 34 39.63 20.87 9.87
C UNK E 34 40.43 19.86 9.07
N UNK E 35 40.46 20.03 7.75
CA UNK E 35 41.25 19.17 6.88
C UNK E 35 42.74 19.35 7.16
N UNK E 36 43.13 20.59 7.46
CA UNK E 36 44.51 20.90 7.80
C UNK E 36 44.89 20.21 9.11
N UNK E 37 44.02 20.32 10.10
CA UNK E 37 44.24 19.71 11.41
C UNK E 37 45.54 20.18 12.03
N GLU F 38 51.02 -25.02 30.83
CA GLU F 38 52.45 -25.29 30.68
C GLU F 38 52.81 -25.44 29.20
N ASP F 39 54.00 -24.99 28.85
CA ASP F 39 54.48 -25.08 27.47
C ASP F 39 54.85 -26.53 27.12
N TYR F 40 54.79 -26.85 25.84
CA TYR F 40 55.05 -28.21 25.37
C TYR F 40 56.55 -28.53 25.39
N GLU F 41 57.37 -27.59 24.92
CA GLU F 41 58.81 -27.81 24.86
C GLU F 41 59.43 -27.96 26.24
N ILE F 42 58.97 -27.14 27.18
CA ILE F 42 59.45 -27.21 28.55
C ILE F 42 59.08 -28.55 29.17
N TRP F 43 57.86 -29.00 28.89
CA TRP F 43 57.38 -30.29 29.35
C TRP F 43 58.21 -31.41 28.76
N LYS F 44 58.44 -31.35 27.45
CA LYS F 44 59.27 -32.32 26.76
C LYS F 44 60.67 -32.37 27.36
N ALA F 45 61.25 -31.19 27.58
CA ALA F 45 62.57 -31.08 28.20
C ALA F 45 62.56 -31.64 29.61
N ARG F 46 61.48 -31.38 30.35
CA ARG F 46 61.35 -31.88 31.71
C ARG F 46 61.33 -33.40 31.73
N MET F 47 60.49 -33.98 30.88
CA MET F 47 60.41 -35.43 30.78
C MET F 47 61.74 -36.01 30.31
N LEU F 48 62.40 -35.30 29.40
CA LEU F 48 63.72 -35.69 28.93
C LEU F 48 64.71 -35.71 30.10
N ALA F 49 64.64 -34.67 30.94
CA ALA F 49 65.50 -34.59 32.12
C ALA F 49 65.18 -35.73 33.08
N LYS F 50 63.89 -36.01 33.28
CA LYS F 50 63.46 -37.11 34.13
C LYS F 50 63.98 -38.44 33.59
N ALA F 51 63.99 -38.58 32.27
CA ALA F 51 64.56 -39.78 31.65
C ALA F 51 66.06 -39.86 31.89
N GLN F 52 66.76 -38.76 31.64
CA GLN F 52 68.19 -38.68 31.91
C GLN F 52 68.48 -38.94 33.38
N ALA F 53 67.52 -38.58 34.24
CA ALA F 53 67.63 -38.86 35.67
C ALA F 53 67.34 -40.33 35.95
N LYS F 54 66.41 -40.91 35.20
CA LYS F 54 66.06 -42.32 35.34
C LYS F 54 67.21 -43.22 34.89
N LEU F 55 67.89 -42.83 33.81
CA LEU F 55 69.00 -43.61 33.29
C LEU F 55 70.15 -43.66 34.29
N LYS F 56 70.30 -42.60 35.08
CA LYS F 56 71.35 -42.55 36.10
C LYS F 56 70.97 -43.43 37.30
N ASP G 5 -50.17 1.23 -33.04
CA ASP G 5 -49.71 -0.10 -33.46
C ASP G 5 -48.28 -0.02 -33.99
N ARG G 6 -48.09 -0.22 -35.29
CA ARG G 6 -46.77 -0.09 -35.89
C ARG G 6 -46.34 1.36 -35.81
N GLU G 7 -47.33 2.24 -35.86
CA GLU G 7 -47.10 3.68 -35.86
C GLU G 7 -46.34 4.13 -34.61
N LEU G 8 -46.77 3.63 -33.45
CA LEU G 8 -46.10 3.96 -32.20
C LEU G 8 -44.65 3.53 -32.21
N VAL G 9 -44.40 2.34 -32.73
CA VAL G 9 -43.05 1.84 -32.87
C VAL G 9 -42.23 2.76 -33.77
N SER G 10 -42.81 3.10 -34.93
CA SER G 10 -42.17 4.04 -35.83
C SER G 10 -41.79 5.33 -35.12
N ILE G 11 -42.77 5.94 -34.46
CA ILE G 11 -42.54 7.19 -33.75
C ILE G 11 -41.47 7.06 -32.67
N ARG G 12 -41.52 5.97 -31.92
CA ARG G 12 -40.54 5.74 -30.86
C ARG G 12 -39.13 5.62 -31.45
N ARG G 13 -38.99 4.83 -32.51
CA ARG G 13 -37.72 4.74 -33.23
C ARG G 13 -37.24 6.13 -33.62
N PHE G 14 -38.12 6.86 -34.29
CA PHE G 14 -37.81 8.21 -34.76
C PHE G 14 -37.26 9.06 -33.62
N LEU G 15 -38.06 9.23 -32.56
CA LEU G 15 -37.67 10.07 -31.45
C LEU G 15 -36.35 9.62 -30.79
N LYS G 16 -36.20 8.32 -30.58
CA LYS G 16 -34.96 7.77 -30.05
C LYS G 16 -33.77 8.18 -30.91
N GLU G 17 -33.86 7.91 -32.20
CA GLU G 17 -32.77 8.21 -33.12
C GLU G 17 -32.47 9.70 -33.15
N ARG G 18 -33.53 10.51 -33.14
CA ARG G 18 -33.37 11.96 -33.11
C ARG G 18 -32.63 12.41 -31.87
N LEU G 19 -33.04 11.89 -30.72
CA LEU G 19 -32.39 12.27 -29.47
C LEU G 19 -30.93 11.85 -29.47
N GLN G 20 -30.66 10.56 -29.64
CA GLN G 20 -29.31 10.06 -29.44
C GLN G 20 -28.35 10.43 -30.56
N ARG G 21 -28.88 10.88 -31.69
CA ARG G 21 -28.04 11.32 -32.81
C ARG G 21 -28.44 12.73 -33.25
N ASP G 22 -28.60 12.95 -34.55
CA ASP G 22 -28.90 14.28 -35.07
C ASP G 22 -27.77 15.22 -34.70
N TYR G 23 -26.59 14.91 -35.19
CA TYR G 23 -25.36 15.60 -34.79
C TYR G 23 -25.25 17.03 -35.29
N THR G 24 -26.04 17.38 -36.29
CA THR G 24 -25.86 18.64 -37.01
C THR G 24 -26.86 19.72 -36.62
N THR G 25 -28.14 19.37 -36.53
CA THR G 25 -29.18 20.37 -36.31
C THR G 25 -29.09 20.97 -34.91
N LEU G 26 -29.09 22.30 -34.84
CA LEU G 26 -29.12 23.04 -33.59
C LEU G 26 -30.14 24.14 -33.67
N ARG G 27 -30.79 24.42 -32.55
CA ARG G 27 -31.87 25.40 -32.51
C ARG G 27 -31.45 26.65 -31.75
N GLY G 28 -31.64 27.79 -32.39
CA GLY G 28 -31.28 29.06 -31.80
C GLY G 28 -29.81 29.41 -31.95
N TYR G 29 -29.31 30.24 -31.06
CA TYR G 29 -27.91 30.67 -31.06
C TYR G 29 -27.49 31.26 -32.41
N ALA G 30 -28.31 32.17 -32.91
CA ALA G 30 -28.07 32.76 -34.22
C ALA G 30 -26.74 33.49 -34.29
N LYS G 31 -26.47 34.31 -33.27
CA LYS G 31 -25.27 35.13 -33.27
C LYS G 31 -24.01 34.28 -33.28
N GLU G 32 -24.00 33.24 -32.44
CA GLU G 32 -22.83 32.39 -32.34
C GLU G 32 -22.62 31.62 -33.64
N ARG G 33 -23.70 31.04 -34.14
CA ARG G 33 -23.67 30.33 -35.41
C ARG G 33 -23.12 31.23 -36.50
N SER G 34 -23.69 32.42 -36.63
CA SER G 34 -23.25 33.37 -37.65
C SER G 34 -21.77 33.72 -37.45
N ASN G 35 -21.37 33.94 -36.20
CA ASN G 35 -19.98 34.27 -35.90
C ASN G 35 -19.00 33.19 -36.36
N VAL G 36 -19.24 31.96 -35.90
CA VAL G 36 -18.40 30.84 -36.31
C VAL G 36 -18.44 30.67 -37.83
N ARG G 37 -19.63 30.80 -38.41
CA ARG G 37 -19.80 30.70 -39.85
C ARG G 37 -18.94 31.73 -40.56
N LEU G 38 -18.97 32.96 -40.10
CA LEU G 38 -18.19 34.02 -40.74
C LEU G 38 -16.71 33.72 -40.61
N LEU G 39 -16.27 33.34 -39.41
CA LEU G 39 -14.84 33.03 -39.22
C LEU G 39 -14.39 31.91 -40.17
N LEU G 40 -15.15 30.83 -40.21
CA LEU G 40 -14.82 29.73 -41.11
C LEU G 40 -14.90 30.20 -42.56
N GLN G 41 -15.84 31.09 -42.86
CA GLN G 41 -15.94 31.65 -44.20
C GLN G 41 -14.67 32.41 -44.53
N ARG G 42 -14.14 33.15 -43.57
CA ARG G 42 -12.89 33.86 -43.76
C ARG G 42 -11.81 32.86 -44.10
N THR G 43 -11.55 31.95 -43.17
CA THR G 43 -10.46 31.00 -43.34
C THR G 43 -10.57 30.17 -44.61
N ALA G 44 -11.78 29.78 -44.97
CA ALA G 44 -11.99 28.98 -46.16
C ALA G 44 -11.98 29.80 -47.44
N GLU G 45 -12.90 30.74 -47.54
CA GLU G 45 -13.10 31.50 -48.77
C GLU G 45 -11.96 32.50 -49.04
N MET G 46 -11.42 33.10 -47.99
CA MET G 46 -10.40 34.13 -48.16
C MET G 46 -8.99 33.58 -47.92
N GLY G 47 -8.90 32.48 -47.20
CA GLY G 47 -7.66 31.73 -47.09
C GLY G 47 -6.72 32.22 -46.01
N GLU G 48 -7.26 32.93 -45.03
CA GLU G 48 -6.46 33.38 -43.90
C GLU G 48 -6.59 32.41 -42.74
N SER G 49 -5.88 32.67 -41.66
CA SER G 49 -5.82 31.74 -40.53
C SER G 49 -6.25 32.40 -39.22
N ASN G 50 -6.98 31.64 -38.40
CA ASN G 50 -7.48 32.15 -37.13
C ASN G 50 -7.55 31.12 -36.03
N SER G 51 -7.65 31.61 -34.80
CA SER G 51 -7.74 30.77 -33.63
C SER G 51 -8.95 31.15 -32.78
N LEU G 52 -9.96 30.29 -32.79
CA LEU G 52 -11.19 30.51 -32.07
C LEU G 52 -11.24 29.59 -30.85
N LEU G 53 -12.06 29.94 -29.87
CA LEU G 53 -12.17 29.14 -28.66
C LEU G 53 -13.58 29.27 -28.08
N LEU G 54 -14.22 28.14 -27.78
CA LEU G 54 -15.60 28.11 -27.31
C LEU G 54 -15.71 27.64 -25.87
N LEU G 55 -16.29 28.49 -25.02
CA LEU G 55 -16.55 28.14 -23.63
C LEU G 55 -18.04 27.98 -23.40
N GLY G 56 -18.42 27.00 -22.59
CA GLY G 56 -19.81 26.76 -22.30
C GLY G 56 -19.99 25.57 -21.38
N PRO G 57 -21.06 25.58 -20.58
CA PRO G 57 -21.27 24.48 -19.64
C PRO G 57 -21.40 23.16 -20.38
N ARG G 58 -20.90 22.09 -19.78
CA ARG G 58 -20.97 20.78 -20.40
C ARG G 58 -22.41 20.33 -20.47
N GLY G 59 -22.89 20.12 -21.69
CA GLY G 59 -24.26 19.71 -21.91
C GLY G 59 -24.87 20.51 -23.05
N SER G 60 -24.42 21.76 -23.16
CA SER G 60 -24.93 22.64 -24.20
C SER G 60 -24.27 22.31 -25.51
N GLY G 61 -25.07 22.10 -26.54
CA GLY G 61 -24.57 21.66 -27.82
C GLY G 61 -23.75 22.71 -28.52
N LYS G 62 -22.50 22.88 -28.08
CA LYS G 62 -21.59 23.81 -28.74
C LYS G 62 -20.87 23.08 -29.87
N THR G 63 -20.48 21.85 -29.60
CA THR G 63 -19.93 21.01 -30.64
C THR G 63 -21.01 20.84 -31.71
N THR G 64 -22.26 20.83 -31.27
CA THR G 64 -23.39 20.75 -32.19
C THR G 64 -23.50 22.01 -33.04
N LEU G 65 -23.22 23.15 -32.43
CA LEU G 65 -23.19 24.41 -33.15
C LEU G 65 -22.11 24.36 -34.23
N ILE G 66 -20.91 23.93 -33.85
CA ILE G 66 -19.84 23.74 -34.82
C ILE G 66 -20.28 22.81 -35.95
N ASN G 67 -20.84 21.68 -35.58
CA ASN G 67 -21.37 20.74 -36.56
C ASN G 67 -22.42 21.37 -37.46
N SER G 68 -23.26 22.22 -36.90
CA SER G 68 -24.30 22.87 -37.68
C SER G 68 -23.71 23.84 -38.69
N VAL G 69 -22.83 24.72 -38.20
CA VAL G 69 -22.16 25.68 -39.05
C VAL G 69 -21.43 24.96 -40.20
N LEU G 70 -20.69 23.92 -39.85
CA LEU G 70 -20.03 23.11 -40.88
C LEU G 70 -21.06 22.47 -41.79
N ALA G 71 -22.15 21.99 -41.22
CA ALA G 71 -23.20 21.36 -42.01
C ALA G 71 -23.79 22.32 -43.02
N ASP G 72 -23.90 23.59 -42.65
CA ASP G 72 -24.41 24.60 -43.56
C ASP G 72 -23.34 25.09 -44.53
N LEU G 73 -22.10 25.16 -44.07
CA LEU G 73 -21.02 25.76 -44.85
C LEU G 73 -20.34 24.79 -45.83
N LEU G 74 -20.37 23.49 -45.53
CA LEU G 74 -19.69 22.51 -46.38
C LEU G 74 -20.33 22.28 -47.76
N PRO G 75 -21.65 22.11 -47.81
CA PRO G 75 -22.24 21.69 -49.09
C PRO G 75 -22.20 22.74 -50.20
N ASN G 76 -21.57 23.88 -49.95
CA ASN G 76 -21.44 24.91 -50.98
C ASN G 76 -20.43 24.52 -52.05
N LYS G 77 -19.66 23.46 -51.78
CA LYS G 77 -18.70 22.90 -52.75
C LYS G 77 -17.55 23.85 -53.09
N SER G 78 -17.85 25.12 -53.30
CA SER G 78 -16.83 26.15 -53.41
C SER G 78 -15.96 26.15 -52.14
N PHE G 79 -16.60 25.77 -51.04
CA PHE G 79 -15.93 25.62 -49.75
C PHE G 79 -15.55 24.15 -49.51
N GLY G 80 -16.33 23.24 -50.08
CA GLY G 80 -16.18 21.82 -49.84
C GLY G 80 -14.86 21.24 -50.34
N GLU G 81 -14.61 21.39 -51.62
CA GLU G 81 -13.42 20.81 -52.24
C GLU G 81 -12.14 21.41 -51.66
N ASN G 82 -12.15 22.72 -51.48
CA ASN G 82 -10.97 23.44 -51.01
C ASN G 82 -10.55 23.04 -49.60
N THR G 83 -11.48 23.11 -48.65
CA THR G 83 -11.18 22.91 -47.23
C THR G 83 -11.39 21.48 -46.76
N LEU G 84 -10.65 21.10 -45.71
CA LEU G 84 -10.87 19.81 -45.05
C LEU G 84 -10.81 19.98 -43.54
N ILE G 85 -11.57 19.17 -42.82
CA ILE G 85 -11.70 19.31 -41.37
C ILE G 85 -10.97 18.19 -40.64
N VAL G 86 -10.28 18.57 -39.57
CA VAL G 86 -9.53 17.60 -38.76
C VAL G 86 -10.03 17.65 -37.33
N HIS G 87 -10.56 16.52 -36.85
CA HIS G 87 -11.13 16.44 -35.53
C HIS G 87 -10.10 15.87 -34.57
N LEU G 88 -9.99 16.48 -33.40
CA LEU G 88 -9.09 15.98 -32.36
C LEU G 88 -9.78 16.07 -31.01
N ASP G 89 -9.45 15.14 -30.12
CA ASP G 89 -10.12 15.01 -28.84
C ASP G 89 -9.10 14.77 -27.73
N GLY G 90 -9.15 15.60 -26.70
CA GLY G 90 -8.16 15.55 -25.64
C GLY G 90 -8.10 14.23 -24.92
N ASN G 91 -9.21 13.49 -24.94
CA ASN G 91 -9.28 12.20 -24.26
C ASN G 91 -8.62 11.11 -25.07
N LEU G 92 -8.77 11.18 -26.39
CA LEU G 92 -8.20 10.20 -27.29
C LEU G 92 -6.82 10.60 -27.77
N HIS G 93 -6.70 11.77 -28.35
CA HIS G 93 -5.43 12.25 -28.88
C HIS G 93 -4.57 12.84 -27.80
N THR G 94 -3.81 11.99 -27.12
CA THR G 94 -2.83 12.44 -26.15
C THR G 94 -1.42 12.30 -26.73
N ASP G 95 -0.41 12.61 -25.93
CA ASP G 95 0.98 12.33 -26.29
C ASP G 95 1.44 13.07 -27.55
N ASP G 96 0.63 14.01 -28.03
CA ASP G 96 1.01 14.87 -29.16
C ASP G 96 1.29 14.08 -30.44
N ARG G 97 2.25 13.15 -30.37
CA ARG G 97 2.60 12.30 -31.51
C ARG G 97 1.38 11.61 -32.10
N VAL G 98 0.51 11.14 -31.21
CA VAL G 98 -0.72 10.48 -31.65
C VAL G 98 -1.58 11.46 -32.42
N ALA G 99 -1.66 12.68 -31.92
CA ALA G 99 -2.43 13.72 -32.58
C ALA G 99 -1.87 13.98 -33.97
N LEU G 100 -0.56 14.12 -34.05
CA LEU G 100 0.10 14.40 -35.33
C LEU G 100 -0.13 13.27 -36.33
N LYS G 101 0.01 12.04 -35.85
CA LYS G 101 -0.30 10.89 -36.67
C LYS G 101 -1.74 10.97 -37.17
N SER G 102 -2.67 11.23 -36.26
CA SER G 102 -4.09 11.32 -36.63
C SER G 102 -4.38 12.49 -37.56
N ILE G 103 -3.62 13.57 -37.42
CA ILE G 103 -3.71 14.68 -38.35
C ILE G 103 -3.26 14.21 -39.72
N THR G 104 -2.14 13.49 -39.76
CA THR G 104 -1.62 12.97 -41.01
C THR G 104 -2.66 12.08 -41.66
N VAL G 105 -3.27 11.20 -40.88
CA VAL G 105 -4.29 10.29 -41.39
C VAL G 105 -5.52 11.04 -41.85
N GLN G 106 -5.94 12.04 -41.08
CA GLN G 106 -7.17 12.75 -41.38
C GLN G 106 -7.04 13.66 -42.59
N MET G 107 -5.82 14.05 -42.93
CA MET G 107 -5.57 14.84 -44.12
C MET G 107 -5.45 13.94 -45.35
N GLN G 108 -5.53 12.63 -45.14
CA GLN G 108 -5.35 11.66 -46.21
C GLN G 108 -3.97 11.80 -46.81
N LEU G 109 -2.97 11.95 -45.95
CA LEU G 109 -1.59 12.10 -46.38
C LEU G 109 -0.69 11.08 -45.68
N GLU G 110 -1.27 9.96 -45.28
CA GLU G 110 -0.50 8.94 -44.59
C GLU G 110 0.46 8.25 -45.55
N ASN G 111 0.00 8.03 -46.77
CA ASN G 111 0.83 7.39 -47.79
C ASN G 111 1.96 8.33 -48.21
N ALA G 112 1.62 9.59 -48.42
CA ALA G 112 2.58 10.58 -48.88
C ALA G 112 3.59 10.93 -47.80
N ALA G 113 3.35 10.45 -46.58
CA ALA G 113 4.24 10.70 -45.45
C ALA G 113 4.86 9.42 -44.96
N ASP G 114 4.53 8.31 -45.60
CA ASP G 114 5.01 7.00 -45.16
C ASP G 114 6.51 6.88 -45.33
N GLY G 115 7.18 6.45 -44.27
CA GLY G 115 8.62 6.23 -44.30
C GLY G 115 9.43 7.49 -44.45
N LYS G 116 9.28 8.40 -43.49
CA LYS G 116 10.03 9.65 -43.49
C LYS G 116 10.39 10.07 -42.07
N VAL G 117 11.61 10.58 -41.92
CA VAL G 117 12.10 11.02 -40.62
C VAL G 117 11.84 12.51 -40.45
N PHE G 118 11.58 12.91 -39.21
CA PHE G 118 11.38 14.32 -38.90
C PHE G 118 12.03 14.68 -37.57
N GLY G 119 12.76 15.80 -37.56
CA GLY G 119 13.47 16.23 -36.37
C GLY G 119 12.55 16.59 -35.23
N SER G 120 11.54 17.39 -35.53
CA SER G 120 10.57 17.83 -34.52
C SER G 120 9.16 17.82 -35.05
N PHE G 121 8.22 18.21 -34.19
CA PHE G 121 6.82 18.27 -34.56
C PHE G 121 6.64 19.28 -35.67
N ALA G 122 7.24 20.45 -35.48
CA ALA G 122 7.09 21.55 -36.42
C ALA G 122 7.52 21.12 -37.82
N GLU G 123 8.70 20.53 -37.91
CA GLU G 123 9.26 20.14 -39.19
C GLU G 123 8.37 19.12 -39.89
N ASN G 124 7.54 18.43 -39.10
CA ASN G 124 6.59 17.45 -39.62
C ASN G 124 5.31 18.11 -40.08
N LEU G 125 4.81 19.02 -39.26
CA LEU G 125 3.62 19.78 -39.61
C LEU G 125 3.88 20.59 -40.88
N ALA G 126 5.08 21.14 -41.00
CA ALA G 126 5.46 21.91 -42.17
C ALA G 126 5.35 21.05 -43.43
N PHE G 127 5.85 19.83 -43.35
CA PHE G 127 5.74 18.90 -44.46
C PHE G 127 4.28 18.61 -44.76
N LEU G 128 3.51 18.29 -43.72
CA LEU G 128 2.09 18.01 -43.89
C LEU G 128 1.38 19.15 -44.60
N LEU G 129 1.66 20.38 -44.18
CA LEU G 129 1.05 21.55 -44.79
C LEU G 129 1.60 21.77 -46.19
N GLN G 130 2.88 21.42 -46.39
CA GLN G 130 3.50 21.56 -47.70
C GLN G 130 2.82 20.62 -48.70
N CYS G 131 2.47 19.43 -48.26
CA CYS G 131 1.82 18.46 -49.14
C CYS G 131 0.49 18.97 -49.69
N LEU G 132 -0.09 19.97 -49.02
CA LEU G 132 -1.38 20.50 -49.45
C LEU G 132 -1.22 21.48 -50.62
N LYS G 133 -0.05 22.08 -50.73
CA LYS G 133 0.24 23.02 -51.82
C LYS G 133 0.65 22.27 -53.08
N SER G 139 -5.03 26.72 -53.21
CA SER G 139 -4.65 25.34 -52.93
C SER G 139 -5.72 24.64 -52.07
N LYS G 140 -5.41 24.40 -50.79
CA LYS G 140 -6.34 23.75 -49.88
C LYS G 140 -6.14 24.29 -48.47
N SER G 141 -7.13 24.11 -47.60
CA SER G 141 -7.08 24.62 -46.24
C SER G 141 -7.63 23.64 -45.22
N VAL G 142 -7.24 23.84 -43.96
CA VAL G 142 -7.56 22.90 -42.91
C VAL G 142 -8.36 23.58 -41.80
N ILE G 143 -9.31 22.85 -41.23
CA ILE G 143 -10.03 23.33 -40.05
C ILE G 143 -9.84 22.35 -38.90
N PHE G 144 -8.93 22.68 -37.99
CA PHE G 144 -8.67 21.85 -36.82
C PHE G 144 -9.71 22.10 -35.75
N ILE G 145 -10.28 21.03 -35.21
CA ILE G 145 -11.31 21.11 -34.20
C ILE G 145 -10.92 20.29 -32.98
N LEU G 146 -10.44 20.98 -31.94
CA LEU G 146 -9.94 20.31 -30.75
C LEU G 146 -10.98 20.33 -29.64
N GLU G 147 -11.56 19.17 -29.36
CA GLU G 147 -12.42 19.03 -28.19
C GLU G 147 -11.56 18.69 -26.99
N GLU G 148 -11.99 19.14 -25.81
CA GLU G 148 -11.20 19.02 -24.59
C GLU G 148 -9.86 19.71 -24.78
N PHE G 149 -9.92 21.02 -24.97
CA PHE G 149 -8.74 21.85 -25.20
C PHE G 149 -7.78 21.87 -24.00
N ASP G 150 -8.32 21.93 -22.79
CA ASP G 150 -7.48 21.93 -21.61
C ASP G 150 -6.56 20.70 -21.56
N LEU G 151 -7.08 19.56 -22.00
CA LEU G 151 -6.29 18.34 -22.01
C LEU G 151 -5.13 18.48 -22.99
N PHE G 152 -5.30 19.33 -23.99
CA PHE G 152 -4.22 19.64 -24.92
C PHE G 152 -3.28 20.65 -24.30
N CYS G 153 -3.84 21.53 -23.47
CA CYS G 153 -3.01 22.45 -22.70
C CYS G 153 -2.15 21.69 -21.72
N ALA G 154 -2.68 20.56 -21.25
CA ALA G 154 -1.95 19.73 -20.30
C ALA G 154 -0.72 19.05 -20.91
N HIS G 155 -0.66 18.97 -22.23
CA HIS G 155 0.43 18.25 -22.91
C HIS G 155 1.77 18.91 -22.67
N HIS G 156 2.83 18.17 -22.99
CA HIS G 156 4.18 18.66 -22.74
C HIS G 156 4.52 19.80 -23.68
N ASN G 157 4.96 20.91 -23.09
CA ASN G 157 5.36 22.10 -23.83
C ASN G 157 4.28 22.68 -24.73
N GLN G 158 3.09 22.07 -24.72
CA GLN G 158 1.99 22.53 -25.56
C GLN G 158 2.45 22.66 -27.01
N THR G 159 3.22 21.68 -27.45
CA THR G 159 3.81 21.72 -28.78
C THR G 159 2.76 21.87 -29.87
N LEU G 160 1.74 21.03 -29.83
CA LEU G 160 0.69 21.06 -30.83
C LEU G 160 0.05 22.45 -30.90
N LEU G 161 -0.36 22.97 -29.74
CA LEU G 161 -0.96 24.29 -29.68
C LEU G 161 0.01 25.36 -30.14
N TYR G 162 1.26 25.24 -29.70
CA TYR G 162 2.27 26.23 -30.06
C TYR G 162 2.40 26.30 -31.57
N ASN G 163 2.55 25.15 -32.22
CA ASN G 163 2.76 25.12 -33.66
C ASN G 163 1.52 25.50 -34.44
N LEU G 164 0.35 25.03 -34.01
CA LEU G 164 -0.89 25.41 -34.67
C LEU G 164 -1.12 26.92 -34.59
N PHE G 165 -1.01 27.47 -33.38
CA PHE G 165 -1.18 28.91 -33.20
C PHE G 165 -0.06 29.69 -33.87
N ASP G 166 1.15 29.11 -33.91
CA ASP G 166 2.27 29.76 -34.60
C ASP G 166 1.98 29.83 -36.08
N VAL G 167 1.41 28.76 -36.62
CA VAL G 167 0.99 28.75 -38.01
C VAL G 167 -0.19 29.71 -38.21
N SER G 168 -1.04 29.82 -37.19
CA SER G 168 -2.14 30.77 -37.21
C SER G 168 -1.65 32.21 -37.15
N GLN G 169 -0.57 32.44 -36.41
CA GLN G 169 -0.01 33.77 -36.24
C GLN G 169 0.86 34.17 -37.44
N SER G 170 1.72 33.24 -37.87
CA SER G 170 2.62 33.49 -38.98
C SER G 170 1.89 33.64 -40.30
N ALA G 171 0.60 33.30 -40.30
CA ALA G 171 -0.25 33.44 -41.48
C ALA G 171 0.23 32.57 -42.64
N GLN G 172 1.12 31.64 -42.35
CA GLN G 172 1.60 30.71 -43.37
C GLN G 172 0.63 29.54 -43.52
N ALA G 173 0.12 29.35 -44.73
CA ALA G 173 -0.90 28.33 -45.02
C ALA G 173 -2.23 28.63 -44.31
N PRO G 174 -3.34 28.20 -44.91
CA PRO G 174 -4.66 28.52 -44.36
C PRO G 174 -5.20 27.47 -43.40
N ILE G 175 -5.18 27.76 -42.09
CA ILE G 175 -5.71 26.83 -41.11
C ILE G 175 -6.46 27.58 -40.02
N CYS G 176 -7.52 26.96 -39.52
CA CYS G 176 -8.31 27.52 -38.43
C CYS G 176 -8.32 26.60 -37.23
N VAL G 177 -8.09 27.15 -36.03
CA VAL G 177 -8.06 26.36 -34.81
C VAL G 177 -9.29 26.65 -33.96
N LEU G 178 -10.25 25.73 -33.99
CA LEU G 178 -11.48 25.86 -33.20
C LEU G 178 -11.37 25.07 -31.91
N GLY G 179 -11.14 25.77 -30.81
CA GLY G 179 -11.05 25.13 -29.51
C GLY G 179 -12.40 25.01 -28.85
N VAL G 180 -12.60 23.95 -28.08
CA VAL G 180 -13.87 23.71 -27.41
C VAL G 180 -13.64 23.19 -26.01
N THR G 181 -14.11 23.93 -25.01
CA THR G 181 -13.94 23.48 -23.64
C THR G 181 -15.04 24.05 -22.74
N CYS G 182 -15.10 23.55 -21.51
CA CYS G 182 -16.06 24.03 -20.53
C CYS G 182 -15.36 24.80 -19.41
N ARG G 183 -14.06 25.02 -19.60
CA ARG G 183 -13.21 25.55 -18.56
C ARG G 183 -12.95 27.06 -18.75
N LEU G 184 -13.44 27.88 -17.84
CA LEU G 184 -13.33 29.32 -17.97
C LEU G 184 -11.89 29.82 -18.00
N ASP G 185 -11.05 29.28 -17.13
CA ASP G 185 -9.68 29.73 -17.02
C ASP G 185 -8.78 29.00 -18.00
N VAL G 186 -9.37 28.51 -19.08
CA VAL G 186 -8.61 27.78 -20.08
C VAL G 186 -7.49 28.65 -20.61
N ILE G 187 -7.77 29.94 -20.71
CA ILE G 187 -6.81 30.88 -21.24
C ILE G 187 -5.59 30.99 -20.33
N GLU G 188 -5.79 30.73 -19.04
CA GLU G 188 -4.72 30.84 -18.06
C GLU G 188 -3.83 29.61 -18.08
N LEU G 189 -4.28 28.56 -18.74
CA LEU G 189 -3.52 27.33 -18.86
C LEU G 189 -2.50 27.38 -19.99
N LEU G 190 -2.60 28.39 -20.84
CA LEU G 190 -1.69 28.53 -21.96
C LEU G 190 -0.34 29.10 -21.52
N GLU G 191 0.73 28.54 -22.08
CA GLU G 191 2.07 29.08 -21.84
C GLU G 191 2.20 30.42 -22.53
N LYS G 192 3.12 31.24 -22.06
CA LYS G 192 3.26 32.60 -22.57
C LYS G 192 3.47 32.61 -24.09
N ARG G 193 4.31 31.70 -24.57
CA ARG G 193 4.63 31.65 -26.00
C ARG G 193 3.43 31.24 -26.82
N VAL G 194 2.60 30.37 -26.25
CA VAL G 194 1.39 29.93 -26.92
C VAL G 194 0.32 31.02 -26.79
N LYS G 195 0.22 31.59 -25.60
CA LYS G 195 -0.80 32.59 -25.30
C LYS G 195 -0.55 33.85 -26.12
N SER G 196 0.72 34.11 -26.40
CA SER G 196 1.10 35.25 -27.23
C SER G 196 0.64 35.06 -28.68
N ARG G 197 0.79 33.83 -29.18
CA ARG G 197 0.43 33.51 -30.56
C ARG G 197 -1.07 33.23 -30.72
N PHE G 198 -1.80 33.28 -29.61
CA PHE G 198 -3.24 33.05 -29.63
C PHE G 198 -3.99 34.37 -29.58
N SER G 199 -5.06 34.47 -30.36
CA SER G 199 -5.86 35.69 -30.41
C SER G 199 -6.64 35.91 -29.12
N HIS G 200 -6.15 36.82 -28.28
CA HIS G 200 -6.80 37.11 -27.02
C HIS G 200 -8.15 37.78 -27.25
N ARG G 201 -9.07 37.55 -26.32
CA ARG G 201 -10.43 38.10 -26.41
C ARG G 201 -11.15 37.63 -27.66
N GLN G 202 -10.61 36.59 -28.30
CA GLN G 202 -11.26 35.96 -29.45
C GLN G 202 -12.09 34.78 -28.97
N VAL G 203 -12.06 34.54 -27.67
CA VAL G 203 -12.90 33.52 -27.05
C VAL G 203 -14.35 33.99 -26.99
N PHE G 204 -15.28 33.09 -27.29
CA PHE G 204 -16.71 33.38 -27.29
C PHE G 204 -17.45 32.43 -26.37
N LEU G 205 -18.17 33.00 -25.41
CA LEU G 205 -18.87 32.22 -24.41
C LEU G 205 -20.25 31.79 -24.90
N PHE G 206 -20.58 30.52 -24.70
CA PHE G 206 -21.88 29.97 -25.05
C PHE G 206 -22.87 30.22 -23.93
N PRO G 207 -23.93 31.00 -24.19
CA PRO G 207 -24.77 31.46 -23.07
C PRO G 207 -25.77 30.42 -22.56
N SER G 208 -26.06 29.40 -23.35
CA SER G 208 -27.06 28.41 -23.01
C SER G 208 -28.47 29.02 -22.93
N LEU G 209 -29.48 28.17 -22.79
CA LEU G 209 -30.87 28.63 -22.74
C LEU G 209 -31.36 28.87 -21.32
N ARG G 210 -31.08 30.07 -20.80
CA ARG G 210 -31.48 30.42 -19.44
C ARG G 210 -32.99 30.41 -19.31
N ARG G 211 -33.68 30.97 -20.28
CA ARG G 211 -35.13 31.08 -20.22
C ARG G 211 -35.79 29.70 -20.21
N PHE G 212 -36.87 29.58 -19.45
CA PHE G 212 -37.55 28.30 -19.29
C PHE G 212 -38.48 28.00 -20.46
N GLU G 213 -39.08 29.05 -21.00
CA GLU G 213 -39.98 28.90 -22.14
C GLU G 213 -39.23 28.27 -23.30
N ASP G 214 -37.97 28.65 -23.49
CA ASP G 214 -37.16 28.07 -24.53
C ASP G 214 -36.94 26.59 -24.25
N TYR G 215 -36.80 26.24 -22.98
CA TYR G 215 -36.61 24.86 -22.57
C TYR G 215 -37.85 24.04 -22.91
N VAL G 216 -39.00 24.54 -22.50
CA VAL G 216 -40.25 23.86 -22.81
C VAL G 216 -40.45 23.76 -24.31
N ASP G 217 -40.15 24.82 -25.04
CA ASP G 217 -40.28 24.81 -26.49
C ASP G 217 -39.34 23.80 -27.13
N LEU G 218 -38.12 23.70 -26.59
CA LEU G 218 -37.16 22.69 -27.06
C LEU G 218 -37.73 21.31 -26.85
N CYS G 219 -38.26 21.08 -25.66
CA CYS G 219 -38.88 19.81 -25.35
C CYS G 219 -40.01 19.49 -26.32
N ARG G 220 -40.88 20.47 -26.55
CA ARG G 220 -41.95 20.33 -27.53
C ARG G 220 -41.41 19.97 -28.91
N ASP G 221 -40.34 20.66 -29.33
CA ASP G 221 -39.73 20.38 -30.62
C ASP G 221 -39.18 18.97 -30.68
N LEU G 222 -38.51 18.55 -29.61
CA LEU G 222 -37.90 17.23 -29.56
C LEU G 222 -38.92 16.11 -29.51
N LEU G 223 -40.05 16.34 -28.86
CA LEU G 223 -41.11 15.34 -28.78
C LEU G 223 -42.07 15.33 -29.98
N SER G 224 -42.21 16.46 -30.66
CA SER G 224 -43.18 16.59 -31.74
C SER G 224 -42.65 16.05 -33.07
N LEU G 225 -43.55 15.84 -34.02
CA LEU G 225 -43.20 15.30 -35.34
C LEU G 225 -43.27 16.36 -36.43
N PRO G 226 -42.23 16.47 -37.26
CA PRO G 226 -42.20 17.50 -38.29
C PRO G 226 -42.87 17.08 -39.59
N THR G 227 -43.17 18.04 -40.45
CA THR G 227 -43.81 17.75 -41.73
C THR G 227 -42.93 16.87 -42.59
N GLY G 228 -43.54 16.17 -43.54
CA GLY G 228 -42.82 15.27 -44.40
C GLY G 228 -41.78 16.02 -45.22
N ASN G 229 -42.13 17.22 -45.61
CA ASN G 229 -41.23 18.04 -46.41
C ASN G 229 -39.98 18.40 -45.62
N SER G 230 -40.16 18.71 -44.34
CA SER G 230 -39.03 19.02 -43.48
C SER G 230 -38.09 17.83 -43.41
N LEU G 231 -38.65 16.66 -43.15
CA LEU G 231 -37.89 15.43 -43.10
C LEU G 231 -37.17 15.18 -44.42
N LEU G 232 -37.87 15.40 -45.52
CA LEU G 232 -37.27 15.24 -46.85
C LEU G 232 -36.08 16.18 -47.04
N LEU G 233 -36.27 17.45 -46.72
CA LEU G 233 -35.19 18.44 -46.86
C LEU G 233 -33.99 18.07 -45.99
N ALA G 234 -34.26 17.79 -44.73
CA ALA G 234 -33.20 17.39 -43.80
C ALA G 234 -32.45 16.18 -44.34
N ALA G 235 -33.21 15.18 -44.78
CA ALA G 235 -32.63 13.98 -45.36
C ALA G 235 -31.73 14.36 -46.52
N GLU G 236 -32.23 15.19 -47.43
CA GLU G 236 -31.45 15.63 -48.58
C GLU G 236 -30.14 16.27 -48.14
N LYS G 237 -30.22 17.19 -47.18
CA LYS G 237 -29.04 17.89 -46.69
C LYS G 237 -28.02 16.92 -46.09
N ILE G 238 -28.51 15.99 -45.29
CA ILE G 238 -27.63 14.98 -44.69
C ILE G 238 -26.97 14.13 -45.78
N TYR G 239 -27.76 13.69 -46.75
CA TYR G 239 -27.24 12.90 -47.84
C TYR G 239 -26.15 13.70 -48.56
N ASN G 240 -26.41 14.97 -48.81
CA ASN G 240 -25.41 15.84 -49.43
C ASN G 240 -24.16 15.91 -48.58
N LEU G 241 -24.34 15.97 -47.26
CA LEU G 241 -23.20 15.96 -46.34
C LEU G 241 -22.43 14.65 -46.40
N GLN G 242 -23.13 13.55 -46.56
CA GLN G 242 -22.49 12.23 -46.55
C GLN G 242 -21.63 11.97 -47.78
N ASN G 243 -21.83 12.75 -48.85
CA ASN G 243 -21.06 12.57 -50.08
C ASN G 243 -19.79 13.41 -50.14
N ILE G 244 -19.64 14.33 -49.20
CA ILE G 244 -18.47 15.21 -49.16
C ILE G 244 -17.24 14.47 -48.67
N GLN G 245 -16.10 14.75 -49.31
CA GLN G 245 -14.87 14.02 -49.05
C GLN G 245 -15.11 12.52 -49.26
N SER G 246 -14.39 11.68 -48.51
CA SER G 246 -14.61 10.24 -48.59
C SER G 246 -15.86 9.85 -47.79
N GLY G 247 -16.56 10.84 -47.26
CA GLY G 247 -17.75 10.58 -46.47
C GLY G 247 -17.38 10.24 -45.04
N ALA G 248 -16.24 10.74 -44.60
CA ALA G 248 -15.70 10.42 -43.29
C ALA G 248 -15.61 11.65 -42.41
N LEU G 249 -16.74 12.33 -42.23
CA LEU G 249 -16.84 13.42 -41.27
C LEU G 249 -17.48 12.91 -39.99
N TYR G 250 -17.11 13.50 -38.86
CA TYR G 250 -17.57 13.01 -37.56
C TYR G 250 -19.01 13.42 -37.24
N PHE G 251 -19.70 14.03 -38.18
CA PHE G 251 -21.11 14.37 -38.02
C PHE G 251 -21.90 13.93 -39.25
N SER G 252 -21.32 13.01 -40.01
CA SER G 252 -21.96 12.48 -41.20
C SER G 252 -22.24 11.00 -41.03
N ARG G 253 -21.30 10.30 -40.39
CA ARG G 253 -21.45 8.87 -40.19
C ARG G 253 -22.55 8.58 -39.19
N ASN G 254 -23.48 7.72 -39.59
CA ASN G 254 -24.57 7.30 -38.72
C ASN G 254 -25.37 8.49 -38.21
N HIS G 255 -25.85 9.32 -39.14
CA HIS G 255 -26.62 10.50 -38.80
C HIS G 255 -28.09 10.15 -38.62
N PHE G 256 -28.88 11.14 -38.23
CA PHE G 256 -30.30 10.97 -37.99
C PHE G 256 -30.99 10.24 -39.13
N ASP G 257 -30.76 10.73 -40.35
CA ASP G 257 -31.30 10.10 -41.55
C ASP G 257 -32.83 9.99 -41.49
N PRO G 258 -33.52 11.14 -41.49
CA PRO G 258 -34.97 11.18 -41.34
C PRO G 258 -35.73 10.69 -42.56
N GLY G 259 -35.00 10.33 -43.61
CA GLY G 259 -35.62 9.80 -44.81
C GLY G 259 -35.98 8.33 -44.66
N GLU G 260 -35.87 7.80 -43.45
CA GLU G 260 -36.18 6.41 -43.18
C GLU G 260 -37.54 6.28 -42.50
N TYR G 261 -38.07 7.41 -42.03
CA TYR G 261 -39.35 7.44 -41.35
C TYR G 261 -40.43 8.18 -42.14
N GLY G 262 -41.65 7.69 -42.06
CA GLY G 262 -42.77 8.31 -42.74
C GLY G 262 -44.02 8.23 -41.90
N PHE G 263 -44.59 9.39 -41.57
CA PHE G 263 -45.77 9.46 -40.72
C PHE G 263 -46.95 10.08 -41.45
N SER G 264 -48.10 9.44 -41.35
CA SER G 264 -49.32 9.94 -41.97
C SER G 264 -49.75 11.25 -41.32
N PRO G 265 -50.34 12.17 -42.11
CA PRO G 265 -50.82 13.46 -41.59
C PRO G 265 -51.66 13.35 -40.33
N ARG G 266 -52.59 12.40 -40.31
CA ARG G 266 -53.47 12.22 -39.17
C ARG G 266 -52.64 11.91 -37.93
N LEU G 267 -51.74 10.95 -38.05
CA LEU G 267 -50.89 10.53 -36.94
C LEU G 267 -50.08 11.70 -36.42
N ARG G 268 -49.50 12.47 -37.34
CA ARG G 268 -48.72 13.64 -36.99
C ARG G 268 -49.56 14.63 -36.20
N ASP G 269 -50.70 15.02 -36.76
CA ASP G 269 -51.57 16.00 -36.11
C ASP G 269 -51.99 15.53 -34.73
N ALA G 270 -52.44 14.28 -34.64
CA ALA G 270 -52.84 13.71 -33.36
C ALA G 270 -51.70 13.75 -32.35
N TRP G 271 -50.55 13.24 -32.75
CA TRP G 271 -49.39 13.20 -31.88
C TRP G 271 -49.02 14.59 -31.39
N ASN G 272 -48.74 15.49 -32.34
CA ASN G 272 -48.34 16.85 -31.98
C ASN G 272 -49.38 17.53 -31.10
N LYS G 273 -50.66 17.33 -31.42
CA LYS G 273 -51.74 17.86 -30.60
C LYS G 273 -51.64 17.34 -29.18
N GLN G 274 -51.43 16.04 -29.04
CA GLN G 274 -51.25 15.44 -27.74
C GLN G 274 -50.06 16.04 -27.00
N ILE G 275 -48.92 16.15 -27.68
CA ILE G 275 -47.74 16.75 -27.08
C ILE G 275 -48.01 18.15 -26.56
N CYS G 276 -48.62 18.98 -27.39
CA CYS G 276 -48.97 20.33 -26.97
C CYS G 276 -49.92 20.31 -25.79
N LYS G 277 -50.92 19.45 -25.86
CA LYS G 277 -51.87 19.31 -24.76
C LYS G 277 -51.15 18.94 -23.48
N VAL G 278 -50.19 18.03 -23.57
CA VAL G 278 -49.45 17.58 -22.41
C VAL G 278 -48.55 18.67 -21.85
N LEU G 279 -47.87 19.38 -22.73
CA LEU G 279 -47.01 20.48 -22.30
C LEU G 279 -47.81 21.71 -21.94
N ALA G 280 -49.08 21.73 -22.33
CA ALA G 280 -49.98 22.81 -21.93
C ALA G 280 -50.35 22.72 -20.45
N THR G 281 -50.36 21.50 -19.91
CA THR G 281 -50.76 21.29 -18.52
C THR G 281 -49.74 21.84 -17.55
N GLN G 282 -50.07 21.77 -16.27
CA GLN G 282 -49.26 22.38 -15.22
C GLN G 282 -48.19 21.42 -14.69
N GLN G 283 -48.58 20.17 -14.45
CA GLN G 283 -47.68 19.18 -13.87
C GLN G 283 -46.47 18.91 -14.77
N ALA G 284 -46.71 18.74 -16.06
CA ALA G 284 -45.63 18.56 -17.01
C ALA G 284 -44.70 19.76 -16.96
N ARG G 285 -45.30 20.94 -17.02
CA ARG G 285 -44.56 22.18 -16.99
C ARG G 285 -43.73 22.34 -15.71
N SER G 286 -44.28 21.89 -14.59
CA SER G 286 -43.56 21.94 -13.31
C SER G 286 -42.45 20.90 -13.26
N THR G 287 -42.68 19.74 -13.89
CA THR G 287 -41.62 18.76 -14.01
C THR G 287 -40.44 19.34 -14.79
N LEU G 288 -40.73 19.84 -15.99
CA LEU G 288 -39.72 20.53 -16.77
C LEU G 288 -39.14 21.69 -15.97
N GLN G 289 -39.96 22.35 -15.16
CA GLN G 289 -39.47 23.43 -14.31
C GLN G 289 -38.43 22.91 -13.33
N ALA G 290 -38.68 21.74 -12.77
CA ALA G 290 -37.71 21.12 -11.86
C ALA G 290 -36.42 20.77 -12.56
N LEU G 291 -36.53 20.09 -13.71
CA LEU G 291 -35.35 19.74 -14.47
C LEU G 291 -34.54 21.00 -14.79
N HIS G 292 -35.25 22.02 -15.25
CA HIS G 292 -34.64 23.28 -15.65
C HIS G 292 -33.98 23.96 -14.46
N ASP G 293 -34.64 23.91 -13.31
CA ASP G 293 -34.06 24.46 -12.10
C ASP G 293 -32.79 23.71 -11.80
N PHE G 294 -32.81 22.40 -11.98
CA PHE G 294 -31.65 21.61 -11.60
C PHE G 294 -30.46 21.83 -12.53
N ASP G 295 -30.55 21.39 -13.79
CA ASP G 295 -29.36 21.30 -14.63
C ASP G 295 -29.34 22.14 -15.91
N ILE G 296 -30.52 22.57 -16.34
CA ILE G 296 -30.70 23.49 -17.47
C ILE G 296 -29.84 23.18 -18.69
N SER G 297 -29.51 21.90 -18.88
CA SER G 297 -28.65 21.48 -19.98
C SER G 297 -29.49 20.68 -20.94
N GLU G 298 -29.03 20.60 -22.17
CA GLU G 298 -29.78 19.92 -23.21
C GLU G 298 -29.70 18.42 -23.00
N ALA G 299 -28.54 17.94 -22.56
CA ALA G 299 -28.33 16.51 -22.36
C ALA G 299 -29.28 15.93 -21.33
N TYR G 300 -29.47 16.65 -20.23
CA TYR G 300 -30.39 16.26 -19.17
C TYR G 300 -31.79 16.09 -19.72
N LEU G 301 -32.23 17.09 -20.48
CA LEU G 301 -33.52 17.05 -21.13
C LEU G 301 -33.64 15.88 -22.08
N LYS G 302 -32.61 15.67 -22.90
CA LYS G 302 -32.62 14.58 -23.86
C LYS G 302 -32.57 13.22 -23.16
N ASN G 303 -31.94 13.18 -21.98
CA ASN G 303 -31.96 11.99 -21.15
C ASN G 303 -33.38 11.70 -20.65
N PHE G 304 -33.96 12.68 -19.96
CA PHE G 304 -35.33 12.58 -19.49
C PHE G 304 -36.28 12.20 -20.62
N LEU G 305 -36.12 12.83 -21.77
CA LEU G 305 -36.98 12.56 -22.91
C LEU G 305 -36.71 11.20 -23.51
N PHE G 306 -35.45 10.77 -23.52
CA PHE G 306 -35.14 9.44 -24.05
C PHE G 306 -35.80 8.41 -23.16
N ARG G 307 -35.68 8.60 -21.85
CA ARG G 307 -36.33 7.70 -20.90
C ARG G 307 -37.84 7.72 -21.06
N LEU G 308 -38.39 8.91 -21.25
CA LEU G 308 -39.82 9.08 -21.45
C LEU G 308 -40.31 8.43 -22.73
N VAL G 309 -39.51 8.52 -23.78
CA VAL G 309 -39.88 7.97 -25.08
C VAL G 309 -39.71 6.46 -25.06
N ALA G 310 -38.65 6.01 -24.39
CA ALA G 310 -38.34 4.59 -24.33
C ALA G 310 -39.44 3.81 -23.65
N HIS G 311 -40.19 4.47 -22.77
CA HIS G 311 -41.25 3.82 -22.01
C HIS G 311 -42.58 3.82 -22.75
N LEU G 312 -42.56 4.23 -24.01
CA LEU G 312 -43.74 4.15 -24.86
C LEU G 312 -43.93 2.73 -25.32
N ARG G 313 -45.12 2.19 -25.09
CA ARG G 313 -45.42 0.81 -25.47
C ARG G 313 -46.84 0.76 -26.03
N PRO G 314 -47.17 -0.30 -26.78
CA PRO G 314 -48.54 -0.44 -27.28
C PRO G 314 -49.58 -0.52 -26.16
N GLN G 315 -49.13 -0.85 -24.95
CA GLN G 315 -50.01 -0.85 -23.79
C GLN G 315 -50.44 0.56 -23.44
N SER G 316 -49.48 1.49 -23.49
CA SER G 316 -49.72 2.90 -23.20
C SER G 316 -49.11 3.77 -24.30
N PRO G 317 -49.72 3.76 -25.50
CA PRO G 317 -49.18 4.47 -26.66
C PRO G 317 -49.18 5.98 -26.52
N HIS G 318 -49.97 6.48 -25.57
CA HIS G 318 -50.10 7.91 -25.38
C HIS G 318 -49.08 8.42 -24.37
N ILE G 319 -48.30 9.42 -24.79
CA ILE G 319 -47.41 10.14 -23.88
C ILE G 319 -48.24 11.12 -23.07
N THR G 320 -48.07 11.10 -21.76
CA THR G 320 -48.88 11.91 -20.84
C THR G 320 -48.04 12.56 -19.76
N ALA G 321 -48.63 13.51 -19.05
CA ALA G 321 -47.92 14.25 -18.04
C ALA G 321 -47.53 13.38 -16.85
N GLU G 322 -48.36 12.38 -16.56
CA GLU G 322 -48.09 11.46 -15.47
C GLU G 322 -46.76 10.75 -15.69
N LYS G 323 -46.49 10.38 -16.94
CA LYS G 323 -45.24 9.73 -17.28
C LYS G 323 -44.07 10.68 -17.04
N MET G 324 -44.24 11.93 -17.46
CA MET G 324 -43.20 12.94 -17.27
C MET G 324 -42.92 13.12 -15.79
N ALA G 325 -43.98 13.20 -14.99
CA ALA G 325 -43.84 13.34 -13.55
C ALA G 325 -43.24 12.08 -12.95
N ALA G 326 -43.56 10.93 -13.55
CA ALA G 326 -43.02 9.67 -13.07
C ALA G 326 -41.51 9.62 -13.27
N VAL G 327 -41.07 9.82 -14.50
CA VAL G 327 -39.64 9.83 -14.80
C VAL G 327 -38.93 10.93 -14.00
N GLY G 328 -39.56 12.09 -13.92
CA GLY G 328 -39.06 13.15 -13.07
C GLY G 328 -38.85 12.67 -11.65
N SER G 329 -39.84 11.96 -11.12
CA SER G 329 -39.71 11.41 -9.78
C SER G 329 -38.56 10.42 -9.74
N GLN G 330 -38.41 9.63 -10.80
CA GLN G 330 -37.29 8.68 -10.88
C GLN G 330 -35.96 9.41 -10.92
N PHE G 331 -35.98 10.62 -11.47
CA PHE G 331 -34.78 11.46 -11.51
C PHE G 331 -34.49 12.08 -10.15
N GLU G 332 -35.53 12.56 -9.47
CA GLU G 332 -35.35 13.23 -8.19
C GLU G 332 -35.00 12.27 -7.06
N GLY G 333 -35.10 10.98 -7.32
CA GLY G 333 -34.90 9.97 -6.29
C GLY G 333 -33.50 10.00 -5.69
N ASP G 334 -33.33 9.28 -4.59
CA ASP G 334 -32.03 9.11 -3.95
C ASP G 334 -31.61 7.65 -4.03
N ASP G 335 -30.41 7.42 -4.54
CA ASP G 335 -29.92 6.06 -4.74
C ASP G 335 -29.42 5.45 -3.44
N LYS G 336 -28.77 6.28 -2.63
CA LYS G 336 -28.14 5.80 -1.41
C LYS G 336 -29.18 5.28 -0.42
N ILE G 337 -30.33 5.95 -0.35
CA ILE G 337 -31.41 5.52 0.52
C ILE G 337 -32.02 4.21 0.04
N GLU G 338 -32.08 4.05 -1.28
CA GLU G 338 -32.53 2.79 -1.86
C GLU G 338 -31.57 1.68 -1.47
N LEU G 339 -30.29 1.91 -1.70
CA LEU G 339 -29.29 0.93 -1.34
C LEU G 339 -29.35 0.63 0.16
N LEU G 340 -29.54 1.65 0.98
CA LEU G 340 -29.66 1.46 2.43
C LEU G 340 -30.84 0.55 2.73
N CYS G 341 -31.99 0.82 2.12
CA CYS G 341 -33.15 -0.06 2.26
C CYS G 341 -32.81 -1.46 1.80
N GLY G 342 -31.93 -1.56 0.80
CA GLY G 342 -31.49 -2.85 0.32
C GLY G 342 -30.72 -3.67 1.34
N LEU G 343 -30.16 -3.01 2.35
CA LEU G 343 -29.31 -3.69 3.33
C LEU G 343 -30.08 -4.69 4.16
N SER G 344 -29.35 -5.42 5.01
CA SER G 344 -29.96 -6.34 5.95
C SER G 344 -30.22 -5.65 7.27
N VAL G 345 -30.71 -6.39 8.26
CA VAL G 345 -31.05 -5.79 9.55
C VAL G 345 -29.81 -5.45 10.35
N LEU G 346 -28.90 -6.42 10.47
CA LEU G 346 -27.70 -6.25 11.26
C LEU G 346 -26.89 -5.06 10.79
N GLU G 347 -26.70 -4.98 9.48
CA GLU G 347 -25.98 -3.87 8.88
C GLU G 347 -26.62 -2.54 9.27
N LEU G 348 -27.94 -2.49 9.18
CA LEU G 348 -28.67 -1.28 9.51
C LEU G 348 -28.53 -0.98 10.99
N CYS G 349 -28.48 -2.02 11.81
CA CYS G 349 -28.27 -1.84 13.24
C CYS G 349 -26.89 -1.25 13.51
N LEU G 350 -25.90 -1.72 12.74
CA LEU G 350 -24.57 -1.12 12.81
C LEU G 350 -24.66 0.35 12.43
N ILE G 351 -25.33 0.66 11.32
CA ILE G 351 -25.52 2.05 10.93
C ILE G 351 -26.15 2.86 12.05
N ILE G 352 -27.19 2.31 12.69
CA ILE G 352 -27.82 2.99 13.81
C ILE G 352 -26.83 3.25 14.93
N ALA G 353 -26.05 2.23 15.27
CA ALA G 353 -25.02 2.38 16.29
C ALA G 353 -24.08 3.53 15.92
N ILE G 354 -23.65 3.54 14.66
CA ILE G 354 -22.76 4.59 14.19
C ILE G 354 -23.46 5.95 14.25
N LYS G 355 -24.75 5.98 13.97
CA LYS G 355 -25.51 7.21 14.04
C LYS G 355 -25.54 7.73 15.47
N HIS G 356 -25.79 6.83 16.42
CA HIS G 356 -25.77 7.20 17.83
C HIS G 356 -24.40 7.75 18.20
N HIS G 357 -23.37 6.98 17.87
CA HIS G 357 -22.01 7.39 18.16
C HIS G 357 -21.68 8.74 17.53
N SER G 358 -22.16 8.96 16.31
CA SER G 358 -21.87 10.20 15.61
C SER G 358 -22.67 11.37 16.15
N GLN G 359 -23.89 11.10 16.60
CA GLN G 359 -24.73 12.14 17.18
C GLN G 359 -24.23 12.56 18.55
N ILE G 360 -23.85 11.59 19.36
CA ILE G 360 -23.39 11.87 20.71
C ILE G 360 -22.04 12.57 20.73
N TYR G 361 -21.10 12.09 19.92
CA TYR G 361 -19.74 12.57 19.94
C TYR G 361 -19.44 13.53 18.79
N ASP G 362 -20.48 14.08 18.17
CA ASP G 362 -20.33 15.12 17.15
C ASP G 362 -19.42 14.64 15.99
N ARG G 363 -19.77 13.49 15.42
CA ARG G 363 -19.12 12.96 14.23
C ARG G 363 -17.69 12.51 14.46
N ASP G 364 -17.34 12.19 15.71
CA ASP G 364 -16.03 11.62 15.97
C ASP G 364 -15.88 10.31 15.20
N SER G 365 -14.66 10.04 14.75
CA SER G 365 -14.39 8.80 14.04
C SER G 365 -14.74 7.62 14.92
N PHE G 366 -15.16 6.52 14.30
CA PHE G 366 -15.54 5.33 15.03
C PHE G 366 -14.70 4.12 14.68
N ASN G 367 -14.63 3.20 15.63
CA ASN G 367 -13.86 1.98 15.49
C ASN G 367 -14.81 0.80 15.69
N PHE G 368 -14.63 -0.26 14.91
CA PHE G 368 -15.49 -1.44 14.99
C PHE G 368 -15.85 -1.86 16.39
N GLU G 369 -14.91 -1.76 17.32
CA GLU G 369 -15.15 -2.17 18.68
C GLU G 369 -16.28 -1.37 19.33
N ILE G 370 -16.34 -0.06 19.08
CA ILE G 370 -17.39 0.76 19.67
C ILE G 370 -18.75 0.36 19.12
N ILE G 371 -18.83 0.23 17.81
CA ILE G 371 -20.08 -0.14 17.17
C ILE G 371 -20.51 -1.52 17.62
N TYR G 372 -19.54 -2.42 17.76
CA TYR G 372 -19.82 -3.78 18.19
C TYR G 372 -20.28 -3.75 19.65
N ALA G 373 -19.68 -2.86 20.43
CA ALA G 373 -20.07 -2.70 21.82
C ALA G 373 -21.52 -2.24 21.92
N ARG G 374 -21.87 -1.20 21.16
CA ARG G 374 -23.25 -0.71 21.16
C ARG G 374 -24.23 -1.75 20.66
N PHE G 375 -23.92 -2.35 19.51
CA PHE G 375 -24.77 -3.39 18.95
C PHE G 375 -24.91 -4.57 19.91
N SER G 376 -23.83 -4.87 20.63
CA SER G 376 -23.88 -5.93 21.63
C SER G 376 -24.82 -5.51 22.75
N LYS G 377 -24.65 -4.28 23.23
CA LYS G 377 -25.51 -3.74 24.28
C LYS G 377 -26.97 -3.80 23.86
N PHE G 378 -27.23 -3.60 22.57
CA PHE G 378 -28.60 -3.78 22.06
C PHE G 378 -28.95 -5.24 21.90
N ALA G 379 -27.96 -6.05 21.52
CA ALA G 379 -28.21 -7.45 21.19
C ALA G 379 -28.59 -8.26 22.42
N LYS G 380 -27.84 -8.09 23.50
CA LYS G 380 -28.05 -8.86 24.72
C LYS G 380 -29.47 -8.71 25.27
N VAL G 381 -30.16 -7.64 24.89
CA VAL G 381 -31.51 -7.37 25.36
C VAL G 381 -32.50 -7.37 24.20
N SER G 382 -32.13 -8.01 23.11
CA SER G 382 -32.99 -8.08 21.93
C SER G 382 -33.66 -9.45 21.82
N THR G 383 -34.80 -9.48 21.14
CA THR G 383 -35.51 -10.71 20.88
C THR G 383 -35.03 -11.36 19.59
N THR G 384 -34.66 -10.52 18.63
CA THR G 384 -34.28 -10.98 17.29
C THR G 384 -32.77 -11.08 17.13
N MET G 385 -32.05 -10.06 17.59
CA MET G 385 -30.60 -10.01 17.41
C MET G 385 -29.86 -10.77 18.49
N GLN G 386 -30.53 -11.74 19.10
CA GLN G 386 -29.91 -12.58 20.10
C GLN G 386 -29.13 -13.71 19.42
N ALA G 387 -28.08 -14.19 20.08
CA ALA G 387 -27.32 -15.34 19.62
C ALA G 387 -26.68 -15.11 18.26
N VAL G 388 -26.41 -13.84 17.95
CA VAL G 388 -25.69 -13.48 16.73
C VAL G 388 -24.59 -12.48 17.07
N GLU G 389 -23.35 -12.93 17.04
CA GLU G 389 -22.25 -12.12 17.57
C GLU G 389 -20.94 -12.24 16.80
N ARG G 390 -20.27 -11.10 16.69
CA ARG G 390 -18.85 -10.99 16.33
C ARG G 390 -18.50 -11.21 14.86
N SER G 391 -18.52 -12.46 14.41
CA SER G 391 -18.05 -12.77 13.06
C SER G 391 -18.95 -12.09 12.04
N ILE G 392 -20.24 -12.38 12.12
CA ILE G 392 -21.22 -11.79 11.22
C ILE G 392 -21.19 -10.27 11.30
N VAL G 393 -21.08 -9.75 12.50
CA VAL G 393 -21.00 -8.30 12.70
C VAL G 393 -19.80 -7.75 11.94
N LEU G 394 -18.68 -8.45 12.03
CA LEU G 394 -17.46 -8.04 11.34
C LEU G 394 -17.65 -8.10 9.82
N LYS G 395 -18.30 -9.17 9.35
CA LYS G 395 -18.64 -9.26 7.94
C LYS G 395 -19.51 -8.08 7.51
N ALA G 396 -20.51 -7.76 8.30
CA ALA G 396 -21.41 -6.65 7.99
C ALA G 396 -20.65 -5.33 7.95
N PHE G 397 -19.76 -5.15 8.91
CA PHE G 397 -18.89 -3.98 8.94
C PHE G 397 -18.08 -3.88 7.67
N GLU G 398 -17.41 -4.97 7.31
CA GLU G 398 -16.65 -5.01 6.06
C GLU G 398 -17.54 -4.65 4.88
N HIS G 399 -18.73 -5.24 4.83
CA HIS G 399 -19.67 -4.96 3.76
C HIS G 399 -19.99 -3.49 3.68
N LEU G 400 -20.21 -2.88 4.84
CA LEU G 400 -20.44 -1.44 4.88
C LEU G 400 -19.21 -0.69 4.38
N ARG G 401 -18.02 -1.16 4.73
CA ARG G 401 -16.80 -0.51 4.28
C ARG G 401 -16.64 -0.59 2.76
N ILE G 402 -16.91 -1.76 2.19
CA ILE G 402 -16.76 -1.96 0.75
C ILE G 402 -17.76 -1.14 -0.05
N ALA G 403 -18.98 -1.02 0.48
CA ALA G 403 -20.02 -0.23 -0.17
C ALA G 403 -19.79 1.26 0.00
N GLU G 404 -18.70 1.61 0.66
CA GLU G 404 -18.33 3.00 0.91
C GLU G 404 -19.44 3.77 1.62
N LEU G 405 -20.33 3.07 2.30
CA LEU G 405 -21.24 3.69 3.25
C LEU G 405 -20.41 4.19 4.41
N ILE G 406 -19.27 3.54 4.60
CA ILE G 406 -18.28 3.98 5.55
C ILE G 406 -16.94 4.30 4.87
N MET G 407 -16.52 5.56 4.97
CA MET G 407 -15.24 5.99 4.40
C MET G 407 -14.19 5.81 5.49
N PRO G 408 -12.93 5.45 5.12
CA PRO G 408 -11.81 5.51 6.06
C PRO G 408 -10.84 6.68 5.88
N LEU G 409 -10.53 7.38 6.97
CA LEU G 409 -9.64 8.53 6.91
C LEU G 409 -8.17 8.15 7.04
N THR G 410 -7.38 8.63 6.08
CA THR G 410 -5.94 8.43 6.12
C THR G 410 -5.23 9.57 5.41
N LYS G 419 0.54 -1.21 8.00
CA LYS G 419 -0.78 -1.81 8.00
C LYS G 419 -1.43 -1.73 9.38
N VAL G 420 -2.66 -1.22 9.41
CA VAL G 420 -3.41 -1.09 10.66
C VAL G 420 -4.36 -2.27 10.81
N GLN G 421 -4.74 -2.58 12.04
CA GLN G 421 -5.59 -3.73 12.32
C GLN G 421 -6.97 -3.54 11.71
N LYS G 422 -7.53 -4.64 11.19
CA LYS G 422 -8.87 -4.61 10.62
C LYS G 422 -9.86 -4.13 11.66
N GLU G 423 -9.78 -4.69 12.87
CA GLU G 423 -10.74 -4.40 13.92
C GLU G 423 -10.60 -2.98 14.47
N PHE G 424 -9.39 -2.44 14.35
CA PHE G 424 -9.02 -1.18 14.99
C PHE G 424 -8.83 -0.03 14.00
N GLU G 425 -9.58 -0.05 12.92
CA GLU G 425 -9.47 0.99 11.91
C GLU G 425 -10.48 2.08 12.19
N MET G 426 -10.03 3.32 12.14
CA MET G 426 -10.87 4.47 12.42
C MET G 426 -11.54 4.96 11.15
N HIS G 427 -12.83 5.25 11.24
CA HIS G 427 -13.65 5.53 10.06
C HIS G 427 -14.49 6.79 10.21
N LYS G 428 -14.98 7.26 9.05
CA LYS G 428 -15.90 8.37 8.94
C LYS G 428 -17.16 7.81 8.26
N LEU G 429 -18.34 8.28 8.60
CA LEU G 429 -19.55 7.74 8.00
C LEU G 429 -20.12 8.66 6.92
N ALA G 430 -20.50 8.07 5.79
CA ALA G 430 -20.81 8.83 4.60
C ALA G 430 -22.29 8.85 4.31
N LEU G 431 -23.09 9.08 5.35
CA LEU G 431 -24.52 9.26 5.19
C LEU G 431 -25.02 10.46 5.98
N THR G 432 -26.21 10.94 5.63
CA THR G 432 -26.82 12.07 6.31
C THR G 432 -27.98 11.55 7.13
N TYR G 433 -28.08 12.02 8.37
CA TYR G 433 -29.09 11.55 9.31
C TYR G 433 -30.49 11.47 8.68
N SER G 434 -30.82 12.46 7.87
CA SER G 434 -32.10 12.47 7.18
C SER G 434 -32.24 11.24 6.30
N GLN G 435 -31.14 10.81 5.67
CA GLN G 435 -31.18 9.64 4.80
C GLN G 435 -31.47 8.39 5.61
N ILE G 436 -30.79 8.25 6.74
CA ILE G 436 -31.04 7.10 7.61
C ILE G 436 -32.47 7.15 8.13
N HIS G 437 -32.96 8.33 8.48
CA HIS G 437 -34.32 8.46 8.98
C HIS G 437 -35.31 8.03 7.90
N HIS G 438 -35.13 8.54 6.69
CA HIS G 438 -36.00 8.17 5.58
C HIS G 438 -35.88 6.67 5.34
N CYS G 439 -34.68 6.13 5.52
CA CYS G 439 -34.47 4.71 5.40
C CYS G 439 -35.35 3.97 6.40
N MET G 440 -35.27 4.36 7.67
CA MET G 440 -36.07 3.73 8.70
C MET G 440 -37.54 3.79 8.29
N GLN G 441 -37.98 4.98 7.91
CA GLN G 441 -39.37 5.17 7.50
C GLN G 441 -39.72 4.31 6.29
N ARG G 442 -38.76 4.12 5.39
CA ARG G 442 -39.02 3.44 4.12
C ARG G 442 -38.74 1.95 4.16
N TYR G 443 -37.84 1.53 5.06
CA TYR G 443 -37.41 0.13 5.11
C TYR G 443 -38.55 -0.79 5.54
N GLN G 444 -38.75 -1.86 4.78
CA GLN G 444 -39.67 -2.92 5.18
C GLN G 444 -38.87 -4.23 5.35
N ALA G 445 -39.09 -5.00 6.42
CA ALA G 445 -39.99 -4.69 7.54
C ALA G 445 -39.19 -4.73 8.83
N LEU G 446 -39.10 -3.59 9.50
CA LEU G 446 -38.37 -3.48 10.75
C LEU G 446 -38.99 -4.35 11.83
N PRO G 447 -38.16 -4.96 12.69
CA PRO G 447 -38.68 -5.81 13.76
C PRO G 447 -39.10 -5.04 15.01
N THR G 448 -39.40 -3.74 14.85
CA THR G 448 -39.89 -2.87 15.92
C THR G 448 -38.85 -2.54 16.98
N GLU G 449 -38.03 -3.51 17.37
CA GLU G 449 -36.98 -3.25 18.33
C GLU G 449 -35.95 -2.27 17.79
N VAL G 450 -35.63 -2.44 16.51
CA VAL G 450 -34.65 -1.58 15.85
C VAL G 450 -35.16 -0.14 15.79
N ALA G 451 -36.44 0.02 15.49
CA ALA G 451 -37.05 1.33 15.47
C ALA G 451 -36.82 2.02 16.81
N GLN G 452 -37.31 1.42 17.89
CA GLN G 452 -37.14 1.96 19.23
C GLN G 452 -35.66 2.19 19.54
N TRP G 453 -34.83 1.25 19.10
CA TRP G 453 -33.38 1.34 19.32
C TRP G 453 -32.84 2.56 18.59
N ALA G 454 -33.46 2.91 17.46
CA ALA G 454 -33.07 4.09 16.70
C ALA G 454 -33.93 5.30 17.01
N GLN G 455 -35.04 5.08 17.72
CA GLN G 455 -36.03 6.14 17.96
C GLN G 455 -35.51 7.21 18.91
N SER G 456 -34.92 6.79 20.02
CA SER G 456 -34.43 7.74 21.01
C SER G 456 -33.39 7.12 21.93
N SER G 457 -32.90 7.92 22.87
CA SER G 457 -31.90 7.49 23.85
C SER G 457 -30.62 7.00 23.17
#